data_8Q5D
#
_entry.id   8Q5D
#
_cell.length_a   82.464
_cell.length_b   140.414
_cell.length_c   83.616
_cell.angle_alpha   90.000
_cell.angle_beta   112.740
_cell.angle_gamma   90.000
#
_symmetry.space_group_name_H-M   'P 1 21 1'
#
loop_
_entity.id
_entity.type
_entity.pdbx_description
1 polymer 'Reticulocyte-binding protein homolog 5'
2 polymer 'Monoclonal antibody MAD10-466 heavy chain'
3 polymer 'Monoclonal antibody MAD10-466 light chain'
#
loop_
_entity_poly.entity_id
_entity_poly.type
_entity_poly.pdbx_seq_one_letter_code
_entity_poly.pdbx_strand_id
1 'polypeptide(L)'
;KNVNFLQYHFKELSNYNIANSIDILQEKEGHLDFVIIPHYTFLDYYKHLSYNSIYHKSSTYGKYIAVDAFIKKINEAYDK
VKSKCNDIKNDLIATIKKLEHPYDINNKNRAFKKMMDEYNTKKKKLIKCIKNHENDFNKICMDMKNYGTNLFEQLSCYNN
NFCNTNGIRYHYDEYIHKLILSVKSKNLNKDLSDMTNILQQSELLLTNLNKKMGSYIYIDTIKFIHKEMKHIFNRIEYHT
KIINDKTKIIQDKIKLNIWRTFQKDELLKRILDMSNEYSLFITSDHLRQMLYNTFYSKEKHLNNIFHHLIYVLQMKFNDV
PIKMEYFQTYKKNKPLTQ
;
A,D
2 'polypeptide(L)'
;QVQLVQSGAEVKKPGSSVKVSCKVSGGTFRSYAINWVRQAPGQGLEWMGRIIPIFGTANYAQKFQGRVTITADESTSTAY
MELSSLRSEDTAVYYCARHGYSSGLDIWGQGTMVTVSSASTKGPSVFPLAPSSKSTSGGTAALGCLVKDYFPEPVTVSWN
SGALTSGVHTFPAVLQSSGLYSLSSVVTVPSSSLGTQTYICNVNHKPSNTKVDKKVEPKSC
;
B,E
3 'polypeptide(L)'
;DIQMTQSPSSLSASVGDRVTITCQASQDIRDSLNWYQHKPGKAPNLLISDASNLETGVPSRFSGSGSGTHFTFTISSLQP
EDIATYYCQHYDNLPSYTFGQGTKLEIKRTVAAPSVFIFPPSDEQLKSGTASVVCLLNNFYPREAKVQWKVDNALQSGNS
QESVTEQDSKDSTYSLSSTLTLSKADYEKHKVYACEVTHQGLSSPVTKSFNRGEC
;
C,F
#
# COMPACT_ATOMS: atom_id res chain seq x y z
N ILE A 18 -3.12 6.80 49.00
CA ILE A 18 -1.74 7.07 48.60
C ILE A 18 -0.77 5.98 49.09
N ALA A 19 -1.11 5.30 50.21
CA ALA A 19 -0.26 4.26 50.81
C ALA A 19 -0.17 2.94 50.03
N ASN A 20 -1.09 2.69 49.10
CA ASN A 20 -1.08 1.44 48.32
C ASN A 20 -0.75 1.71 46.85
N SER A 21 0.13 2.69 46.59
CA SER A 21 0.54 3.07 45.25
C SER A 21 2.07 3.19 45.12
N ILE A 22 2.82 2.44 45.93
CA ILE A 22 4.27 2.47 45.88
C ILE A 22 4.76 1.07 45.55
N ASP A 23 5.69 0.96 44.59
CA ASP A 23 6.22 -0.35 44.22
C ASP A 23 7.68 -0.48 44.62
N ILE A 24 8.04 -1.62 45.21
CA ILE A 24 9.40 -1.88 45.65
C ILE A 24 10.11 -2.79 44.64
N LEU A 25 11.36 -2.43 44.27
CA LEU A 25 12.15 -3.16 43.29
C LEU A 25 13.49 -3.63 43.86
N GLN A 26 13.81 -4.93 43.75
CA GLN A 26 15.09 -5.50 44.20
C GLN A 26 15.74 -6.22 43.01
N GLU A 27 16.18 -5.46 42.00
CA GLU A 27 16.77 -5.99 40.76
C GLU A 27 18.07 -6.79 40.93
N LYS A 28 18.92 -6.37 41.86
CA LYS A 28 20.17 -7.07 42.13
C LYS A 28 20.14 -7.57 43.57
N GLU A 29 20.77 -8.72 43.85
CA GLU A 29 20.80 -9.27 45.20
C GLU A 29 21.66 -8.32 46.07
N GLY A 30 20.94 -7.50 46.82
CA GLY A 30 21.47 -6.43 47.65
C GLY A 30 20.96 -5.08 47.15
N HIS A 31 19.69 -5.04 46.69
CA HIS A 31 19.09 -3.81 46.18
C HIS A 31 17.66 -3.57 46.65
N LEU A 32 17.20 -2.31 46.56
CA LEU A 32 15.88 -1.87 46.96
C LEU A 32 15.62 -0.49 46.37
N ASP A 33 14.42 -0.28 45.83
CA ASP A 33 14.03 1.03 45.34
C ASP A 33 12.53 1.17 45.29
N PHE A 34 12.02 2.27 45.84
CA PHE A 34 10.59 2.53 45.83
C PHE A 34 10.26 3.46 44.68
N VAL A 35 9.12 3.22 44.05
CA VAL A 35 8.66 4.06 42.96
C VAL A 35 7.27 4.52 43.31
N ILE A 36 7.08 5.83 43.48
CA ILE A 36 5.76 6.35 43.79
C ILE A 36 5.07 6.48 42.45
N ILE A 37 4.21 5.50 42.14
CA ILE A 37 3.48 5.39 40.89
C ILE A 37 2.76 6.69 40.48
N PRO A 38 1.97 7.35 41.35
CA PRO A 38 1.31 8.60 40.91
C PRO A 38 2.30 9.73 40.65
N HIS A 39 3.36 9.82 41.46
CA HIS A 39 4.39 10.85 41.28
C HIS A 39 5.07 10.68 39.93
N TYR A 40 5.47 9.43 39.60
CA TYR A 40 6.17 9.14 38.35
C TYR A 40 5.26 9.37 37.14
N THR A 41 3.98 9.04 37.27
CA THR A 41 3.03 9.24 36.17
C THR A 41 2.85 10.74 35.94
N PHE A 42 2.67 11.50 37.03
CA PHE A 42 2.46 12.94 37.02
C PHE A 42 3.65 13.71 36.44
N LEU A 43 4.87 13.39 36.90
CA LEU A 43 6.06 14.08 36.40
C LEU A 43 6.33 13.78 34.93
N ASP A 44 5.91 12.59 34.47
CA ASP A 44 6.04 12.17 33.08
C ASP A 44 5.00 12.87 32.21
N TYR A 45 3.79 13.09 32.75
CA TYR A 45 2.71 13.78 32.05
C TYR A 45 3.14 15.18 31.65
N TYR A 46 3.82 15.88 32.55
CA TYR A 46 4.30 17.22 32.27
C TYR A 46 5.63 17.27 31.51
N LYS A 47 6.31 16.13 31.37
CA LYS A 47 7.52 16.06 30.57
C LYS A 47 7.07 16.11 29.10
N HIS A 48 6.04 15.33 28.75
CA HIS A 48 5.48 15.31 27.41
C HIS A 48 4.79 16.63 27.07
N LEU A 49 4.13 17.25 28.04
CA LEU A 49 3.46 18.52 27.81
C LEU A 49 4.45 19.63 27.46
N SER A 50 5.60 19.65 28.14
CA SER A 50 6.64 20.64 27.92
C SER A 50 7.23 20.46 26.54
N TYR A 51 7.56 19.21 26.19
CA TYR A 51 8.14 18.92 24.89
C TYR A 51 7.18 19.23 23.74
N ASN A 52 5.91 18.78 23.82
CA ASN A 52 4.92 19.09 22.78
C ASN A 52 4.79 20.60 22.54
N SER A 53 4.85 21.38 23.63
CA SER A 53 4.71 22.83 23.64
C SER A 53 5.83 23.54 22.87
N ILE A 54 7.08 23.10 23.06
CA ILE A 54 8.22 23.70 22.39
C ILE A 54 8.41 23.15 20.96
N TYR A 55 7.83 21.99 20.63
CA TYR A 55 8.00 21.39 19.32
C TYR A 55 6.89 21.67 18.32
N HIS A 56 5.78 22.31 18.75
CA HIS A 56 4.72 22.66 17.80
C HIS A 56 5.21 23.85 17.00
N LYS A 57 5.67 24.90 17.70
CA LYS A 57 6.20 26.09 17.06
C LYS A 57 7.63 25.77 16.68
N SER A 58 7.96 25.90 15.39
CA SER A 58 9.30 25.64 14.87
C SER A 58 10.35 26.54 15.50
N SER A 59 9.97 27.80 15.77
CA SER A 59 10.83 28.82 16.36
C SER A 59 11.27 28.49 17.79
N THR A 60 10.40 27.83 18.55
CA THR A 60 10.68 27.47 19.94
C THR A 60 11.36 26.11 20.11
N TYR A 61 12.03 25.62 19.05
CA TYR A 61 12.75 24.35 19.14
C TYR A 61 13.99 24.46 20.01
N GLY A 62 14.65 25.61 19.99
CA GLY A 62 15.86 25.89 20.76
C GLY A 62 15.69 25.79 22.27
N LYS A 63 14.45 25.93 22.76
CA LYS A 63 14.12 25.81 24.18
C LYS A 63 14.42 24.43 24.76
N TYR A 64 14.52 23.38 23.90
CA TYR A 64 14.79 22.00 24.28
C TYR A 64 15.97 21.85 25.26
N ILE A 65 17.05 22.64 25.10
CA ILE A 65 18.21 22.58 25.99
C ILE A 65 17.83 22.96 27.43
N ALA A 66 17.05 24.03 27.58
CA ALA A 66 16.60 24.50 28.89
C ALA A 66 15.63 23.53 29.54
N VAL A 67 14.71 22.95 28.75
CA VAL A 67 13.72 21.98 29.23
C VAL A 67 14.43 20.71 29.68
N ASP A 68 15.42 20.25 28.89
CA ASP A 68 16.24 19.07 29.19
C ASP A 68 16.93 19.24 30.54
N ALA A 69 17.65 20.38 30.72
CA ALA A 69 18.39 20.73 31.94
C ALA A 69 17.50 21.11 33.13
N PHE A 70 16.20 21.37 32.89
CA PHE A 70 15.24 21.67 33.95
C PHE A 70 14.70 20.33 34.45
N ILE A 71 14.29 19.43 33.53
CA ILE A 71 13.82 18.10 33.91
C ILE A 71 14.96 17.32 34.58
N LYS A 72 16.23 17.57 34.18
CA LYS A 72 17.42 17.00 34.78
C LYS A 72 17.45 17.35 36.29
N LYS A 73 17.37 18.66 36.63
CA LYS A 73 17.39 19.11 38.03
C LYS A 73 16.11 18.76 38.80
N ILE A 74 15.00 18.46 38.10
CA ILE A 74 13.76 18.03 38.73
C ILE A 74 13.94 16.57 39.17
N ASN A 75 14.53 15.73 38.32
CA ASN A 75 14.80 14.34 38.67
C ASN A 75 15.87 14.31 39.77
N GLU A 76 16.91 15.17 39.66
CA GLU A 76 17.98 15.31 40.65
C GLU A 76 17.41 15.69 42.02
N ALA A 77 16.57 16.74 42.08
CA ALA A 77 15.99 17.20 43.34
C ALA A 77 14.99 16.22 43.91
N TYR A 78 14.28 15.46 43.05
CA TYR A 78 13.34 14.46 43.54
C TYR A 78 14.12 13.30 44.14
N ASP A 79 15.20 12.86 43.46
CA ASP A 79 16.04 11.77 43.95
C ASP A 79 16.82 12.16 45.21
N LYS A 80 17.09 13.46 45.42
CA LYS A 80 17.74 13.93 46.64
C LYS A 80 16.80 13.77 47.87
N VAL A 81 15.48 13.73 47.65
CA VAL A 81 14.49 13.53 48.70
C VAL A 81 14.38 12.04 49.01
N LYS A 82 14.36 11.19 47.96
CA LYS A 82 14.31 9.73 48.09
C LYS A 82 15.47 9.20 48.94
N SER A 83 16.66 9.80 48.74
CA SER A 83 17.90 9.45 49.45
C SER A 83 17.83 9.67 50.96
N LYS A 84 16.88 10.49 51.44
CA LYS A 84 16.72 10.70 52.87
C LYS A 84 16.17 9.44 53.57
N CYS A 85 15.47 8.56 52.82
CA CYS A 85 14.97 7.30 53.34
C CYS A 85 16.00 6.14 53.18
N ASN A 86 17.10 6.36 52.43
CA ASN A 86 18.15 5.38 52.13
C ASN A 86 18.73 4.67 53.36
N ASP A 87 18.99 5.38 54.46
CA ASP A 87 19.50 4.74 55.67
C ASP A 87 18.53 3.65 56.19
N ILE A 88 17.20 3.92 56.12
CA ILE A 88 16.15 2.99 56.51
C ILE A 88 16.04 1.88 55.45
N LYS A 89 16.14 2.26 54.17
CA LYS A 89 16.09 1.37 53.00
C LYS A 89 17.14 0.27 53.14
N ASN A 90 18.40 0.64 53.39
CA ASN A 90 19.49 -0.32 53.57
C ASN A 90 19.37 -1.13 54.85
N ASP A 91 18.70 -0.59 55.87
CA ASP A 91 18.41 -1.32 57.09
C ASP A 91 17.44 -2.46 56.76
N LEU A 92 16.46 -2.21 55.87
CA LEU A 92 15.52 -3.23 55.43
C LEU A 92 16.24 -4.25 54.52
N ILE A 93 17.13 -3.78 53.61
CA ILE A 93 17.91 -4.65 52.69
C ILE A 93 18.71 -5.70 53.47
N ALA A 94 19.37 -5.26 54.55
CA ALA A 94 20.19 -6.11 55.40
C ALA A 94 19.37 -7.18 56.15
N THR A 95 18.06 -6.92 56.37
CA THR A 95 17.15 -7.87 57.00
C THR A 95 16.68 -8.89 55.98
N ILE A 96 16.38 -8.45 54.74
CA ILE A 96 16.01 -9.33 53.63
C ILE A 96 17.18 -10.28 53.33
N LYS A 97 18.40 -9.73 53.32
CA LYS A 97 19.65 -10.44 53.10
C LYS A 97 19.80 -11.59 54.08
N LYS A 98 19.44 -11.36 55.35
CA LYS A 98 19.51 -12.40 56.37
C LYS A 98 18.37 -13.41 56.21
N LEU A 99 17.16 -12.92 55.93
CA LEU A 99 15.95 -13.74 55.80
C LEU A 99 16.00 -14.80 54.72
N GLU A 100 16.76 -14.54 53.65
CA GLU A 100 16.87 -15.50 52.56
C GLU A 100 17.89 -16.62 52.81
N HIS A 101 18.57 -16.64 53.97
CA HIS A 101 19.63 -17.63 54.21
C HIS A 101 19.50 -18.45 55.51
N PRO A 102 20.10 -19.67 55.53
CA PRO A 102 20.02 -20.49 56.76
C PRO A 102 21.14 -20.23 57.77
N PHE A 112 13.22 -17.22 63.08
CA PHE A 112 12.41 -16.82 61.93
C PHE A 112 11.21 -15.97 62.31
N LYS A 113 10.64 -16.17 63.51
CA LYS A 113 9.50 -15.37 63.95
C LYS A 113 9.98 -13.93 64.18
N LYS A 114 11.14 -13.76 64.84
CA LYS A 114 11.74 -12.45 65.09
C LYS A 114 12.29 -11.80 63.81
N MET A 115 12.76 -12.62 62.86
CA MET A 115 13.25 -12.09 61.60
C MET A 115 12.10 -11.64 60.71
N MET A 116 10.96 -12.33 60.75
CA MET A 116 9.80 -11.92 59.97
C MET A 116 9.27 -10.59 60.48
N ASP A 117 9.16 -10.43 61.80
CA ASP A 117 8.71 -9.16 62.40
C ASP A 117 9.75 -8.03 62.26
N GLU A 118 11.03 -8.40 62.11
CA GLU A 118 12.13 -7.49 61.86
C GLU A 118 11.93 -6.86 60.46
N TYR A 119 11.52 -7.68 59.49
CA TYR A 119 11.23 -7.29 58.11
C TYR A 119 9.97 -6.42 58.05
N ASN A 120 8.89 -6.84 58.74
CA ASN A 120 7.63 -6.11 58.75
C ASN A 120 7.80 -4.73 59.34
N THR A 121 8.39 -4.63 60.54
CA THR A 121 8.62 -3.36 61.22
C THR A 121 9.53 -2.41 60.43
N LYS A 122 10.43 -2.96 59.61
CA LYS A 122 11.33 -2.14 58.80
C LYS A 122 10.68 -1.74 57.48
N LYS A 123 9.84 -2.61 56.89
CA LYS A 123 9.13 -2.27 55.66
C LYS A 123 8.08 -1.19 55.94
N LYS A 124 7.37 -1.33 57.06
CA LYS A 124 6.36 -0.35 57.49
C LYS A 124 7.02 0.98 57.91
N LYS A 125 8.26 0.92 58.45
CA LYS A 125 9.02 2.09 58.86
C LYS A 125 9.49 2.86 57.64
N LEU A 126 9.96 2.14 56.61
CA LEU A 126 10.45 2.77 55.38
C LEU A 126 9.31 3.46 54.64
N ILE A 127 8.14 2.84 54.61
CA ILE A 127 6.99 3.42 53.96
C ILE A 127 6.55 4.70 54.69
N LYS A 128 6.58 4.67 56.04
CA LYS A 128 6.23 5.81 56.87
C LYS A 128 7.19 6.98 56.59
N CYS A 129 8.49 6.67 56.39
CA CYS A 129 9.53 7.64 56.06
C CYS A 129 9.14 8.40 54.78
N ILE A 130 8.66 7.66 53.78
CA ILE A 130 8.21 8.22 52.51
C ILE A 130 6.99 9.10 52.70
N LYS A 131 6.02 8.63 53.50
CA LYS A 131 4.81 9.40 53.81
C LYS A 131 5.11 10.70 54.55
N ASN A 132 6.21 10.75 55.32
CA ASN A 132 6.63 11.97 56.00
C ASN A 132 7.14 13.05 55.04
N HIS A 133 7.65 12.63 53.87
CA HIS A 133 8.12 13.56 52.85
C HIS A 133 7.05 13.84 51.80
N GLU A 134 5.76 13.58 52.08
CA GLU A 134 4.67 13.81 51.12
C GLU A 134 4.70 15.19 50.47
N ASN A 135 4.79 16.25 51.28
CA ASN A 135 4.84 17.62 50.76
C ASN A 135 6.22 18.01 50.16
N ASP A 136 7.29 17.30 50.58
CA ASP A 136 8.64 17.52 50.09
C ASP A 136 8.82 17.03 48.65
N PHE A 137 8.00 16.03 48.21
CA PHE A 137 7.98 15.48 46.85
C PHE A 137 6.98 16.28 46.00
N ASN A 138 5.83 16.65 46.59
CA ASN A 138 4.80 17.44 45.92
C ASN A 138 5.25 18.87 45.60
N LYS A 139 6.33 19.36 46.24
CA LYS A 139 6.90 20.67 45.94
C LYS A 139 7.61 20.57 44.58
N ILE A 140 8.36 19.49 44.36
CA ILE A 140 9.04 19.19 43.10
C ILE A 140 8.00 18.94 41.99
N CYS A 141 6.91 18.24 42.32
CA CYS A 141 5.81 17.95 41.43
C CYS A 141 5.11 19.23 40.99
N MET A 142 4.76 20.11 41.94
CA MET A 142 4.13 21.39 41.62
C MET A 142 5.08 22.29 40.80
N ASP A 143 6.39 22.22 41.09
CA ASP A 143 7.40 22.99 40.35
C ASP A 143 7.41 22.55 38.87
N MET A 144 7.22 21.25 38.62
CA MET A 144 7.16 20.67 37.28
C MET A 144 5.82 21.03 36.59
N LYS A 145 4.68 20.82 37.27
CA LYS A 145 3.34 21.13 36.75
C LYS A 145 3.26 22.58 36.25
N ASN A 146 3.83 23.52 37.02
CA ASN A 146 3.85 24.94 36.68
C ASN A 146 4.71 25.25 35.46
N TYR A 147 5.84 24.54 35.31
CA TYR A 147 6.75 24.76 34.19
C TYR A 147 6.16 24.24 32.90
N GLY A 148 5.55 23.06 32.95
CA GLY A 148 4.92 22.43 31.79
C GLY A 148 3.70 23.19 31.31
N THR A 149 2.90 23.70 32.25
CA THR A 149 1.70 24.48 31.93
C THR A 149 2.06 25.86 31.39
N ASN A 150 3.17 26.45 31.88
CA ASN A 150 3.68 27.75 31.44
C ASN A 150 4.07 27.70 29.95
N LEU A 151 4.67 26.59 29.50
CA LEU A 151 5.04 26.42 28.10
C LEU A 151 3.82 26.11 27.24
N PHE A 152 2.91 25.29 27.77
CA PHE A 152 1.67 24.88 27.11
C PHE A 152 0.75 26.04 26.83
N GLU A 153 0.68 26.99 27.75
CA GLU A 153 -0.14 28.19 27.55
C GLU A 153 0.46 29.15 26.49
N GLN A 154 1.74 28.98 26.15
CA GLN A 154 2.43 29.76 25.14
C GLN A 154 2.35 29.09 23.75
N LEU A 155 1.33 28.25 23.50
CA LEU A 155 1.15 27.58 22.22
C LEU A 155 0.67 28.59 21.21
N SER A 156 1.40 28.71 20.10
CA SER A 156 1.06 29.70 19.08
C SER A 156 0.68 29.08 17.76
N CYS A 157 -0.51 29.40 17.29
CA CYS A 157 -0.98 28.95 15.99
C CYS A 157 -1.04 30.14 15.03
N TYR A 158 -0.79 29.92 13.72
CA TYR A 158 -0.87 31.02 12.75
C TYR A 158 -2.34 31.40 12.61
N ASN A 159 -3.19 30.42 12.29
CA ASN A 159 -4.61 30.63 12.23
C ASN A 159 -5.14 29.69 13.28
N ASN A 160 -5.77 30.24 14.34
CA ASN A 160 -6.30 29.40 15.43
C ASN A 160 -7.39 28.40 14.99
N ASN A 161 -7.78 28.43 13.72
CA ASN A 161 -8.74 27.48 13.16
C ASN A 161 -7.98 26.32 12.50
N PHE A 162 -6.82 26.59 11.88
CA PHE A 162 -6.00 25.60 11.21
C PHE A 162 -4.60 25.46 11.79
N CYS A 163 -4.50 24.70 12.88
CA CYS A 163 -3.26 24.44 13.62
C CYS A 163 -2.53 23.25 13.06
N ASN A 164 -1.18 23.25 13.17
CA ASN A 164 -0.39 22.16 12.63
C ASN A 164 -0.04 21.10 13.66
N THR A 165 0.01 19.85 13.21
CA THR A 165 0.30 18.71 14.07
C THR A 165 1.75 18.25 13.91
N ASN A 166 2.67 19.22 13.81
CA ASN A 166 4.09 18.93 13.66
C ASN A 166 4.75 18.58 15.01
N GLY A 167 4.27 19.20 16.08
CA GLY A 167 4.78 19.00 17.42
C GLY A 167 4.53 17.60 17.93
N ILE A 168 3.33 17.08 17.60
CA ILE A 168 2.88 15.74 17.95
C ILE A 168 3.74 14.70 17.22
N ARG A 169 4.08 14.98 15.95
CA ARG A 169 4.92 14.09 15.16
C ARG A 169 6.39 14.08 15.61
N TYR A 170 7.05 15.25 15.85
CA TYR A 170 8.45 15.22 16.30
C TYR A 170 8.58 14.55 17.68
N HIS A 171 7.60 14.80 18.56
CA HIS A 171 7.61 14.19 19.87
C HIS A 171 7.34 12.70 19.80
N TYR A 172 6.39 12.25 18.97
CA TYR A 172 6.12 10.82 18.85
C TYR A 172 7.33 10.11 18.24
N ASP A 173 7.86 10.62 17.14
CA ASP A 173 9.00 10.00 16.47
C ASP A 173 10.23 9.88 17.36
N GLU A 174 10.67 11.00 17.97
CA GLU A 174 11.90 11.00 18.75
C GLU A 174 11.74 10.67 20.25
N TYR A 175 10.51 10.62 20.78
CA TYR A 175 10.35 10.32 22.22
C TYR A 175 9.42 9.13 22.53
N ILE A 176 8.48 8.74 21.64
CA ILE A 176 7.54 7.66 21.97
C ILE A 176 7.68 6.37 21.11
N HIS A 177 7.75 6.49 19.77
CA HIS A 177 7.83 5.35 18.84
C HIS A 177 8.88 4.33 19.18
N LYS A 178 10.06 4.80 19.63
CA LYS A 178 11.18 3.94 20.03
C LYS A 178 10.73 2.93 21.12
N LEU A 179 10.00 3.45 22.14
CA LEU A 179 9.50 2.69 23.28
C LEU A 179 8.44 1.70 22.85
N ILE A 180 7.55 2.12 21.93
CA ILE A 180 6.49 1.25 21.43
C ILE A 180 7.10 0.06 20.70
N LEU A 181 8.06 0.32 19.82
CA LEU A 181 8.73 -0.75 19.10
C LEU A 181 9.54 -1.64 20.02
N SER A 182 10.15 -1.08 21.06
CA SER A 182 10.91 -1.83 22.04
C SER A 182 9.98 -2.79 22.80
N VAL A 183 8.77 -2.31 23.14
CA VAL A 183 7.77 -3.11 23.86
C VAL A 183 7.16 -4.19 22.96
N LYS A 184 6.83 -3.84 21.71
CA LYS A 184 6.29 -4.78 20.74
C LYS A 184 7.30 -5.88 20.42
N SER A 185 8.61 -5.58 20.51
CA SER A 185 9.69 -6.54 20.26
C SER A 185 9.64 -7.67 21.31
N LYS A 186 9.54 -7.33 22.60
CA LYS A 186 9.44 -8.34 23.66
C LYS A 186 8.03 -8.90 23.74
N ASN A 187 7.90 -10.18 24.13
CA ASN A 187 6.57 -10.75 24.31
C ASN A 187 6.27 -10.84 25.78
N LEU A 188 5.48 -9.89 26.28
CA LEU A 188 5.13 -9.81 27.70
C LEU A 188 4.15 -10.89 28.13
N ASN A 189 3.32 -11.37 27.20
CA ASN A 189 2.41 -12.49 27.50
C ASN A 189 3.21 -13.79 27.66
N LYS A 190 4.34 -13.93 26.92
CA LYS A 190 5.25 -15.06 27.02
C LYS A 190 6.01 -14.93 28.34
N ASP A 191 6.54 -13.72 28.62
CA ASP A 191 7.26 -13.42 29.86
C ASP A 191 6.42 -13.69 31.12
N LEU A 192 5.08 -13.67 31.00
CA LEU A 192 4.18 -13.99 32.10
C LEU A 192 4.02 -15.51 32.18
N SER A 193 3.78 -16.16 31.02
CA SER A 193 3.66 -17.60 30.94
C SER A 193 4.93 -18.34 31.39
N ASP A 194 6.09 -17.66 31.39
CA ASP A 194 7.34 -18.23 31.86
C ASP A 194 7.27 -18.34 33.39
N MET A 195 6.87 -17.23 34.05
CA MET A 195 6.77 -17.11 35.48
C MET A 195 5.62 -17.88 36.10
N THR A 196 4.59 -18.21 35.32
CA THR A 196 3.49 -19.05 35.84
C THR A 196 4.05 -20.47 36.04
N ASN A 197 4.86 -20.96 35.08
CA ASN A 197 5.49 -22.27 35.11
C ASN A 197 6.49 -22.37 36.27
N ILE A 198 7.23 -21.27 36.54
CA ILE A 198 8.20 -21.22 37.62
C ILE A 198 7.49 -21.35 38.97
N LEU A 199 6.44 -20.54 39.19
CA LEU A 199 5.65 -20.57 40.43
C LEU A 199 4.85 -21.88 40.58
N GLN A 200 4.52 -22.53 39.45
CA GLN A 200 3.81 -23.82 39.43
C GLN A 200 4.73 -24.91 39.95
N GLN A 201 6.01 -24.88 39.54
CA GLN A 201 6.98 -25.88 39.94
C GLN A 201 7.54 -25.64 41.33
N SER A 202 7.61 -24.39 41.79
CA SER A 202 8.09 -24.09 43.13
C SER A 202 7.04 -24.46 44.16
N GLU A 203 5.77 -24.15 43.87
CA GLU A 203 4.66 -24.47 44.76
C GLU A 203 4.43 -25.98 44.83
N LEU A 204 4.66 -26.70 43.71
CA LEU A 204 4.53 -28.15 43.58
C LEU A 204 5.61 -28.88 44.39
N LEU A 205 6.85 -28.37 44.36
CA LEU A 205 7.99 -28.91 45.12
C LEU A 205 7.80 -28.69 46.63
N LEU A 206 7.23 -27.53 46.99
CA LEU A 206 6.92 -27.13 48.36
C LEU A 206 5.98 -28.14 49.02
N THR A 207 4.98 -28.64 48.25
CA THR A 207 4.03 -29.65 48.75
C THR A 207 4.74 -30.97 49.01
N ASN A 208 5.62 -31.40 48.09
CA ASN A 208 6.41 -32.63 48.18
C ASN A 208 7.38 -32.65 49.37
N LEU A 209 7.75 -31.47 49.88
CA LEU A 209 8.67 -31.32 51.01
C LEU A 209 7.96 -31.60 52.34
N ASN A 210 7.61 -32.88 52.57
CA ASN A 210 6.94 -33.32 53.79
C ASN A 210 7.87 -34.17 54.64
N TYR A 216 12.00 -28.46 59.73
CA TYR A 216 12.79 -27.98 58.60
C TYR A 216 12.71 -26.47 58.50
N ILE A 217 13.78 -25.74 58.87
CA ILE A 217 13.76 -24.26 58.79
C ILE A 217 13.94 -23.75 57.33
N TYR A 218 14.43 -24.59 56.41
CA TYR A 218 14.62 -24.24 55.01
C TYR A 218 13.27 -23.94 54.34
N ILE A 219 12.24 -24.74 54.64
CA ILE A 219 10.88 -24.64 54.15
C ILE A 219 10.26 -23.26 54.45
N ASP A 220 10.65 -22.65 55.59
CA ASP A 220 10.18 -21.35 56.04
C ASP A 220 10.69 -20.20 55.16
N THR A 221 12.00 -20.19 54.86
CA THR A 221 12.61 -19.16 54.00
C THR A 221 12.16 -19.34 52.53
N ILE A 222 11.89 -20.60 52.11
CA ILE A 222 11.41 -20.92 50.76
C ILE A 222 9.95 -20.48 50.61
N LYS A 223 9.14 -20.64 51.66
CA LYS A 223 7.75 -20.18 51.61
C LYS A 223 7.66 -18.64 51.61
N PHE A 224 8.68 -17.94 52.12
CA PHE A 224 8.76 -16.47 52.14
C PHE A 224 9.16 -15.92 50.77
N ILE A 225 10.19 -16.51 50.15
CA ILE A 225 10.63 -16.10 48.81
C ILE A 225 9.53 -16.38 47.81
N HIS A 226 8.91 -17.58 47.89
CA HIS A 226 7.83 -17.99 47.01
C HIS A 226 6.60 -17.10 47.15
N LYS A 227 6.31 -16.62 48.38
CA LYS A 227 5.20 -15.72 48.67
C LYS A 227 5.48 -14.32 48.09
N GLU A 228 6.71 -13.82 48.25
CA GLU A 228 7.13 -12.50 47.73
C GLU A 228 7.14 -12.46 46.21
N MET A 229 7.50 -13.59 45.58
CA MET A 229 7.51 -13.72 44.12
C MET A 229 6.09 -13.84 43.58
N LYS A 230 5.24 -14.62 44.26
CA LYS A 230 3.84 -14.84 43.87
C LYS A 230 3.09 -13.50 43.82
N HIS A 231 3.38 -12.60 44.79
CA HIS A 231 2.79 -11.27 44.88
C HIS A 231 3.62 -10.16 44.17
N ILE A 232 4.59 -10.58 43.34
CA ILE A 232 5.43 -9.81 42.42
C ILE A 232 4.90 -10.10 41.01
N PHE A 233 4.58 -11.38 40.71
CA PHE A 233 3.97 -11.81 39.46
C PHE A 233 2.64 -11.07 39.24
N ASN A 234 1.89 -10.77 40.33
CA ASN A 234 0.64 -10.04 40.23
C ASN A 234 0.91 -8.62 39.74
N ARG A 235 1.98 -7.98 40.26
CA ARG A 235 2.38 -6.63 39.87
C ARG A 235 2.91 -6.61 38.43
N ILE A 236 3.60 -7.67 38.00
CA ILE A 236 4.09 -7.75 36.62
C ILE A 236 2.92 -7.94 35.68
N GLU A 237 1.97 -8.82 36.05
CA GLU A 237 0.78 -9.07 35.25
C GLU A 237 -0.09 -7.81 35.15
N TYR A 238 -0.22 -7.07 36.26
CA TYR A 238 -1.00 -5.86 36.31
C TYR A 238 -0.43 -4.82 35.37
N HIS A 239 0.87 -4.49 35.53
CA HIS A 239 1.55 -3.53 34.67
C HIS A 239 1.55 -3.97 33.22
N THR A 240 1.65 -5.28 32.97
CA THR A 240 1.64 -5.85 31.63
C THR A 240 0.32 -5.56 30.92
N LYS A 241 -0.83 -5.68 31.61
CA LYS A 241 -2.12 -5.37 30.95
C LYS A 241 -2.17 -3.91 30.51
N ILE A 242 -1.70 -3.02 31.40
CA ILE A 242 -1.62 -1.59 31.13
C ILE A 242 -0.75 -1.32 29.90
N ILE A 243 0.42 -1.97 29.81
CA ILE A 243 1.32 -1.80 28.68
C ILE A 243 0.65 -2.26 27.38
N ASN A 244 0.03 -3.46 27.37
CA ASN A 244 -0.61 -4.01 26.19
C ASN A 244 -1.76 -3.17 25.68
N ASP A 245 -2.58 -2.64 26.60
CA ASP A 245 -3.72 -1.84 26.21
C ASP A 245 -3.32 -0.42 25.83
N LYS A 246 -2.33 0.16 26.54
CA LYS A 246 -1.85 1.51 26.22
C LYS A 246 -1.08 1.50 24.91
N THR A 247 -0.36 0.42 24.59
CA THR A 247 0.39 0.29 23.34
C THR A 247 -0.56 0.44 22.14
N LYS A 248 -1.67 -0.32 22.15
CA LYS A 248 -2.67 -0.30 21.11
C LYS A 248 -3.40 1.03 21.10
N ILE A 249 -3.80 1.54 22.27
CA ILE A 249 -4.56 2.78 22.36
C ILE A 249 -3.70 4.00 21.95
N ILE A 250 -2.37 3.93 22.08
CA ILE A 250 -1.49 5.03 21.63
C ILE A 250 -1.34 4.93 20.12
N GLN A 251 -1.07 3.72 19.61
CA GLN A 251 -0.95 3.51 18.16
C GLN A 251 -2.24 3.87 17.40
N ASP A 252 -3.40 3.79 18.07
CA ASP A 252 -4.67 4.15 17.45
C ASP A 252 -4.85 5.65 17.44
N LYS A 253 -4.57 6.29 18.57
CA LYS A 253 -4.74 7.72 18.73
C LYS A 253 -3.72 8.52 17.96
N ILE A 254 -2.51 7.99 17.76
CA ILE A 254 -1.48 8.71 17.04
C ILE A 254 -1.81 8.82 15.53
N LYS A 255 -2.57 7.87 14.98
CA LYS A 255 -3.00 7.98 13.59
C LYS A 255 -4.09 9.08 13.41
N LEU A 256 -4.77 9.47 14.49
CA LEU A 256 -5.84 10.46 14.45
C LEU A 256 -5.35 11.87 14.75
N ASN A 257 -4.22 12.01 15.43
CA ASN A 257 -3.71 13.30 15.82
C ASN A 257 -2.60 13.86 14.93
N ILE A 258 -2.18 13.13 13.87
CA ILE A 258 -1.11 13.61 12.98
C ILE A 258 -1.58 13.77 11.51
N TRP A 259 -0.88 14.63 10.75
CA TRP A 259 -1.20 14.98 9.36
C TRP A 259 -2.59 15.59 9.28
N ARG A 260 -2.90 16.50 10.21
CA ARG A 260 -4.20 17.14 10.33
C ARG A 260 -4.10 18.65 10.57
N THR A 261 -5.24 19.37 10.44
CA THR A 261 -5.34 20.82 10.68
C THR A 261 -6.38 21.02 11.75
N PHE A 262 -5.98 20.87 13.01
CA PHE A 262 -6.90 20.99 14.14
C PHE A 262 -7.31 22.41 14.54
N GLN A 263 -8.49 22.55 15.13
CA GLN A 263 -8.97 23.81 15.71
C GLN A 263 -8.10 24.00 16.98
N LYS A 264 -7.56 25.19 17.26
CA LYS A 264 -6.69 25.43 18.44
C LYS A 264 -7.18 24.75 19.73
N ASP A 265 -8.49 24.79 20.01
CA ASP A 265 -9.06 24.17 21.19
C ASP A 265 -8.87 22.65 21.15
N GLU A 266 -9.27 22.02 20.04
CA GLU A 266 -9.13 20.57 19.85
C GLU A 266 -7.67 20.13 19.81
N LEU A 267 -6.76 21.02 19.37
CA LEU A 267 -5.34 20.71 19.33
C LEU A 267 -4.82 20.53 20.74
N LEU A 268 -5.09 21.50 21.64
CA LEU A 268 -4.67 21.48 23.02
C LEU A 268 -5.24 20.28 23.74
N LYS A 269 -6.53 19.99 23.53
CA LYS A 269 -7.21 18.86 24.13
C LYS A 269 -6.59 17.54 23.73
N ARG A 270 -6.17 17.42 22.47
CA ARG A 270 -5.55 16.20 21.97
C ARG A 270 -4.10 16.06 22.43
N ILE A 271 -3.41 17.16 22.77
CA ILE A 271 -2.06 17.13 23.33
C ILE A 271 -2.17 16.58 24.76
N LEU A 272 -3.12 17.11 25.53
CA LEU A 272 -3.38 16.68 26.90
C LEU A 272 -3.84 15.23 26.95
N ASP A 273 -4.56 14.77 25.92
CA ASP A 273 -5.02 13.40 25.76
C ASP A 273 -3.79 12.52 25.53
N MET A 274 -2.93 12.89 24.55
CA MET A 274 -1.73 12.12 24.24
C MET A 274 -0.79 12.04 25.39
N SER A 275 -0.44 13.16 26.01
CA SER A 275 0.45 13.18 27.17
C SER A 275 -0.02 12.28 28.30
N ASN A 276 -1.33 12.04 28.39
CA ASN A 276 -1.89 11.16 29.40
C ASN A 276 -1.63 9.69 29.08
N GLU A 277 -1.92 9.28 27.84
CA GLU A 277 -1.68 7.92 27.38
C GLU A 277 -0.19 7.59 27.38
N TYR A 278 0.66 8.57 27.04
CA TYR A 278 2.11 8.44 27.05
C TYR A 278 2.58 8.22 28.50
N SER A 279 2.13 9.07 29.45
CA SER A 279 2.51 8.97 30.86
C SER A 279 2.11 7.63 31.48
N LEU A 280 0.88 7.17 31.18
CA LEU A 280 0.35 5.91 31.68
C LEU A 280 1.11 4.71 31.13
N PHE A 281 1.54 4.78 29.86
CA PHE A 281 2.28 3.70 29.22
C PHE A 281 3.71 3.61 29.77
N ILE A 282 4.44 4.74 29.76
CA ILE A 282 5.84 4.77 30.20
C ILE A 282 6.01 4.30 31.63
N THR A 283 5.15 4.75 32.54
CA THR A 283 5.20 4.37 33.95
C THR A 283 5.09 2.86 34.14
N SER A 284 4.12 2.24 33.45
CA SER A 284 3.89 0.80 33.54
C SER A 284 4.94 -0.02 32.83
N ASP A 285 5.59 0.52 31.80
CA ASP A 285 6.67 -0.19 31.13
C ASP A 285 7.95 -0.14 32.01
N HIS A 286 8.30 1.06 32.53
CA HIS A 286 9.45 1.31 33.40
C HIS A 286 9.39 0.42 34.63
N LEU A 287 8.20 0.27 35.21
CA LEU A 287 8.01 -0.56 36.38
C LEU A 287 8.05 -2.04 36.03
N ARG A 288 7.33 -2.45 34.99
CA ARG A 288 7.29 -3.85 34.55
C ARG A 288 8.69 -4.41 34.27
N GLN A 289 9.57 -3.61 33.66
CA GLN A 289 10.94 -4.07 33.39
C GLN A 289 11.77 -4.16 34.67
N MET A 290 11.53 -3.27 35.63
CA MET A 290 12.21 -3.33 36.93
C MET A 290 11.73 -4.58 37.69
N LEU A 291 10.43 -4.86 37.62
CA LEU A 291 9.77 -6.01 38.22
C LEU A 291 10.20 -7.34 37.58
N TYR A 292 10.59 -7.33 36.30
CA TYR A 292 11.04 -8.52 35.59
C TYR A 292 12.39 -8.97 36.14
N ASN A 293 13.34 -8.03 36.27
CA ASN A 293 14.67 -8.28 36.83
C ASN A 293 14.56 -8.67 38.30
N THR A 294 13.62 -8.04 39.03
CA THR A 294 13.31 -8.27 40.44
C THR A 294 12.81 -9.68 40.67
N PHE A 295 11.97 -10.20 39.77
CA PHE A 295 11.44 -11.54 39.91
C PHE A 295 12.56 -12.55 39.70
N TYR A 296 13.37 -12.35 38.66
CA TYR A 296 14.41 -13.32 38.35
C TYR A 296 15.64 -13.26 39.28
N SER A 297 15.91 -12.10 39.93
CA SER A 297 17.01 -12.01 40.89
C SER A 297 16.67 -12.82 42.16
N LYS A 298 15.42 -12.75 42.60
CA LYS A 298 14.96 -13.49 43.76
C LYS A 298 14.67 -14.94 43.41
N GLU A 299 14.28 -15.23 42.16
CA GLU A 299 14.10 -16.61 41.69
C GLU A 299 15.46 -17.30 41.62
N LYS A 300 16.55 -16.54 41.31
CA LYS A 300 17.91 -17.05 41.29
C LYS A 300 18.28 -17.53 42.70
N HIS A 301 17.88 -16.78 43.74
CA HIS A 301 18.17 -17.19 45.11
C HIS A 301 17.23 -18.27 45.62
N LEU A 302 16.05 -18.45 45.01
CA LEU A 302 15.13 -19.51 45.40
C LEU A 302 15.71 -20.86 44.97
N ASN A 303 16.22 -20.93 43.73
CA ASN A 303 16.85 -22.15 43.23
C ASN A 303 18.20 -22.46 43.90
N ASN A 304 18.80 -21.48 44.60
CA ASN A 304 20.04 -21.67 45.35
C ASN A 304 19.75 -22.48 46.61
N ILE A 305 18.64 -22.16 47.31
CA ILE A 305 18.22 -22.89 48.51
C ILE A 305 17.81 -24.32 48.18
N PHE A 306 17.27 -24.56 46.97
CA PHE A 306 16.90 -25.89 46.51
C PHE A 306 18.18 -26.71 46.30
N HIS A 307 19.19 -26.12 45.65
CA HIS A 307 20.48 -26.76 45.41
C HIS A 307 21.28 -27.06 46.70
N HIS A 308 20.88 -26.47 47.84
CA HIS A 308 21.51 -26.70 49.13
C HIS A 308 20.68 -27.68 49.97
N LEU A 309 19.38 -27.46 50.06
CA LEU A 309 18.47 -28.30 50.81
C LEU A 309 18.43 -29.76 50.30
N ILE A 310 18.79 -29.98 49.02
CA ILE A 310 18.78 -31.33 48.47
C ILE A 310 20.21 -31.88 48.27
N TYR A 311 21.02 -31.29 47.34
CA TYR A 311 22.35 -31.77 47.01
C TYR A 311 23.31 -31.88 48.20
N VAL A 312 23.50 -30.81 48.97
CA VAL A 312 24.40 -30.80 50.12
C VAL A 312 23.70 -31.27 51.42
N LEU A 313 22.40 -31.63 51.37
CA LEU A 313 21.69 -32.08 52.58
C LEU A 313 21.28 -33.56 52.61
N GLN A 314 20.62 -34.08 51.56
CA GLN A 314 20.18 -35.48 51.56
C GLN A 314 21.33 -36.50 51.59
N VAL B 2 19.28 10.86 10.16
CA VAL B 2 18.45 10.12 9.20
C VAL B 2 18.83 10.51 7.78
N GLN B 3 18.85 9.55 6.85
CA GLN B 3 19.13 9.85 5.44
C GLN B 3 18.45 8.86 4.50
N LEU B 4 17.96 9.34 3.33
CA LEU B 4 17.27 8.51 2.34
C LEU B 4 18.19 8.05 1.21
N VAL B 5 18.33 6.73 1.04
CA VAL B 5 19.18 6.17 -0.01
C VAL B 5 18.38 5.42 -1.06
N GLN B 6 18.39 5.94 -2.29
CA GLN B 6 17.67 5.39 -3.43
C GLN B 6 18.53 4.42 -4.28
N SER B 7 17.94 3.75 -5.28
CA SER B 7 18.66 2.85 -6.18
C SER B 7 19.53 3.67 -7.17
N GLY B 8 20.44 2.99 -7.87
CA GLY B 8 21.24 3.61 -8.92
C GLY B 8 20.43 3.66 -10.22
N ALA B 9 20.86 4.50 -11.18
CA ALA B 9 20.19 4.68 -12.47
C ALA B 9 19.78 3.38 -13.21
N GLU B 10 18.81 3.44 -14.13
CA GLU B 10 18.39 2.23 -14.86
C GLU B 10 17.78 2.55 -16.19
N VAL B 11 18.11 1.75 -17.20
CA VAL B 11 17.43 1.86 -18.49
C VAL B 11 16.31 0.81 -18.44
N LYS B 12 15.08 1.22 -18.72
CA LYS B 12 13.97 0.28 -18.74
C LYS B 12 13.37 0.27 -20.12
N LYS B 13 13.02 -0.91 -20.60
CA LYS B 13 12.42 -1.06 -21.91
C LYS B 13 11.05 -0.34 -21.94
N PRO B 14 10.67 0.35 -23.04
CA PRO B 14 9.35 0.98 -23.09
C PRO B 14 8.24 -0.07 -23.03
N GLY B 15 7.27 0.17 -22.15
CA GLY B 15 6.14 -0.73 -21.89
C GLY B 15 6.30 -1.54 -20.61
N SER B 16 7.49 -1.45 -19.97
CA SER B 16 7.87 -2.17 -18.77
C SER B 16 7.59 -1.39 -17.49
N SER B 17 7.79 -2.02 -16.32
CA SER B 17 7.63 -1.34 -15.04
C SER B 17 8.99 -1.15 -14.38
N VAL B 18 9.08 -0.14 -13.53
CA VAL B 18 10.29 0.12 -12.78
C VAL B 18 9.97 0.01 -11.28
N LYS B 19 11.00 -0.03 -10.45
CA LYS B 19 10.81 -0.09 -9.00
C LYS B 19 11.99 0.65 -8.34
N VAL B 20 11.84 1.94 -8.05
CA VAL B 20 12.92 2.72 -7.43
C VAL B 20 12.90 2.57 -5.92
N SER B 21 13.99 2.11 -5.29
CA SER B 21 14.03 1.92 -3.85
C SER B 21 14.28 3.23 -3.07
N CYS B 22 14.19 3.17 -1.72
CA CYS B 22 14.45 4.32 -0.83
C CYS B 22 14.58 3.84 0.61
N LYS B 23 15.80 3.48 1.05
CA LYS B 23 15.98 3.01 2.42
C LYS B 23 16.13 4.15 3.41
N VAL B 24 15.35 4.10 4.52
CA VAL B 24 15.40 5.07 5.62
C VAL B 24 16.43 4.59 6.64
N SER B 25 17.32 5.51 7.07
CA SER B 25 18.39 5.20 7.99
C SER B 25 17.98 5.26 9.47
N GLY B 26 16.72 4.93 9.76
CA GLY B 26 16.22 4.98 11.12
C GLY B 26 15.90 3.62 11.71
N GLY B 27 15.54 2.67 10.86
CA GLY B 27 15.14 1.34 11.31
C GLY B 27 13.68 1.10 10.98
N THR B 28 12.83 2.13 11.22
CA THR B 28 11.41 2.18 10.89
C THR B 28 11.07 3.56 10.33
N PHE B 29 9.97 3.64 9.58
CA PHE B 29 9.53 4.93 9.05
C PHE B 29 8.81 5.77 10.08
N ARG B 30 8.51 5.27 11.31
CA ARG B 30 7.78 6.08 12.32
C ARG B 30 6.51 6.76 11.69
N SER B 31 6.25 8.05 12.00
CA SER B 31 5.17 8.78 11.38
C SER B 31 5.74 9.67 10.27
N TYR B 32 6.65 9.12 9.45
CA TYR B 32 7.23 9.88 8.33
C TYR B 32 6.33 9.73 7.10
N ALA B 33 6.43 10.70 6.17
CA ALA B 33 5.73 10.63 4.90
C ALA B 33 6.79 10.68 3.83
N ILE B 34 7.03 9.56 3.15
CA ILE B 34 8.03 9.52 2.08
C ILE B 34 7.34 9.93 0.79
N ASN B 35 7.82 11.00 0.15
CA ASN B 35 7.24 11.51 -1.08
C ASN B 35 8.13 11.24 -2.28
N TRP B 36 7.51 11.08 -3.44
CA TRP B 36 8.24 10.86 -4.67
C TRP B 36 7.97 12.03 -5.59
N VAL B 37 9.02 12.69 -6.03
CA VAL B 37 8.92 13.85 -6.89
C VAL B 37 9.88 13.61 -8.06
N ARG B 38 9.45 13.81 -9.31
CA ARG B 38 10.33 13.60 -10.46
C ARG B 38 10.66 14.88 -11.18
N GLN B 39 11.86 14.93 -11.74
CA GLN B 39 12.29 16.08 -12.51
C GLN B 39 12.47 15.56 -13.93
N ALA B 40 11.59 15.99 -14.85
CA ALA B 40 11.66 15.60 -16.27
C ALA B 40 12.92 16.20 -16.97
N PRO B 41 13.18 15.96 -18.27
CA PRO B 41 14.44 16.46 -18.87
C PRO B 41 14.71 17.94 -18.64
N GLY B 42 13.77 18.80 -19.02
CA GLY B 42 13.92 20.22 -18.80
C GLY B 42 12.98 20.72 -17.71
N GLN B 43 11.74 20.21 -17.75
CA GLN B 43 10.61 20.50 -16.87
C GLN B 43 11.00 20.48 -15.41
N GLY B 44 10.42 21.40 -14.66
CA GLY B 44 10.68 21.52 -13.24
C GLY B 44 10.18 20.35 -12.42
N LEU B 45 10.31 20.45 -11.09
CA LEU B 45 9.91 19.39 -10.18
C LEU B 45 8.42 19.10 -10.32
N GLU B 46 8.08 17.83 -10.27
CA GLU B 46 6.72 17.37 -10.46
C GLU B 46 6.39 16.37 -9.36
N TRP B 47 5.48 16.73 -8.43
CA TRP B 47 5.13 15.79 -7.37
C TRP B 47 4.37 14.63 -7.94
N MET B 48 4.73 13.43 -7.53
CA MET B 48 4.09 12.23 -8.02
C MET B 48 3.19 11.58 -6.98
N GLY B 49 3.73 11.29 -5.80
CA GLY B 49 2.96 10.63 -4.75
C GLY B 49 3.55 10.73 -3.37
N ARG B 50 2.82 10.23 -2.38
CA ARG B 50 3.24 10.23 -0.99
C ARG B 50 2.79 8.95 -0.33
N ILE B 51 3.58 8.47 0.62
CA ILE B 51 3.20 7.28 1.39
C ILE B 51 3.43 7.55 2.86
N ILE B 52 2.44 7.27 3.70
CA ILE B 52 2.58 7.46 5.14
C ILE B 52 2.49 6.06 5.72
N PRO B 53 3.65 5.40 5.94
CA PRO B 53 3.65 4.01 6.40
C PRO B 53 2.87 3.71 7.68
N ILE B 54 2.86 4.65 8.64
CA ILE B 54 2.08 4.43 9.86
C ILE B 54 0.58 4.39 9.55
N PHE B 55 0.14 5.18 8.56
CA PHE B 55 -1.25 5.21 8.13
C PHE B 55 -1.58 4.00 7.27
N GLY B 56 -0.67 3.63 6.40
CA GLY B 56 -0.89 2.52 5.47
C GLY B 56 -1.55 2.95 4.17
N THR B 57 -1.65 4.28 3.91
CA THR B 57 -2.28 4.76 2.68
C THR B 57 -1.34 5.62 1.85
N ALA B 58 -1.45 5.45 0.53
CA ALA B 58 -0.67 6.25 -0.40
C ALA B 58 -1.59 7.20 -1.15
N ASN B 59 -1.04 8.35 -1.53
CA ASN B 59 -1.81 9.37 -2.22
C ASN B 59 -1.03 9.78 -3.46
N TYR B 60 -1.66 9.71 -4.65
CA TYR B 60 -0.96 10.04 -5.90
C TYR B 60 -1.53 11.27 -6.58
N ALA B 61 -0.73 11.89 -7.46
CA ALA B 61 -1.19 13.02 -8.26
C ALA B 61 -2.09 12.43 -9.35
N GLN B 62 -3.06 13.21 -9.83
CA GLN B 62 -4.02 12.74 -10.83
C GLN B 62 -3.38 12.13 -12.06
N LYS B 63 -2.26 12.72 -12.49
CA LYS B 63 -1.48 12.28 -13.63
C LYS B 63 -0.94 10.85 -13.44
N PHE B 64 -0.51 10.52 -12.21
CA PHE B 64 0.13 9.25 -11.96
C PHE B 64 -0.74 8.19 -11.27
N GLN B 65 -2.05 8.47 -11.11
CA GLN B 65 -2.95 7.48 -10.53
C GLN B 65 -3.22 6.46 -11.62
N GLY B 66 -2.92 5.20 -11.33
CA GLY B 66 -3.12 4.12 -12.30
C GLY B 66 -1.83 3.47 -12.74
N ARG B 67 -0.77 4.26 -12.88
CA ARG B 67 0.52 3.72 -13.28
C ARG B 67 1.42 3.57 -12.07
N VAL B 68 1.53 4.63 -11.26
CA VAL B 68 2.36 4.60 -10.07
C VAL B 68 1.68 3.94 -8.91
N THR B 69 2.45 3.14 -8.15
CA THR B 69 2.02 2.47 -6.94
C THR B 69 3.17 2.57 -5.95
N ILE B 70 2.93 3.17 -4.79
CA ILE B 70 3.98 3.30 -3.78
C ILE B 70 3.78 2.27 -2.68
N THR B 71 4.82 1.49 -2.43
CA THR B 71 4.83 0.44 -1.41
C THR B 71 5.91 0.75 -0.35
N ALA B 72 5.81 0.15 0.83
CA ALA B 72 6.79 0.37 1.89
C ALA B 72 6.99 -0.89 2.72
N ASP B 73 8.21 -1.41 2.74
CA ASP B 73 8.52 -2.61 3.50
C ASP B 73 9.04 -2.22 4.85
N GLU B 74 8.25 -2.45 5.93
CA GLU B 74 8.72 -2.12 7.28
C GLU B 74 9.82 -3.06 7.80
N SER B 75 9.99 -4.21 7.15
CA SER B 75 11.02 -5.20 7.47
C SER B 75 12.41 -4.60 7.21
N THR B 76 12.56 -3.85 6.10
CA THR B 76 13.83 -3.21 5.76
C THR B 76 13.79 -1.66 5.88
N SER B 77 12.59 -1.08 6.15
CA SER B 77 12.31 0.35 6.24
C SER B 77 12.64 1.02 4.91
N THR B 78 12.20 0.40 3.81
CA THR B 78 12.45 0.91 2.47
C THR B 78 11.14 1.22 1.79
N ALA B 79 11.05 2.34 1.07
CA ALA B 79 9.84 2.68 0.33
C ALA B 79 10.13 2.61 -1.17
N TYR B 80 9.28 1.91 -1.92
CA TYR B 80 9.48 1.74 -3.36
C TYR B 80 8.42 2.43 -4.19
N MET B 81 8.81 2.95 -5.34
CA MET B 81 7.88 3.58 -6.26
C MET B 81 7.83 2.74 -7.52
N GLU B 82 6.63 2.26 -7.88
CA GLU B 82 6.46 1.41 -9.06
C GLU B 82 5.80 2.10 -10.22
N LEU B 83 6.59 2.55 -11.21
CA LEU B 83 6.01 3.19 -12.39
C LEU B 83 5.86 2.13 -13.47
N SER B 84 4.62 1.70 -13.68
CA SER B 84 4.30 0.64 -14.62
C SER B 84 3.94 1.15 -16.01
N SER B 85 4.16 0.28 -17.03
CA SER B 85 3.97 0.49 -18.47
C SER B 85 4.56 1.82 -18.92
N LEU B 86 5.88 1.95 -18.77
CA LEU B 86 6.69 3.10 -19.08
C LEU B 86 6.63 3.53 -20.53
N ARG B 87 6.77 4.82 -20.76
CA ARG B 87 6.86 5.36 -22.11
C ARG B 87 8.02 6.36 -22.10
N SER B 88 8.57 6.70 -23.27
CA SER B 88 9.71 7.63 -23.42
C SER B 88 9.64 8.87 -22.53
N GLU B 89 8.43 9.43 -22.39
CA GLU B 89 8.15 10.61 -21.59
C GLU B 89 8.63 10.47 -20.15
N ASP B 90 8.59 9.25 -19.61
CA ASP B 90 8.98 8.96 -18.23
C ASP B 90 10.49 9.05 -17.93
N THR B 91 11.35 9.31 -18.93
CA THR B 91 12.79 9.44 -18.70
C THR B 91 13.02 10.66 -17.82
N ALA B 92 13.36 10.45 -16.55
CA ALA B 92 13.49 11.55 -15.59
C ALA B 92 14.36 11.17 -14.35
N VAL B 93 14.68 12.13 -13.46
CA VAL B 93 15.38 11.83 -12.21
C VAL B 93 14.26 11.64 -11.21
N TYR B 94 14.27 10.51 -10.49
CA TYR B 94 13.21 10.26 -9.52
C TYR B 94 13.76 10.50 -8.14
N TYR B 95 13.09 11.35 -7.38
CA TYR B 95 13.57 11.74 -6.06
C TYR B 95 12.72 11.26 -4.90
N CYS B 96 13.36 11.17 -3.72
CA CYS B 96 12.79 10.84 -2.42
C CYS B 96 12.71 12.07 -1.57
N ALA B 97 11.79 12.10 -0.62
CA ALA B 97 11.63 13.25 0.27
C ALA B 97 10.89 12.86 1.52
N ARG B 98 11.28 13.42 2.66
CA ARG B 98 10.56 13.15 3.90
C ARG B 98 9.84 14.40 4.27
N HIS B 99 8.51 14.35 4.43
CA HIS B 99 7.78 15.55 4.85
C HIS B 99 8.13 15.80 6.32
N GLY B 100 9.04 16.73 6.54
CA GLY B 100 9.56 17.03 7.85
C GLY B 100 8.63 17.82 8.72
N TYR B 101 9.06 18.03 9.95
CA TYR B 101 8.35 18.80 10.99
C TYR B 101 8.20 20.30 10.67
N SER B 102 8.81 20.73 9.58
CA SER B 102 8.69 22.06 9.04
C SER B 102 7.52 22.13 8.02
N SER B 103 6.80 21.03 7.85
CA SER B 103 5.72 21.02 6.82
C SER B 103 6.34 21.36 5.46
N GLY B 104 7.35 20.58 5.04
CA GLY B 104 8.02 20.77 3.74
C GLY B 104 8.90 19.55 3.51
N LEU B 105 9.62 19.46 2.39
CA LEU B 105 10.44 18.28 2.06
C LEU B 105 11.80 18.45 2.72
N ASP B 106 12.00 17.80 3.88
CA ASP B 106 13.21 17.97 4.70
C ASP B 106 14.38 17.16 4.17
N ILE B 107 14.22 15.84 4.06
CA ILE B 107 15.37 14.99 3.66
C ILE B 107 15.14 14.53 2.22
N TRP B 108 16.16 14.64 1.36
CA TRP B 108 15.99 14.28 -0.06
C TRP B 108 16.92 13.15 -0.45
N GLY B 109 16.47 12.25 -1.32
CA GLY B 109 17.28 11.17 -1.84
C GLY B 109 18.22 11.67 -2.93
N GLN B 110 19.26 10.89 -3.25
CA GLN B 110 20.26 11.30 -4.24
C GLN B 110 19.74 11.39 -5.69
N GLY B 111 18.65 10.69 -5.98
CA GLY B 111 18.09 10.67 -7.32
C GLY B 111 18.33 9.37 -8.02
N THR B 112 17.48 9.04 -8.98
CA THR B 112 17.61 7.81 -9.75
C THR B 112 17.32 8.12 -11.23
N MET B 113 18.35 8.08 -12.09
CA MET B 113 18.18 8.41 -13.50
C MET B 113 17.58 7.25 -14.26
N VAL B 114 16.26 7.19 -14.23
CA VAL B 114 15.54 6.14 -14.92
C VAL B 114 15.30 6.60 -16.35
N THR B 115 15.91 5.93 -17.33
CA THR B 115 15.78 6.30 -18.72
C THR B 115 14.91 5.27 -19.45
N VAL B 116 14.00 5.70 -20.34
CA VAL B 116 13.11 4.76 -21.05
C VAL B 116 13.53 4.53 -22.49
N SER B 117 14.35 3.51 -22.72
CA SER B 117 14.84 3.20 -24.05
C SER B 117 14.95 1.70 -24.27
N SER B 118 14.77 1.30 -25.52
CA SER B 118 14.93 -0.09 -25.92
C SER B 118 16.42 -0.52 -26.04
N ALA B 119 17.35 0.46 -26.11
CA ALA B 119 18.80 0.19 -26.22
C ALA B 119 19.37 -0.32 -24.89
N SER B 120 20.52 -1.01 -24.92
CA SER B 120 21.09 -1.59 -23.70
C SER B 120 22.26 -0.82 -23.10
N THR B 121 22.53 -1.06 -21.80
CA THR B 121 23.61 -0.42 -21.06
C THR B 121 24.98 -0.77 -21.55
N LYS B 122 25.62 0.18 -22.22
CA LYS B 122 27.00 0.04 -22.66
C LYS B 122 27.83 0.89 -21.72
N GLY B 123 28.95 0.37 -21.28
CA GLY B 123 29.86 1.10 -20.39
C GLY B 123 30.65 2.17 -21.11
N PRO B 124 31.37 2.99 -20.34
CA PRO B 124 32.15 4.05 -20.97
C PRO B 124 33.57 3.64 -21.39
N SER B 125 34.17 4.44 -22.25
CA SER B 125 35.54 4.30 -22.69
C SER B 125 36.23 5.54 -22.15
N VAL B 126 37.39 5.38 -21.51
CA VAL B 126 38.08 6.52 -20.92
C VAL B 126 39.44 6.80 -21.56
N PHE B 127 39.56 7.94 -22.24
CA PHE B 127 40.81 8.36 -22.88
C PHE B 127 41.30 9.61 -22.15
N PRO B 128 42.63 9.79 -22.01
CA PRO B 128 43.12 11.00 -21.30
C PRO B 128 43.21 12.24 -22.18
N LEU B 129 43.32 13.41 -21.55
CA LEU B 129 43.49 14.67 -22.27
C LEU B 129 44.79 15.29 -21.79
N ALA B 130 45.91 14.75 -22.31
CA ALA B 130 47.28 15.12 -22.02
C ALA B 130 47.56 16.59 -22.34
N PRO B 131 48.10 17.35 -21.37
CA PRO B 131 48.33 18.78 -21.60
C PRO B 131 49.38 19.15 -22.67
N SER B 132 49.23 20.35 -23.26
CA SER B 132 50.13 20.85 -24.30
C SER B 132 50.93 22.08 -23.83
N GLY B 139 49.35 31.39 -17.67
CA GLY B 139 50.56 30.58 -17.80
C GLY B 139 50.44 29.18 -17.18
N THR B 140 49.25 28.84 -16.66
CA THR B 140 48.94 27.56 -16.01
C THR B 140 48.73 26.42 -17.09
N ALA B 141 48.27 25.21 -16.66
CA ALA B 141 48.05 24.13 -17.62
C ALA B 141 46.84 23.28 -17.23
N ALA B 142 45.93 23.06 -18.18
CA ALA B 142 44.74 22.25 -17.93
C ALA B 142 44.93 20.82 -18.42
N LEU B 143 44.22 19.88 -17.80
CA LEU B 143 44.24 18.46 -18.13
C LEU B 143 42.86 17.86 -17.83
N GLY B 144 42.50 16.76 -18.48
CA GLY B 144 41.20 16.14 -18.24
C GLY B 144 41.06 14.70 -18.65
N CYS B 145 39.83 14.20 -18.53
CA CYS B 145 39.46 12.85 -18.89
C CYS B 145 38.34 12.91 -19.88
N LEU B 146 38.42 12.09 -20.92
CA LEU B 146 37.36 12.00 -21.91
C LEU B 146 36.63 10.70 -21.68
N VAL B 147 35.34 10.78 -21.37
CA VAL B 147 34.51 9.60 -21.15
C VAL B 147 33.63 9.52 -22.37
N LYS B 148 33.85 8.53 -23.23
CA LYS B 148 33.13 8.44 -24.48
C LYS B 148 32.36 7.14 -24.67
N ASP B 149 31.32 7.20 -25.53
CA ASP B 149 30.45 6.11 -25.98
C ASP B 149 29.86 5.26 -24.85
N TYR B 150 29.01 5.89 -24.03
CA TYR B 150 28.34 5.23 -22.92
C TYR B 150 26.82 5.48 -22.90
N PHE B 151 26.07 4.47 -22.49
CA PHE B 151 24.62 4.58 -22.38
C PHE B 151 24.16 3.68 -21.24
N PRO B 152 23.21 4.11 -20.39
CA PRO B 152 22.55 5.42 -20.37
C PRO B 152 23.24 6.44 -19.43
N GLU B 153 22.64 7.61 -19.21
CA GLU B 153 23.20 8.58 -18.27
C GLU B 153 22.87 8.12 -16.84
N PRO B 154 23.67 8.48 -15.81
CA PRO B 154 24.84 9.36 -15.81
C PRO B 154 26.18 8.68 -15.49
N VAL B 155 27.26 9.45 -15.58
CA VAL B 155 28.61 9.00 -15.21
C VAL B 155 29.10 9.99 -14.13
N THR B 156 29.73 9.48 -13.06
CA THR B 156 30.23 10.34 -12.00
C THR B 156 31.77 10.37 -11.99
N VAL B 157 32.37 11.52 -12.37
CA VAL B 157 33.83 11.65 -12.47
C VAL B 157 34.44 12.52 -11.38
N SER B 158 35.30 11.95 -10.53
CA SER B 158 36.00 12.73 -9.50
C SER B 158 37.50 12.84 -9.84
N TRP B 159 38.23 13.76 -9.19
CA TRP B 159 39.66 13.90 -9.43
C TRP B 159 40.47 13.70 -8.17
N ASN B 160 41.51 12.84 -8.26
CA ASN B 160 42.38 12.43 -7.17
C ASN B 160 41.57 11.78 -6.05
N SER B 161 40.57 10.96 -6.43
CA SER B 161 39.66 10.24 -5.54
C SER B 161 38.87 11.18 -4.62
N GLY B 162 38.56 12.38 -5.11
CA GLY B 162 37.81 13.37 -4.35
C GLY B 162 38.60 14.59 -3.91
N ALA B 163 39.88 14.38 -3.52
CA ALA B 163 40.78 15.43 -3.02
C ALA B 163 40.89 16.67 -3.89
N LEU B 164 41.01 16.48 -5.21
CA LEU B 164 41.09 17.60 -6.15
C LEU B 164 39.67 18.05 -6.55
N THR B 165 39.32 19.28 -6.16
CA THR B 165 38.01 19.87 -6.42
C THR B 165 38.11 21.27 -7.02
N SER B 166 39.12 22.04 -6.61
CA SER B 166 39.27 23.40 -7.10
C SER B 166 39.80 23.42 -8.54
N GLY B 167 39.03 24.03 -9.43
CA GLY B 167 39.37 24.14 -10.84
C GLY B 167 38.75 23.07 -11.73
N VAL B 168 37.97 22.14 -11.15
CA VAL B 168 37.33 21.08 -11.91
C VAL B 168 36.02 21.52 -12.57
N HIS B 169 35.95 21.33 -13.89
CA HIS B 169 34.78 21.62 -14.70
C HIS B 169 34.33 20.31 -15.33
N THR B 170 33.37 19.62 -14.71
CA THR B 170 32.84 18.38 -15.29
C THR B 170 31.71 18.82 -16.20
N PHE B 171 31.84 18.54 -17.50
CA PHE B 171 30.89 18.95 -18.52
C PHE B 171 29.68 18.03 -18.64
N PRO B 172 28.50 18.56 -19.00
CA PRO B 172 27.33 17.69 -19.16
C PRO B 172 27.48 16.83 -20.39
N ALA B 173 26.98 15.60 -20.32
CA ALA B 173 27.08 14.66 -21.43
C ALA B 173 26.28 15.11 -22.62
N VAL B 174 26.89 15.07 -23.80
CA VAL B 174 26.19 15.42 -25.02
C VAL B 174 25.87 14.12 -25.76
N LEU B 175 24.58 13.92 -26.10
CA LEU B 175 24.17 12.68 -26.76
C LEU B 175 24.51 12.67 -28.24
N GLN B 176 25.37 11.72 -28.63
CA GLN B 176 25.87 11.53 -30.00
C GLN B 176 24.81 11.07 -31.00
N SER B 177 25.15 11.11 -32.30
CA SER B 177 24.32 10.60 -33.37
C SER B 177 24.19 9.05 -33.27
N SER B 178 25.21 8.38 -32.67
CA SER B 178 25.26 6.93 -32.45
C SER B 178 24.19 6.48 -31.45
N GLY B 179 23.97 7.28 -30.43
CA GLY B 179 23.01 6.96 -29.39
C GLY B 179 23.67 6.69 -28.05
N LEU B 180 24.88 7.22 -27.85
CA LEU B 180 25.64 7.04 -26.62
C LEU B 180 26.19 8.39 -26.20
N TYR B 181 26.11 8.70 -24.92
CA TYR B 181 26.59 9.95 -24.35
C TYR B 181 28.13 10.08 -24.36
N SER B 182 28.65 11.31 -24.19
CA SER B 182 30.11 11.54 -24.22
C SER B 182 30.49 12.82 -23.49
N LEU B 183 30.91 12.72 -22.23
CA LEU B 183 31.30 13.90 -21.46
C LEU B 183 32.84 14.10 -21.35
N SER B 184 33.27 15.25 -20.80
CA SER B 184 34.67 15.58 -20.58
C SER B 184 34.80 16.22 -19.18
N SER B 185 35.82 15.87 -18.39
CA SER B 185 35.97 16.45 -17.05
C SER B 185 37.32 17.10 -16.90
N VAL B 186 37.43 18.35 -17.31
CA VAL B 186 38.69 19.08 -17.25
C VAL B 186 38.93 19.69 -15.86
N VAL B 187 40.21 19.97 -15.52
CA VAL B 187 40.65 20.58 -14.26
C VAL B 187 41.95 21.36 -14.51
N THR B 188 42.07 22.57 -13.94
CA THR B 188 43.26 23.39 -14.16
C THR B 188 44.25 23.37 -13.00
N VAL B 189 45.49 22.97 -13.28
CA VAL B 189 46.58 22.92 -12.31
C VAL B 189 47.79 23.78 -12.78
N PRO B 190 48.67 24.24 -11.87
CA PRO B 190 49.81 25.07 -12.32
C PRO B 190 50.86 24.26 -13.06
N SER B 191 51.68 24.95 -13.87
CA SER B 191 52.76 24.27 -14.58
C SER B 191 53.90 23.74 -13.64
N SER B 192 53.83 24.06 -12.34
CA SER B 192 54.80 23.63 -11.32
C SER B 192 54.52 22.21 -10.83
N SER B 193 53.28 21.93 -10.34
CA SER B 193 52.93 20.58 -9.89
C SER B 193 52.44 19.68 -11.03
N LEU B 194 52.88 19.97 -12.26
CA LEU B 194 52.57 19.23 -13.48
C LEU B 194 53.31 17.88 -13.42
N GLY B 195 54.59 17.92 -13.06
CA GLY B 195 55.42 16.72 -12.94
C GLY B 195 55.67 16.27 -11.51
N THR B 196 55.28 17.09 -10.52
CA THR B 196 55.47 16.72 -9.11
C THR B 196 54.23 16.02 -8.54
N GLN B 197 53.03 16.36 -9.05
CA GLN B 197 51.80 15.77 -8.53
C GLN B 197 51.14 14.77 -9.46
N THR B 198 50.56 13.73 -8.85
CA THR B 198 49.86 12.64 -9.51
C THR B 198 48.41 13.02 -9.77
N TYR B 199 47.88 12.72 -10.96
CA TYR B 199 46.49 13.07 -11.29
C TYR B 199 45.70 11.90 -11.85
N ILE B 200 44.65 11.47 -11.12
CA ILE B 200 43.82 10.35 -11.55
C ILE B 200 42.36 10.74 -11.56
N CYS B 201 41.64 10.42 -12.64
CA CYS B 201 40.20 10.66 -12.68
C CYS B 201 39.46 9.35 -12.31
N ASN B 202 38.41 9.45 -11.51
CA ASN B 202 37.67 8.29 -11.06
C ASN B 202 36.28 8.28 -11.69
N VAL B 203 36.18 7.68 -12.87
CA VAL B 203 34.93 7.57 -13.62
C VAL B 203 34.04 6.49 -12.96
N ASN B 204 32.71 6.65 -13.04
CA ASN B 204 31.79 5.69 -12.45
C ASN B 204 30.44 5.59 -13.17
N HIS B 205 30.33 4.67 -14.15
CA HIS B 205 29.07 4.41 -14.84
C HIS B 205 28.40 3.32 -14.05
N LYS B 206 27.44 3.73 -13.23
CA LYS B 206 26.70 2.83 -12.34
C LYS B 206 25.77 1.84 -13.08
N PRO B 207 25.05 2.21 -14.18
CA PRO B 207 24.20 1.20 -14.85
C PRO B 207 24.93 0.01 -15.47
N SER B 208 26.24 0.18 -15.72
CA SER B 208 27.07 -0.90 -16.27
C SER B 208 28.22 -1.30 -15.32
N ASN B 209 28.14 -0.89 -14.04
CA ASN B 209 29.08 -1.19 -12.96
C ASN B 209 30.54 -0.90 -13.27
N THR B 210 30.81 0.06 -14.16
CA THR B 210 32.17 0.43 -14.51
C THR B 210 32.76 1.40 -13.47
N LYS B 211 34.07 1.31 -13.19
CA LYS B 211 34.74 2.18 -12.23
C LYS B 211 36.20 2.39 -12.66
N VAL B 212 36.41 3.26 -13.64
CA VAL B 212 37.73 3.56 -14.22
C VAL B 212 38.57 4.51 -13.34
N ASP B 213 39.89 4.26 -13.25
CA ASP B 213 40.84 5.07 -12.51
C ASP B 213 42.01 5.44 -13.42
N LYS B 214 41.73 6.23 -14.47
CA LYS B 214 42.71 6.66 -15.47
C LYS B 214 43.81 7.59 -14.93
N LYS B 215 45.05 7.32 -15.29
CA LYS B 215 46.18 8.15 -14.91
C LYS B 215 46.54 9.06 -16.10
N VAL B 216 46.12 10.33 -16.05
CA VAL B 216 46.42 11.26 -17.14
C VAL B 216 47.83 11.79 -17.01
N GLU B 217 48.65 11.60 -18.07
CA GLU B 217 50.04 12.02 -18.08
C GLU B 217 50.31 13.07 -19.15
N PRO B 218 51.22 14.03 -18.88
CA PRO B 218 51.51 15.06 -19.88
C PRO B 218 52.25 14.55 -21.13
N ASP C 1 -4.51 21.64 -7.99
CA ASP C 1 -5.74 22.12 -7.35
C ASP C 1 -5.62 23.62 -7.03
N ILE C 2 -4.44 24.03 -6.55
CA ILE C 2 -4.15 25.44 -6.29
C ILE C 2 -2.97 25.80 -7.17
N GLN C 3 -3.19 26.65 -8.19
CA GLN C 3 -2.14 26.99 -9.13
C GLN C 3 -1.07 27.88 -8.54
N MET C 4 0.19 27.51 -8.73
CA MET C 4 1.31 28.28 -8.19
C MET C 4 2.04 29.05 -9.27
N THR C 5 1.66 30.31 -9.49
CA THR C 5 2.31 31.13 -10.49
C THR C 5 3.54 31.79 -9.91
N GLN C 6 4.70 31.19 -10.14
CA GLN C 6 5.95 31.73 -9.63
C GLN C 6 6.69 32.50 -10.72
N SER C 7 7.07 33.76 -10.44
CA SER C 7 7.73 34.63 -11.42
C SER C 7 8.93 35.38 -10.83
N PRO C 8 9.95 35.75 -11.64
CA PRO C 8 10.11 35.51 -13.09
C PRO C 8 10.58 34.08 -13.43
N SER C 9 10.78 33.77 -14.72
CA SER C 9 11.32 32.47 -15.11
C SER C 9 12.84 32.55 -15.05
N SER C 10 13.42 33.62 -15.59
CA SER C 10 14.86 33.81 -15.55
C SER C 10 15.20 35.13 -14.87
N LEU C 11 16.46 35.24 -14.40
CA LEU C 11 16.90 36.44 -13.70
C LEU C 11 18.41 36.63 -13.81
N SER C 12 18.83 37.70 -14.50
CA SER C 12 20.23 37.98 -14.68
C SER C 12 20.69 39.16 -13.85
N ALA C 13 20.74 38.97 -12.53
CA ALA C 13 21.15 40.03 -11.61
C ALA C 13 22.59 39.87 -11.17
N SER C 14 23.32 40.99 -10.96
CA SER C 14 24.73 40.97 -10.58
C SER C 14 25.01 40.62 -9.08
N VAL C 15 26.27 40.37 -8.72
CA VAL C 15 26.72 40.04 -7.35
C VAL C 15 26.59 41.25 -6.40
N GLY C 16 26.28 40.99 -5.13
CA GLY C 16 26.12 42.05 -4.14
C GLY C 16 24.88 42.87 -4.39
N ASP C 17 23.84 42.21 -4.95
CA ASP C 17 22.54 42.74 -5.34
C ASP C 17 21.45 42.12 -4.46
N ARG C 18 20.20 42.60 -4.59
CA ARG C 18 19.07 42.02 -3.88
C ARG C 18 18.16 41.32 -4.91
N VAL C 19 17.78 40.05 -4.68
CA VAL C 19 16.93 39.34 -5.62
C VAL C 19 15.60 38.95 -4.97
N THR C 20 14.51 39.21 -5.68
CA THR C 20 13.17 39.02 -5.17
C THR C 20 12.34 38.09 -6.08
N ILE C 21 12.19 36.83 -5.68
CA ILE C 21 11.35 35.88 -6.39
C ILE C 21 9.94 35.91 -5.77
N THR C 22 8.88 35.75 -6.57
CA THR C 22 7.51 35.80 -6.05
C THR C 22 6.70 34.56 -6.41
N CYS C 23 5.84 34.11 -5.50
CA CYS C 23 4.99 32.92 -5.72
C CYS C 23 3.54 33.32 -5.46
N GLN C 24 2.65 33.00 -6.40
CA GLN C 24 1.23 33.35 -6.27
C GLN C 24 0.32 32.11 -6.11
N ALA C 25 -0.95 32.31 -5.71
CA ALA C 25 -1.85 31.18 -5.48
C ALA C 25 -3.28 31.44 -5.92
N SER C 26 -3.88 30.48 -6.65
CA SER C 26 -5.27 30.58 -7.13
C SER C 26 -6.31 30.64 -6.00
N GLN C 27 -5.93 30.21 -4.80
CA GLN C 27 -6.80 30.20 -3.63
C GLN C 27 -6.02 30.69 -2.38
N ASP C 28 -6.63 30.60 -1.18
CA ASP C 28 -5.94 31.05 0.03
C ASP C 28 -5.12 29.95 0.67
N ILE C 29 -3.82 30.19 0.79
CA ILE C 29 -2.91 29.28 1.47
C ILE C 29 -2.43 30.10 2.65
N ARG C 30 -2.66 29.63 3.88
CA ARG C 30 -2.33 30.44 5.06
C ARG C 30 -0.82 30.71 5.22
N ASP C 31 -0.09 29.67 5.57
CA ASP C 31 1.32 29.74 5.83
C ASP C 31 2.04 28.53 5.23
N SER C 32 1.43 27.78 4.28
CA SER C 32 2.05 26.58 3.73
C SER C 32 2.83 26.82 2.42
N LEU C 33 3.96 27.53 2.50
CA LEU C 33 4.78 27.78 1.33
C LEU C 33 6.21 27.37 1.59
N ASN C 34 6.74 26.43 0.81
CA ASN C 34 8.11 25.98 1.00
C ASN C 34 8.97 26.39 -0.20
N TRP C 35 10.12 27.03 0.05
CA TRP C 35 11.04 27.49 -1.02
C TRP C 35 12.27 26.59 -1.09
N TYR C 36 12.64 26.14 -2.29
CA TYR C 36 13.79 25.24 -2.45
C TYR C 36 14.83 25.80 -3.40
N GLN C 37 16.09 25.35 -3.25
CA GLN C 37 17.19 25.71 -4.15
C GLN C 37 17.66 24.45 -4.84
N HIS C 38 17.21 24.22 -6.08
CA HIS C 38 17.63 23.03 -6.81
C HIS C 38 18.90 23.30 -7.61
N LYS C 39 20.02 22.76 -7.15
CA LYS C 39 21.31 22.91 -7.82
C LYS C 39 21.46 21.79 -8.89
N PRO C 40 22.18 22.02 -10.00
CA PRO C 40 22.31 20.96 -11.02
C PRO C 40 23.03 19.74 -10.47
N GLY C 41 22.47 18.56 -10.76
CA GLY C 41 22.99 17.28 -10.29
C GLY C 41 22.51 16.98 -8.88
N LYS C 42 22.74 17.95 -7.98
CA LYS C 42 22.35 17.90 -6.59
C LYS C 42 20.82 17.86 -6.42
N ALA C 43 20.34 17.14 -5.41
CA ALA C 43 18.92 17.09 -5.11
C ALA C 43 18.48 18.44 -4.53
N PRO C 44 17.21 18.82 -4.69
CA PRO C 44 16.74 20.11 -4.14
C PRO C 44 16.89 20.23 -2.63
N ASN C 45 17.41 21.38 -2.19
CA ASN C 45 17.63 21.68 -0.78
C ASN C 45 16.52 22.60 -0.28
N LEU C 46 15.92 22.29 0.88
CA LEU C 46 14.84 23.13 1.41
C LEU C 46 15.42 24.33 2.12
N LEU C 47 15.09 25.53 1.65
CA LEU C 47 15.59 26.74 2.29
C LEU C 47 14.57 27.35 3.27
N ILE C 48 13.37 27.74 2.79
CA ILE C 48 12.37 28.34 3.67
C ILE C 48 11.19 27.40 3.86
N SER C 49 10.85 27.15 5.11
CA SER C 49 9.75 26.28 5.46
C SER C 49 8.65 27.08 6.10
N ASP C 50 7.41 26.80 5.71
CA ASP C 50 6.23 27.48 6.22
C ASP C 50 6.33 29.02 6.07
N ALA C 51 6.48 29.47 4.81
CA ALA C 51 6.52 30.83 4.28
C ALA C 51 7.63 31.75 4.78
N SER C 52 8.16 31.58 6.01
CA SER C 52 9.16 32.50 6.54
C SER C 52 10.29 31.90 7.34
N ASN C 53 10.16 30.66 7.80
CA ASN C 53 11.18 30.06 8.66
C ASN C 53 12.41 29.58 7.91
N LEU C 54 13.57 30.15 8.24
CA LEU C 54 14.84 29.78 7.64
C LEU C 54 15.18 28.37 8.09
N GLU C 55 15.52 27.50 7.15
CA GLU C 55 15.91 26.14 7.51
C GLU C 55 17.29 26.17 8.15
N THR C 56 17.49 25.35 9.19
CA THR C 56 18.73 25.27 9.96
C THR C 56 19.93 25.07 9.06
N GLY C 57 20.79 26.07 9.02
CA GLY C 57 21.99 26.03 8.19
C GLY C 57 21.87 26.71 6.84
N VAL C 58 20.80 27.51 6.63
CA VAL C 58 20.63 28.26 5.39
C VAL C 58 21.04 29.70 5.69
N PRO C 59 21.99 30.27 4.92
CA PRO C 59 22.44 31.66 5.19
C PRO C 59 21.33 32.68 5.42
N SER C 60 21.63 33.71 6.20
CA SER C 60 20.67 34.75 6.55
C SER C 60 20.23 35.62 5.36
N ARG C 61 21.00 35.60 4.25
CA ARG C 61 20.67 36.37 3.02
C ARG C 61 19.28 35.99 2.54
N PHE C 62 19.00 34.68 2.51
CA PHE C 62 17.73 34.09 2.12
C PHE C 62 16.69 34.42 3.19
N SER C 63 15.48 34.74 2.76
CA SER C 63 14.40 35.13 3.67
C SER C 63 13.04 35.02 2.99
N GLY C 64 12.20 34.18 3.54
CA GLY C 64 10.84 33.98 3.04
C GLY C 64 9.91 34.97 3.69
N SER C 65 8.98 35.52 2.92
CA SER C 65 8.07 36.52 3.41
C SER C 65 6.68 36.44 2.78
N GLY C 66 5.71 37.13 3.38
CA GLY C 66 4.35 37.18 2.88
C GLY C 66 3.49 35.99 3.27
N SER C 67 2.16 36.12 3.03
CA SER C 67 1.17 35.07 3.31
C SER C 67 -0.18 35.37 2.62
N GLY C 68 -0.99 34.34 2.42
CA GLY C 68 -2.27 34.47 1.76
C GLY C 68 -2.20 33.94 0.34
N THR C 69 -2.22 34.84 -0.65
CA THR C 69 -2.09 34.45 -2.05
C THR C 69 -0.75 34.86 -2.65
N HIS C 70 -0.10 35.87 -2.07
CA HIS C 70 1.18 36.36 -2.59
C HIS C 70 2.30 36.21 -1.55
N PHE C 71 3.34 35.42 -1.89
CA PHE C 71 4.49 35.17 -1.03
C PHE C 71 5.79 35.60 -1.77
N THR C 72 6.81 36.03 -1.03
CA THR C 72 8.07 36.49 -1.63
C THR C 72 9.27 35.75 -1.06
N PHE C 73 10.35 35.68 -1.82
CA PHE C 73 11.60 35.09 -1.40
C PHE C 73 12.66 36.12 -1.72
N THR C 74 13.47 36.50 -0.71
CA THR C 74 14.48 37.54 -0.90
C THR C 74 15.90 37.11 -0.59
N ILE C 75 16.82 37.34 -1.52
CA ILE C 75 18.24 37.07 -1.25
C ILE C 75 18.88 38.45 -1.12
N SER C 76 19.20 38.83 0.12
CA SER C 76 19.79 40.11 0.54
C SER C 76 21.03 40.55 -0.26
N SER C 77 21.96 39.63 -0.48
CA SER C 77 23.18 39.92 -1.24
C SER C 77 23.49 38.74 -2.13
N LEU C 78 23.47 38.91 -3.47
CA LEU C 78 23.72 37.83 -4.41
C LEU C 78 25.15 37.34 -4.30
N GLN C 79 25.30 36.04 -4.07
CA GLN C 79 26.61 35.44 -3.96
C GLN C 79 26.82 34.46 -5.09
N PRO C 80 28.06 34.34 -5.59
CA PRO C 80 28.31 33.41 -6.70
C PRO C 80 27.82 31.96 -6.46
N GLU C 81 27.69 31.52 -5.20
CA GLU C 81 27.17 30.18 -4.90
C GLU C 81 25.63 30.08 -4.93
N ASP C 82 24.94 31.20 -5.20
CA ASP C 82 23.47 31.26 -5.29
C ASP C 82 22.95 31.14 -6.71
N ILE C 83 23.77 30.63 -7.64
CA ILE C 83 23.35 30.40 -9.01
C ILE C 83 22.78 28.98 -8.99
N ALA C 84 21.45 28.85 -9.19
CA ALA C 84 20.66 27.60 -9.20
C ALA C 84 19.17 27.91 -9.57
N THR C 85 18.29 26.90 -9.74
CA THR C 85 16.87 27.16 -10.04
C THR C 85 16.10 27.09 -8.72
N TYR C 86 15.30 28.12 -8.42
CA TYR C 86 14.57 28.20 -7.15
C TYR C 86 13.08 27.96 -7.33
N TYR C 87 12.52 27.02 -6.55
CA TYR C 87 11.09 26.71 -6.66
C TYR C 87 10.34 27.07 -5.39
N CYS C 88 9.03 27.25 -5.51
CA CYS C 88 8.14 27.41 -4.37
C CYS C 88 7.20 26.18 -4.40
N GLN C 89 6.48 25.92 -3.31
CA GLN C 89 5.56 24.77 -3.26
C GLN C 89 4.55 24.96 -2.12
N HIS C 90 3.46 24.19 -2.13
CA HIS C 90 2.45 24.26 -1.08
C HIS C 90 2.06 22.85 -0.62
N TYR C 91 1.60 22.71 0.63
CA TYR C 91 1.08 21.44 1.16
C TYR C 91 -0.31 21.72 1.77
N ASP C 92 -1.28 20.81 1.58
CA ASP C 92 -2.64 21.06 2.06
C ASP C 92 -3.27 19.99 2.91
N ASN C 93 -2.51 18.93 3.24
CA ASN C 93 -2.96 17.80 4.06
C ASN C 93 -4.01 16.90 3.39
N LEU C 94 -4.49 17.30 2.20
CA LEU C 94 -5.48 16.59 1.43
C LEU C 94 -5.04 15.21 0.99
N PRO C 95 -3.80 14.99 0.48
CA PRO C 95 -2.65 15.90 0.33
C PRO C 95 -2.65 16.75 -0.94
N SER C 96 -1.83 17.81 -0.96
CA SER C 96 -1.74 18.68 -2.14
C SER C 96 -0.38 19.31 -2.23
N TYR C 97 0.58 18.67 -2.91
CA TYR C 97 1.92 19.21 -3.04
C TYR C 97 2.06 19.88 -4.41
N THR C 98 1.38 21.01 -4.61
CA THR C 98 1.48 21.76 -5.87
C THR C 98 2.84 22.46 -5.91
N PHE C 99 3.41 22.62 -7.10
CA PHE C 99 4.75 23.17 -7.25
C PHE C 99 4.82 24.47 -8.07
N GLY C 100 5.91 25.22 -7.87
CA GLY C 100 6.16 26.45 -8.59
C GLY C 100 6.86 26.20 -9.90
N GLN C 101 6.76 27.15 -10.81
CA GLN C 101 7.33 27.03 -12.15
C GLN C 101 8.87 26.98 -12.20
N GLY C 102 9.56 27.83 -11.44
CA GLY C 102 11.01 27.80 -11.40
C GLY C 102 11.79 29.01 -11.93
N THR C 103 12.44 29.74 -11.02
CA THR C 103 13.26 30.91 -11.35
C THR C 103 14.74 30.51 -11.44
N LYS C 104 15.31 30.62 -12.62
CA LYS C 104 16.70 30.30 -12.88
C LYS C 104 17.50 31.57 -12.65
N LEU C 105 18.26 31.64 -11.56
CA LEU C 105 19.04 32.82 -11.22
C LEU C 105 20.47 32.73 -11.74
N GLU C 106 20.77 33.42 -12.83
CA GLU C 106 22.12 33.42 -13.40
C GLU C 106 22.74 34.80 -13.18
N ILE C 107 23.99 34.88 -12.69
CA ILE C 107 24.62 36.18 -12.44
C ILE C 107 25.16 36.83 -13.70
N LYS C 108 24.82 38.11 -13.91
CA LYS C 108 25.38 38.87 -15.00
C LYS C 108 26.60 39.52 -14.39
N ARG C 109 27.80 39.10 -14.79
CA ARG C 109 29.03 39.64 -14.20
C ARG C 109 30.02 40.24 -15.26
N THR C 110 31.26 40.61 -14.84
CA THR C 110 32.33 41.24 -15.64
C THR C 110 32.69 40.42 -16.89
N VAL C 111 32.90 41.10 -18.04
CA VAL C 111 33.23 40.45 -19.28
C VAL C 111 34.61 39.80 -19.21
N ALA C 112 34.67 38.48 -19.35
CA ALA C 112 35.92 37.73 -19.27
C ALA C 112 36.29 37.09 -20.61
N ALA C 113 37.58 36.91 -20.86
CA ALA C 113 38.07 36.30 -22.08
C ALA C 113 38.19 34.79 -21.92
N PRO C 114 37.92 34.02 -22.98
CA PRO C 114 38.05 32.56 -22.87
C PRO C 114 39.50 32.10 -22.81
N SER C 115 39.75 30.95 -22.21
CA SER C 115 41.09 30.39 -22.12
C SER C 115 41.18 29.20 -23.10
N VAL C 116 41.22 29.52 -24.41
CA VAL C 116 41.23 28.53 -25.49
C VAL C 116 42.42 27.58 -25.41
N PHE C 117 42.11 26.29 -25.32
CA PHE C 117 43.10 25.23 -25.25
C PHE C 117 42.71 24.12 -26.25
N ILE C 118 43.68 23.52 -26.92
CA ILE C 118 43.40 22.46 -27.88
C ILE C 118 43.91 21.11 -27.37
N PHE C 119 43.09 20.06 -27.47
CA PHE C 119 43.46 18.72 -27.02
C PHE C 119 43.42 17.69 -28.14
N PRO C 120 44.56 17.09 -28.44
CA PRO C 120 44.60 16.11 -29.54
C PRO C 120 44.09 14.73 -29.13
N PRO C 121 43.65 13.90 -30.09
CA PRO C 121 43.21 12.55 -29.75
C PRO C 121 44.37 11.72 -29.19
N SER C 122 44.15 11.09 -28.04
CA SER C 122 45.19 10.29 -27.38
C SER C 122 45.58 9.07 -28.20
N ASP C 123 46.83 8.64 -28.07
CA ASP C 123 47.30 7.45 -28.80
C ASP C 123 46.57 6.17 -28.36
N GLU C 124 46.02 6.15 -27.14
CA GLU C 124 45.27 5.02 -26.62
C GLU C 124 43.97 4.87 -27.41
N GLN C 125 43.30 6.00 -27.72
CA GLN C 125 42.07 5.96 -28.50
C GLN C 125 42.31 5.79 -29.99
N LEU C 126 43.43 6.32 -30.50
CA LEU C 126 43.78 6.17 -31.90
C LEU C 126 44.01 4.69 -32.26
N LYS C 127 44.45 3.88 -31.29
CA LYS C 127 44.67 2.44 -31.37
C LYS C 127 43.34 1.71 -31.70
N SER C 128 42.20 2.27 -31.23
CA SER C 128 40.86 1.71 -31.44
C SER C 128 40.11 2.26 -32.68
N GLY C 129 40.84 2.91 -33.59
CA GLY C 129 40.27 3.44 -34.82
C GLY C 129 39.51 4.75 -34.69
N THR C 130 39.46 5.32 -33.49
CA THR C 130 38.75 6.57 -33.26
C THR C 130 39.72 7.75 -33.08
N ALA C 131 39.25 8.96 -33.39
CA ALA C 131 40.07 10.16 -33.26
C ALA C 131 39.21 11.37 -32.95
N SER C 132 38.90 11.57 -31.66
CA SER C 132 38.08 12.70 -31.24
C SER C 132 38.93 13.84 -30.70
N VAL C 133 38.89 14.98 -31.39
CA VAL C 133 39.65 16.19 -31.01
C VAL C 133 38.80 17.05 -30.04
N VAL C 134 39.43 17.79 -29.12
CA VAL C 134 38.68 18.61 -28.16
C VAL C 134 39.18 20.06 -28.13
N CYS C 135 38.28 21.04 -28.12
CA CYS C 135 38.65 22.44 -27.98
C CYS C 135 37.97 22.92 -26.72
N LEU C 136 38.75 23.40 -25.74
CA LEU C 136 38.21 23.83 -24.46
C LEU C 136 38.34 25.34 -24.26
N LEU C 137 37.25 25.98 -23.87
CA LEU C 137 37.27 27.42 -23.60
C LEU C 137 36.94 27.48 -22.13
N ASN C 138 37.83 28.03 -21.30
CA ASN C 138 37.63 28.03 -19.86
C ASN C 138 37.35 29.40 -19.27
N ASN C 139 36.51 29.44 -18.21
CA ASN C 139 36.14 30.62 -17.42
C ASN C 139 35.89 31.91 -18.25
N PHE C 140 34.93 31.87 -19.17
CA PHE C 140 34.61 33.02 -20.02
C PHE C 140 33.21 33.62 -19.73
N TYR C 141 32.94 34.86 -20.20
CA TYR C 141 31.64 35.55 -20.04
C TYR C 141 31.49 36.62 -21.13
N PRO C 142 30.37 36.72 -21.90
CA PRO C 142 29.11 35.96 -21.79
C PRO C 142 29.14 34.51 -22.28
N ARG C 143 28.15 33.69 -21.86
CA ARG C 143 28.04 32.29 -22.29
C ARG C 143 27.82 32.12 -23.82
N GLU C 144 27.70 33.24 -24.57
CA GLU C 144 27.58 33.22 -26.01
C GLU C 144 28.97 33.07 -26.59
N ALA C 145 29.23 31.98 -27.30
CA ALA C 145 30.53 31.75 -27.93
C ALA C 145 30.38 30.91 -29.20
N LYS C 146 31.22 31.18 -30.21
CA LYS C 146 31.21 30.47 -31.48
C LYS C 146 32.59 29.87 -31.75
N VAL C 147 32.65 28.56 -31.97
CA VAL C 147 33.90 27.85 -32.22
C VAL C 147 33.81 27.06 -33.53
N GLN C 148 34.72 27.34 -34.48
CA GLN C 148 34.72 26.67 -35.78
C GLN C 148 35.95 25.79 -35.96
N TRP C 149 35.79 24.58 -36.51
CA TRP C 149 36.93 23.68 -36.71
C TRP C 149 37.46 23.68 -38.13
N LYS C 150 38.68 24.19 -38.30
CA LYS C 150 39.34 24.23 -39.60
C LYS C 150 40.37 23.12 -39.78
N VAL C 151 39.96 22.04 -40.46
CA VAL C 151 40.83 20.90 -40.74
C VAL C 151 41.66 21.26 -41.99
N ASP C 152 42.95 21.62 -41.78
CA ASP C 152 43.85 22.06 -42.85
C ASP C 152 43.25 23.26 -43.60
N ASN C 153 43.01 24.37 -42.88
CA ASN C 153 42.43 25.61 -43.41
C ASN C 153 40.90 25.53 -43.68
N ALA C 154 40.43 24.39 -44.22
CA ALA C 154 39.02 24.15 -44.58
C ALA C 154 38.06 24.07 -43.39
N LEU C 155 37.03 24.92 -43.39
CA LEU C 155 36.04 24.96 -42.31
C LEU C 155 35.07 23.77 -42.29
N GLN C 156 35.45 22.69 -41.62
CA GLN C 156 34.58 21.52 -41.49
C GLN C 156 33.47 21.87 -40.52
N SER C 157 32.22 21.71 -40.94
CA SER C 157 31.09 22.17 -40.15
C SER C 157 30.15 21.08 -39.62
N GLY C 158 29.53 20.31 -40.51
CA GLY C 158 28.58 19.28 -40.09
C GLY C 158 29.17 18.18 -39.26
N ASN C 159 30.45 17.84 -39.54
CA ASN C 159 31.22 16.79 -38.88
C ASN C 159 31.36 17.04 -37.39
N SER C 160 30.68 16.19 -36.61
CA SER C 160 30.69 16.23 -35.16
C SER C 160 30.25 17.61 -34.60
N GLN C 161 31.19 18.41 -34.02
CA GLN C 161 30.91 19.72 -33.45
C GLN C 161 29.90 19.65 -32.28
N GLU C 162 30.11 18.72 -31.32
CA GLU C 162 29.23 18.65 -30.16
C GLU C 162 29.72 19.56 -29.06
N SER C 163 29.35 20.85 -29.13
CA SER C 163 29.74 21.85 -28.14
C SER C 163 29.00 21.56 -26.83
N VAL C 164 29.72 21.10 -25.82
CA VAL C 164 29.16 20.76 -24.52
C VAL C 164 28.73 22.02 -23.78
N THR C 165 27.60 21.95 -23.04
CA THR C 165 27.01 23.05 -22.25
C THR C 165 28.01 23.72 -21.29
N GLU C 166 27.70 24.93 -20.87
CA GLU C 166 28.58 25.70 -19.99
C GLU C 166 28.21 25.55 -18.51
N GLN C 167 29.08 24.90 -17.73
CA GLN C 167 28.85 24.73 -16.30
C GLN C 167 29.05 26.09 -15.62
N ASP C 168 27.98 26.71 -15.13
CA ASP C 168 28.04 28.01 -14.45
C ASP C 168 28.77 27.80 -13.13
N SER C 169 29.83 28.57 -12.84
CA SER C 169 30.65 28.32 -11.65
C SER C 169 30.47 29.34 -10.50
N LYS C 170 31.05 29.03 -9.31
CA LYS C 170 31.04 29.88 -8.11
C LYS C 170 32.12 30.97 -8.12
N ASP C 171 32.60 31.30 -9.31
CA ASP C 171 33.50 32.36 -9.75
C ASP C 171 32.71 33.30 -10.74
N SER C 172 31.47 32.91 -11.15
CA SER C 172 30.58 33.56 -12.10
C SER C 172 31.26 33.48 -13.46
N THR C 173 31.62 32.25 -13.86
CA THR C 173 32.31 31.94 -15.11
C THR C 173 31.74 30.69 -15.77
N TYR C 174 31.87 30.61 -17.10
CA TYR C 174 31.39 29.47 -17.89
C TYR C 174 32.58 28.57 -18.40
N SER C 175 32.30 27.63 -19.33
CA SER C 175 33.30 26.74 -19.95
C SER C 175 32.65 25.93 -21.09
N LEU C 176 33.29 25.83 -22.26
CA LEU C 176 32.73 25.06 -23.38
C LEU C 176 33.61 23.91 -23.81
N SER C 177 33.03 22.90 -24.47
CA SER C 177 33.80 21.75 -24.91
C SER C 177 33.38 21.28 -26.30
N SER C 178 33.83 21.97 -27.36
CA SER C 178 33.52 21.53 -28.73
C SER C 178 34.37 20.32 -29.05
N THR C 179 33.75 19.25 -29.56
CA THR C 179 34.49 18.02 -29.86
C THR C 179 34.33 17.59 -31.30
N LEU C 180 35.43 17.54 -32.06
CA LEU C 180 35.39 17.07 -33.44
C LEU C 180 35.82 15.62 -33.49
N THR C 181 34.84 14.72 -33.44
CA THR C 181 35.06 13.29 -33.47
C THR C 181 35.10 12.82 -34.92
N LEU C 182 36.09 12.00 -35.28
CA LEU C 182 36.24 11.47 -36.63
C LEU C 182 37.06 10.16 -36.68
N SER C 183 37.00 9.43 -37.80
CA SER C 183 37.75 8.19 -37.93
C SER C 183 39.24 8.49 -38.08
N LYS C 184 40.10 7.59 -37.58
CA LYS C 184 41.54 7.77 -37.70
C LYS C 184 42.01 7.74 -39.18
N ALA C 185 41.16 7.21 -40.10
CA ALA C 185 41.43 7.20 -41.54
C ALA C 185 41.44 8.64 -42.08
N ASP C 186 40.48 9.45 -41.64
CA ASP C 186 40.39 10.87 -42.02
C ASP C 186 41.29 11.76 -41.16
N TYR C 187 41.67 11.30 -39.96
CA TYR C 187 42.54 12.03 -39.04
C TYR C 187 44.00 12.00 -39.49
N GLU C 188 44.50 10.83 -39.94
CA GLU C 188 45.87 10.75 -40.43
C GLU C 188 46.04 11.43 -41.81
N LYS C 189 44.93 11.54 -42.58
CA LYS C 189 44.81 12.18 -43.88
C LYS C 189 45.26 13.65 -43.83
N HIS C 190 44.99 14.33 -42.71
CA HIS C 190 45.36 15.73 -42.53
C HIS C 190 46.37 15.92 -41.39
N LYS C 191 47.06 17.07 -41.34
CA LYS C 191 48.09 17.29 -40.31
C LYS C 191 47.80 18.45 -39.37
N VAL C 192 47.20 19.55 -39.85
CA VAL C 192 46.90 20.70 -39.01
C VAL C 192 45.40 20.83 -38.68
N TYR C 193 45.07 21.05 -37.39
CA TYR C 193 43.70 21.18 -36.92
C TYR C 193 43.62 22.36 -35.95
N ALA C 194 42.58 23.19 -36.05
CA ALA C 194 42.46 24.37 -35.19
C ALA C 194 41.01 24.74 -34.86
N CYS C 195 40.79 25.51 -33.77
CA CYS C 195 39.44 25.97 -33.43
C CYS C 195 39.35 27.49 -33.34
N GLU C 196 38.68 28.10 -34.33
CA GLU C 196 38.49 29.54 -34.43
C GLU C 196 37.43 30.00 -33.45
N VAL C 197 37.87 30.60 -32.36
CA VAL C 197 36.96 31.05 -31.30
C VAL C 197 36.64 32.52 -31.47
N THR C 198 35.34 32.86 -31.47
CA THR C 198 34.87 34.24 -31.56
C THR C 198 34.08 34.55 -30.30
N HIS C 199 34.41 35.65 -29.59
CA HIS C 199 33.73 36.00 -28.34
C HIS C 199 33.73 37.52 -28.07
N GLN C 200 32.78 38.00 -27.24
CA GLN C 200 32.67 39.42 -26.88
C GLN C 200 33.90 39.93 -26.12
N GLY C 201 34.61 39.04 -25.43
CA GLY C 201 35.83 39.39 -24.72
C GLY C 201 37.03 39.41 -25.65
N LEU C 202 37.03 38.51 -26.64
CA LEU C 202 38.10 38.42 -27.63
C LEU C 202 37.94 39.51 -28.68
N SER C 203 38.77 40.57 -28.60
CA SER C 203 38.76 41.67 -29.58
C SER C 203 39.24 41.19 -30.95
N SER C 204 40.21 40.27 -30.95
CA SER C 204 40.75 39.64 -32.15
C SER C 204 40.52 38.14 -32.00
N PRO C 205 39.54 37.56 -32.73
CA PRO C 205 39.25 36.13 -32.59
C PRO C 205 40.46 35.21 -32.64
N VAL C 206 40.81 34.61 -31.50
CA VAL C 206 41.99 33.75 -31.38
C VAL C 206 41.74 32.31 -31.87
N THR C 207 42.83 31.57 -32.16
CA THR C 207 42.77 30.19 -32.66
C THR C 207 43.95 29.37 -32.12
N LYS C 208 43.68 28.16 -31.61
CA LYS C 208 44.74 27.27 -31.13
C LYS C 208 44.82 26.08 -32.08
N SER C 209 46.03 25.75 -32.57
CA SER C 209 46.19 24.71 -33.57
C SER C 209 47.26 23.66 -33.27
N PHE C 210 47.25 22.55 -34.04
CA PHE C 210 48.24 21.47 -33.94
C PHE C 210 48.43 20.77 -35.30
N ILE D 18 -36.01 23.67 18.66
CA ILE D 18 -36.57 22.62 17.80
C ILE D 18 -37.49 23.20 16.68
N ALA D 19 -38.04 24.41 16.90
CA ALA D 19 -38.91 25.10 15.94
C ALA D 19 -38.18 25.65 14.68
N ASN D 20 -36.85 25.78 14.72
CA ASN D 20 -36.10 26.31 13.58
C ASN D 20 -35.23 25.23 12.92
N SER D 21 -35.74 23.98 12.88
CA SER D 21 -35.02 22.82 12.33
C SER D 21 -35.91 22.00 11.40
N ILE D 22 -36.89 22.62 10.75
CA ILE D 22 -37.79 21.91 9.84
C ILE D 22 -37.66 22.49 8.45
N ASP D 23 -37.54 21.64 7.42
CA ASP D 23 -37.42 22.12 6.05
C ASP D 23 -38.65 21.76 5.23
N ILE D 24 -39.17 22.72 4.47
CA ILE D 24 -40.35 22.50 3.64
C ILE D 24 -39.93 22.27 2.18
N LEU D 25 -40.52 21.26 1.53
CA LEU D 25 -40.20 20.87 0.15
C LEU D 25 -41.44 20.89 -0.75
N GLN D 26 -41.38 21.60 -1.88
CA GLN D 26 -42.48 21.65 -2.86
C GLN D 26 -41.90 21.21 -4.23
N GLU D 27 -41.54 19.92 -4.35
CA GLU D 27 -40.91 19.38 -5.57
C GLU D 27 -41.78 19.43 -6.83
N LYS D 28 -43.09 19.23 -6.67
CA LYS D 28 -44.01 19.29 -7.80
C LYS D 28 -45.01 20.43 -7.58
N GLU D 29 -45.51 21.04 -8.67
CA GLU D 29 -46.48 22.12 -8.55
C GLU D 29 -47.78 21.55 -8.00
N GLY D 30 -47.96 21.76 -6.72
CA GLY D 30 -49.07 21.22 -5.96
C GLY D 30 -48.57 20.23 -4.92
N HIS D 31 -47.41 20.54 -4.31
CA HIS D 31 -46.80 19.67 -3.31
C HIS D 31 -46.26 20.42 -2.10
N LEU D 32 -46.06 19.70 -0.99
CA LEU D 32 -45.57 20.22 0.28
C LEU D 32 -45.15 19.04 1.14
N ASP D 33 -44.00 19.16 1.80
CA ASP D 33 -43.56 18.13 2.73
C ASP D 33 -42.55 18.70 3.70
N PHE D 34 -42.77 18.45 4.98
CA PHE D 34 -41.87 18.91 6.02
C PHE D 34 -40.93 17.80 6.39
N VAL D 35 -39.68 18.15 6.67
CA VAL D 35 -38.68 17.19 7.09
C VAL D 35 -38.10 17.71 8.40
N ILE D 36 -38.30 16.95 9.48
CA ILE D 36 -37.74 17.35 10.76
C ILE D 36 -36.30 16.86 10.74
N ILE D 37 -35.39 17.79 10.47
CA ILE D 37 -33.95 17.52 10.33
C ILE D 37 -33.37 16.71 11.51
N PRO D 38 -33.60 17.05 12.79
CA PRO D 38 -33.03 16.24 13.87
C PRO D 38 -33.63 14.84 13.93
N HIS D 39 -34.94 14.72 13.66
CA HIS D 39 -35.63 13.42 13.65
C HIS D 39 -35.03 12.52 12.59
N TYR D 40 -34.85 13.05 11.37
CA TYR D 40 -34.31 12.28 10.25
C TYR D 40 -32.86 11.89 10.48
N THR D 41 -32.08 12.77 11.10
CA THR D 41 -30.68 12.47 11.39
C THR D 41 -30.61 11.36 12.44
N PHE D 42 -31.43 11.48 13.50
CA PHE D 42 -31.51 10.53 14.60
C PHE D 42 -31.95 9.13 14.16
N LEU D 43 -33.03 9.04 13.37
CA LEU D 43 -33.51 7.74 12.90
C LEU D 43 -32.52 7.06 11.95
N ASP D 44 -31.73 7.87 11.23
CA ASP D 44 -30.69 7.39 10.31
C ASP D 44 -29.48 6.91 11.11
N TYR D 45 -29.16 7.58 12.21
CA TYR D 45 -28.05 7.21 13.08
C TYR D 45 -28.23 5.80 13.62
N TYR D 46 -29.45 5.46 14.02
CA TYR D 46 -29.74 4.12 14.52
C TYR D 46 -30.02 3.09 13.43
N LYS D 47 -30.18 3.52 12.17
CA LYS D 47 -30.32 2.60 11.05
C LYS D 47 -28.93 2.01 10.80
N HIS D 48 -27.89 2.85 10.78
CA HIS D 48 -26.52 2.42 10.60
C HIS D 48 -26.03 1.60 11.80
N LEU D 49 -26.44 1.97 13.02
CA LEU D 49 -26.03 1.24 14.22
C LEU D 49 -26.56 -0.19 14.22
N SER D 50 -27.81 -0.37 13.76
CA SER D 50 -28.45 -1.67 13.70
C SER D 50 -27.74 -2.53 12.66
N TYR D 51 -27.50 -1.98 11.49
CA TYR D 51 -26.84 -2.71 10.43
C TYR D 51 -25.40 -3.11 10.81
N ASN D 52 -24.59 -2.17 11.32
CA ASN D 52 -23.22 -2.49 11.76
C ASN D 52 -23.20 -3.63 12.79
N SER D 53 -24.20 -3.64 13.70
CA SER D 53 -24.35 -4.62 14.77
C SER D 53 -24.59 -6.04 14.27
N ILE D 54 -25.45 -6.18 13.26
CA ILE D 54 -25.74 -7.48 12.69
C ILE D 54 -24.69 -7.94 11.66
N TYR D 55 -23.89 -7.01 11.11
CA TYR D 55 -22.90 -7.37 10.09
C TYR D 55 -21.49 -7.60 10.62
N HIS D 56 -21.23 -7.32 11.91
CA HIS D 56 -19.89 -7.58 12.47
C HIS D 56 -19.78 -9.08 12.67
N LYS D 57 -20.78 -9.66 13.37
CA LYS D 57 -20.82 -11.09 13.61
C LYS D 57 -21.39 -11.74 12.35
N SER D 58 -20.64 -12.65 11.74
CA SER D 58 -21.05 -13.35 10.53
C SER D 58 -22.34 -14.14 10.73
N SER D 59 -22.51 -14.72 11.92
CA SER D 59 -23.66 -15.53 12.31
C SER D 59 -24.98 -14.75 12.32
N THR D 60 -24.90 -13.46 12.71
CA THR D 60 -26.06 -12.59 12.80
C THR D 60 -26.39 -11.85 11.51
N TYR D 61 -25.93 -12.36 10.36
CA TYR D 61 -26.25 -11.73 9.07
C TYR D 61 -27.70 -11.91 8.69
N GLY D 62 -28.31 -13.04 9.07
CA GLY D 62 -29.70 -13.36 8.78
C GLY D 62 -30.71 -12.41 9.37
N LYS D 63 -30.31 -11.67 10.42
CA LYS D 63 -31.16 -10.69 11.09
C LYS D 63 -31.58 -9.54 10.17
N TYR D 64 -30.85 -9.31 9.05
CA TYR D 64 -31.13 -8.25 8.08
C TYR D 64 -32.59 -8.15 7.70
N ILE D 65 -33.26 -9.29 7.42
CA ILE D 65 -34.67 -9.31 7.03
C ILE D 65 -35.55 -8.63 8.07
N ALA D 66 -35.34 -8.95 9.36
CA ALA D 66 -36.12 -8.38 10.45
C ALA D 66 -35.83 -6.91 10.64
N VAL D 67 -34.56 -6.51 10.52
CA VAL D 67 -34.14 -5.11 10.67
C VAL D 67 -34.72 -4.27 9.55
N ASP D 68 -34.69 -4.81 8.31
CA ASP D 68 -35.24 -4.18 7.10
C ASP D 68 -36.74 -3.89 7.31
N ALA D 69 -37.51 -4.94 7.69
CA ALA D 69 -38.95 -4.87 7.93
C ALA D 69 -39.34 -4.12 9.21
N PHE D 70 -38.38 -3.86 10.11
CA PHE D 70 -38.61 -3.09 11.33
C PHE D 70 -38.45 -1.63 10.97
N ILE D 71 -37.36 -1.27 10.27
CA ILE D 71 -37.15 0.10 9.82
C ILE D 71 -38.27 0.51 8.84
N LYS D 72 -38.80 -0.44 8.05
CA LYS D 72 -39.93 -0.25 7.16
C LYS D 72 -41.14 0.26 7.97
N LYS D 73 -41.55 -0.47 9.04
CA LYS D 73 -42.68 -0.09 9.87
C LYS D 73 -42.40 1.14 10.76
N ILE D 74 -41.11 1.48 10.97
CA ILE D 74 -40.75 2.68 11.72
C ILE D 74 -40.98 3.90 10.82
N ASN D 75 -40.59 3.81 9.53
CA ASN D 75 -40.84 4.88 8.57
C ASN D 75 -42.36 4.98 8.33
N GLU D 76 -43.06 3.83 8.23
CA GLU D 76 -44.50 3.76 8.06
C GLU D 76 -45.24 4.44 9.22
N ALA D 77 -44.88 4.09 10.47
CA ALA D 77 -45.53 4.66 11.66
C ALA D 77 -45.18 6.13 11.85
N TYR D 78 -43.97 6.55 11.43
CA TYR D 78 -43.59 7.96 11.53
C TYR D 78 -44.39 8.76 10.51
N ASP D 79 -44.52 8.24 9.28
CA ASP D 79 -45.29 8.89 8.22
C ASP D 79 -46.79 8.91 8.52
N LYS D 80 -47.29 7.95 9.34
CA LYS D 80 -48.70 7.95 9.76
C LYS D 80 -48.99 9.13 10.73
N VAL D 81 -47.96 9.66 11.42
CA VAL D 81 -48.09 10.81 12.31
C VAL D 81 -48.05 12.09 11.48
N LYS D 82 -47.14 12.16 10.49
CA LYS D 82 -47.00 13.31 9.60
C LYS D 82 -48.32 13.59 8.86
N SER D 83 -49.04 12.51 8.48
CA SER D 83 -50.32 12.57 7.77
C SER D 83 -51.43 13.23 8.59
N LYS D 84 -51.28 13.34 9.91
CA LYS D 84 -52.28 14.02 10.74
C LYS D 84 -52.27 15.55 10.49
N CYS D 85 -51.13 16.10 10.02
CA CYS D 85 -51.02 17.51 9.67
C CYS D 85 -51.42 17.77 8.19
N ASN D 86 -51.61 16.71 7.38
CA ASN D 86 -51.94 16.79 5.94
C ASN D 86 -53.11 17.67 5.61
N ASP D 87 -54.16 17.66 6.42
CA ASP D 87 -55.34 18.52 6.24
C ASP D 87 -54.92 20.01 6.20
N ILE D 88 -54.07 20.40 7.15
CA ILE D 88 -53.53 21.75 7.28
C ILE D 88 -52.52 22.02 6.16
N LYS D 89 -51.69 21.01 5.85
CA LYS D 89 -50.69 21.04 4.80
C LYS D 89 -51.32 21.41 3.45
N ASN D 90 -52.39 20.71 3.06
CA ASN D 90 -53.10 20.98 1.82
C ASN D 90 -53.87 22.30 1.84
N ASP D 91 -54.25 22.77 3.03
CA ASP D 91 -54.87 24.08 3.20
C ASP D 91 -53.82 25.15 2.84
N LEU D 92 -52.56 24.94 3.25
CA LEU D 92 -51.46 25.85 2.92
C LEU D 92 -51.13 25.75 1.42
N ILE D 93 -51.10 24.52 0.84
CA ILE D 93 -50.83 24.29 -0.59
C ILE D 93 -51.79 25.07 -1.48
N ALA D 94 -53.09 25.04 -1.13
CA ALA D 94 -54.14 25.75 -1.86
C ALA D 94 -54.00 27.28 -1.81
N THR D 95 -53.33 27.80 -0.78
CA THR D 95 -53.06 29.24 -0.63
C THR D 95 -51.85 29.62 -1.48
N ILE D 96 -50.82 28.76 -1.50
CA ILE D 96 -49.62 28.95 -2.33
C ILE D 96 -50.04 28.91 -3.81
N LYS D 97 -50.92 27.97 -4.17
CA LYS D 97 -51.49 27.77 -5.49
C LYS D 97 -52.13 29.06 -5.99
N LYS D 98 -52.88 29.74 -5.13
CA LYS D 98 -53.50 31.00 -5.49
C LYS D 98 -52.45 32.11 -5.61
N LEU D 99 -51.62 32.30 -4.57
CA LEU D 99 -50.56 33.31 -4.48
C LEU D 99 -49.72 33.45 -5.73
N GLU D 100 -49.33 32.34 -6.33
CA GLU D 100 -48.49 32.33 -7.52
C GLU D 100 -49.20 32.81 -8.81
N HIS D 101 -50.51 33.12 -8.75
CA HIS D 101 -51.26 33.50 -9.94
C HIS D 101 -52.03 34.81 -9.83
N PHE D 112 -53.66 41.00 -2.20
CA PHE D 112 -52.34 40.43 -1.93
C PHE D 112 -51.92 40.57 -0.47
N LYS D 113 -52.41 41.62 0.22
CA LYS D 113 -52.09 41.80 1.63
C LYS D 113 -52.76 40.70 2.45
N LYS D 114 -54.04 40.43 2.16
CA LYS D 114 -54.79 39.34 2.81
C LYS D 114 -54.31 37.96 2.38
N MET D 115 -53.80 37.84 1.14
CA MET D 115 -53.25 36.62 0.55
C MET D 115 -51.90 36.26 1.22
N MET D 116 -51.11 37.28 1.56
CA MET D 116 -49.82 37.08 2.23
C MET D 116 -50.04 36.64 3.65
N ASP D 117 -50.96 37.29 4.37
CA ASP D 117 -51.28 36.91 5.75
C ASP D 117 -52.03 35.57 5.84
N GLU D 118 -52.71 35.17 4.75
CA GLU D 118 -53.39 33.89 4.61
C GLU D 118 -52.32 32.79 4.60
N TYR D 119 -51.20 33.02 3.89
CA TYR D 119 -50.05 32.12 3.79
C TYR D 119 -49.30 32.04 5.11
N ASN D 120 -49.03 33.20 5.75
CA ASN D 120 -48.31 33.27 7.02
C ASN D 120 -49.06 32.53 8.12
N THR D 121 -50.35 32.84 8.30
CA THR D 121 -51.18 32.21 9.32
C THR D 121 -51.33 30.70 9.11
N LYS D 122 -51.25 30.24 7.85
CA LYS D 122 -51.36 28.81 7.56
C LYS D 122 -50.02 28.10 7.70
N LYS D 123 -48.91 28.78 7.37
CA LYS D 123 -47.58 28.20 7.53
C LYS D 123 -47.25 28.07 9.01
N LYS D 124 -47.60 29.10 9.81
CA LYS D 124 -47.40 29.09 11.25
C LYS D 124 -48.33 28.08 11.95
N LYS D 125 -49.52 27.86 11.38
CA LYS D 125 -50.51 26.91 11.90
C LYS D 125 -50.02 25.48 11.66
N LEU D 126 -49.46 25.22 10.48
CA LEU D 126 -48.96 23.90 10.11
C LEU D 126 -47.75 23.52 10.96
N ILE D 127 -46.89 24.47 11.23
CA ILE D 127 -45.73 24.24 12.07
C ILE D 127 -46.17 23.93 13.51
N LYS D 128 -47.17 24.67 14.01
CA LYS D 128 -47.73 24.44 15.34
C LYS D 128 -48.32 23.03 15.45
N CYS D 129 -48.98 22.55 14.38
CA CYS D 129 -49.54 21.20 14.28
C CYS D 129 -48.44 20.17 14.53
N ILE D 130 -47.28 20.37 13.90
CA ILE D 130 -46.12 19.51 14.04
C ILE D 130 -45.58 19.54 15.46
N LYS D 131 -45.50 20.73 16.05
CA LYS D 131 -45.03 20.90 17.43
C LYS D 131 -45.96 20.22 18.45
N ASN D 132 -47.26 20.10 18.12
CA ASN D 132 -48.22 19.40 18.98
C ASN D 132 -47.98 17.88 19.01
N HIS D 133 -47.39 17.33 17.94
CA HIS D 133 -47.06 15.91 17.88
C HIS D 133 -45.62 15.63 18.29
N GLU D 134 -44.94 16.56 19.01
CA GLU D 134 -43.55 16.39 19.45
C GLU D 134 -43.30 15.03 20.12
N ASN D 135 -44.11 14.65 21.11
CA ASN D 135 -43.94 13.37 21.79
C ASN D 135 -44.45 12.17 20.97
N ASP D 136 -45.36 12.41 20.01
CA ASP D 136 -45.91 11.38 19.13
C ASP D 136 -44.88 10.89 18.10
N PHE D 137 -43.88 11.74 17.75
CA PHE D 137 -42.77 11.42 16.84
C PHE D 137 -41.61 10.85 17.65
N ASN D 138 -41.35 11.42 18.85
CA ASN D 138 -40.29 10.95 19.74
C ASN D 138 -40.56 9.55 20.32
N LYS D 139 -41.82 9.06 20.25
CA LYS D 139 -42.16 7.70 20.66
C LYS D 139 -41.61 6.74 19.62
N ILE D 140 -41.75 7.07 18.33
CA ILE D 140 -41.22 6.30 17.20
C ILE D 140 -39.68 6.36 17.23
N CYS D 141 -39.12 7.53 17.56
CA CYS D 141 -37.69 7.75 17.68
C CYS D 141 -37.11 6.92 18.82
N MET D 142 -37.73 6.95 20.00
CA MET D 142 -37.28 6.14 21.14
C MET D 142 -37.42 4.64 20.83
N ASP D 143 -38.47 4.24 20.09
CA ASP D 143 -38.67 2.85 19.68
C ASP D 143 -37.51 2.38 18.79
N MET D 144 -37.01 3.26 17.93
CA MET D 144 -35.87 3.00 17.05
C MET D 144 -34.55 2.97 17.85
N LYS D 145 -34.29 4.00 18.69
CA LYS D 145 -33.09 4.10 19.52
C LYS D 145 -32.90 2.84 20.36
N ASN D 146 -33.99 2.32 20.93
CA ASN D 146 -33.97 1.11 21.77
C ASN D 146 -33.66 -0.15 20.94
N TYR D 147 -34.17 -0.23 19.70
CA TYR D 147 -33.93 -1.39 18.84
C TYR D 147 -32.49 -1.43 18.35
N GLY D 148 -31.96 -0.28 17.97
CA GLY D 148 -30.59 -0.17 17.48
C GLY D 148 -29.57 -0.42 18.58
N THR D 149 -29.86 0.07 19.78
CA THR D 149 -28.98 -0.11 20.94
C THR D 149 -29.03 -1.56 21.44
N ASN D 150 -30.19 -2.22 21.35
CA ASN D 150 -30.38 -3.62 21.73
C ASN D 150 -29.47 -4.52 20.90
N LEU D 151 -29.34 -4.26 19.59
CA LEU D 151 -28.48 -5.05 18.70
C LEU D 151 -27.00 -4.71 18.95
N PHE D 152 -26.70 -3.42 19.16
CA PHE D 152 -25.37 -2.90 19.41
C PHE D 152 -24.77 -3.44 20.69
N GLU D 153 -25.58 -3.61 21.73
CA GLU D 153 -25.11 -4.19 23.00
C GLU D 153 -24.82 -5.69 22.89
N GLN D 154 -25.34 -6.36 21.84
CA GLN D 154 -25.12 -7.77 21.57
C GLN D 154 -23.91 -7.99 20.64
N LEU D 155 -22.95 -7.04 20.61
CA LEU D 155 -21.76 -7.14 19.77
C LEU D 155 -20.85 -8.17 20.36
N SER D 156 -20.51 -9.20 19.57
CA SER D 156 -19.67 -10.27 20.06
C SER D 156 -18.33 -10.35 19.38
N CYS D 157 -17.29 -10.26 20.18
CA CYS D 157 -15.93 -10.41 19.68
C CYS D 157 -15.37 -11.73 20.22
N TYR D 158 -14.51 -12.42 19.44
CA TYR D 158 -13.91 -13.68 19.90
C TYR D 158 -12.94 -13.33 21.02
N ASN D 159 -12.01 -12.43 20.72
CA ASN D 159 -11.07 -11.94 21.71
C ASN D 159 -11.39 -10.46 21.80
N ASN D 160 -11.87 -9.98 22.96
CA ASN D 160 -12.22 -8.57 23.10
C ASN D 160 -11.03 -7.61 22.92
N ASN D 161 -9.82 -8.13 22.69
CA ASN D 161 -8.65 -7.32 22.41
C ASN D 161 -8.44 -7.21 20.90
N PHE D 162 -8.77 -8.27 20.14
CA PHE D 162 -8.64 -8.32 18.68
C PHE D 162 -9.97 -8.53 17.95
N CYS D 163 -10.72 -7.44 17.78
CA CYS D 163 -12.00 -7.42 17.10
C CYS D 163 -11.85 -7.19 15.61
N ASN D 164 -12.77 -7.74 14.82
CA ASN D 164 -12.68 -7.61 13.38
C ASN D 164 -13.51 -6.46 12.81
N THR D 165 -13.00 -5.82 11.77
CA THR D 165 -13.65 -4.69 11.12
C THR D 165 -14.37 -5.11 9.85
N ASN D 166 -15.02 -6.27 9.88
CA ASN D 166 -15.76 -6.80 8.73
C ASN D 166 -17.12 -6.15 8.59
N GLY D 167 -17.74 -5.81 9.73
CA GLY D 167 -19.06 -5.19 9.79
C GLY D 167 -19.06 -3.81 9.18
N ILE D 168 -17.99 -3.05 9.47
CA ILE D 168 -17.75 -1.70 8.97
C ILE D 168 -17.57 -1.73 7.45
N ARG D 169 -16.87 -2.76 6.94
CA ARG D 169 -16.65 -2.92 5.50
C ARG D 169 -17.91 -3.36 4.74
N TYR D 170 -18.70 -4.37 5.22
CA TYR D 170 -19.92 -4.75 4.49
C TYR D 170 -20.95 -3.62 4.48
N HIS D 171 -21.03 -2.87 5.58
CA HIS D 171 -21.95 -1.75 5.66
C HIS D 171 -21.49 -0.59 4.79
N TYR D 172 -20.18 -0.27 4.76
CA TYR D 172 -19.70 0.82 3.91
C TYR D 172 -19.88 0.45 2.45
N ASP D 173 -19.45 -0.76 2.04
CA ASP D 173 -19.56 -1.19 0.66
C ASP D 173 -20.99 -1.21 0.13
N GLU D 174 -21.91 -1.87 0.85
CA GLU D 174 -23.27 -2.02 0.36
C GLU D 174 -24.25 -0.92 0.78
N TYR D 175 -23.90 -0.05 1.75
CA TYR D 175 -24.84 0.99 2.19
C TYR D 175 -24.32 2.44 2.10
N ILE D 176 -22.99 2.67 2.09
CA ILE D 176 -22.48 4.05 2.06
C ILE D 176 -21.71 4.44 0.77
N HIS D 177 -20.76 3.63 0.29
CA HIS D 177 -19.94 3.90 -0.88
C HIS D 177 -20.72 4.29 -2.12
N LYS D 178 -21.86 3.64 -2.35
CA LYS D 178 -22.75 3.94 -3.48
C LYS D 178 -23.16 5.42 -3.46
N LEU D 179 -23.55 5.93 -2.28
CA LEU D 179 -24.00 7.31 -2.06
C LEU D 179 -22.85 8.28 -2.25
N ILE D 180 -21.66 7.93 -1.77
CA ILE D 180 -20.49 8.78 -1.91
C ILE D 180 -20.16 8.96 -3.38
N LEU D 181 -20.13 7.87 -4.14
CA LEU D 181 -19.85 7.93 -5.57
C LEU D 181 -20.94 8.66 -6.32
N SER D 182 -22.20 8.51 -5.90
CA SER D 182 -23.33 9.20 -6.51
C SER D 182 -23.19 10.70 -6.30
N VAL D 183 -22.75 11.12 -5.11
CA VAL D 183 -22.55 12.53 -4.76
C VAL D 183 -21.34 13.12 -5.51
N LYS D 184 -20.23 12.38 -5.53
CA LYS D 184 -19.03 12.81 -6.22
C LYS D 184 -19.28 12.94 -7.73
N SER D 185 -20.22 12.14 -8.29
CA SER D 185 -20.60 12.18 -9.71
C SER D 185 -21.22 13.54 -10.07
N LYS D 186 -22.17 14.01 -9.27
CA LYS D 186 -22.80 15.32 -9.51
C LYS D 186 -21.89 16.43 -9.01
N ASN D 187 -21.96 17.60 -9.65
CA ASN D 187 -21.18 18.73 -9.18
C ASN D 187 -22.11 19.71 -8.48
N LEU D 188 -22.10 19.67 -7.14
CA LEU D 188 -22.97 20.52 -6.33
C LEU D 188 -22.52 21.97 -6.32
N ASN D 189 -21.22 22.23 -6.52
CA ASN D 189 -20.71 23.60 -6.63
C ASN D 189 -21.17 24.23 -7.96
N LYS D 190 -21.32 23.40 -9.02
CA LYS D 190 -21.84 23.82 -10.32
C LYS D 190 -23.35 24.06 -10.16
N ASP D 191 -24.06 23.11 -9.53
CA ASP D 191 -25.50 23.21 -9.26
C ASP D 191 -25.87 24.46 -8.45
N LEU D 192 -24.92 25.02 -7.68
CA LEU D 192 -25.12 26.26 -6.94
C LEU D 192 -24.87 27.43 -7.86
N SER D 193 -23.76 27.40 -8.62
CA SER D 193 -23.43 28.43 -9.59
C SER D 193 -24.49 28.60 -10.69
N ASP D 194 -25.34 27.56 -10.91
CA ASP D 194 -26.43 27.62 -11.88
C ASP D 194 -27.51 28.56 -11.30
N MET D 195 -27.88 28.32 -10.03
CA MET D 195 -28.92 29.03 -9.31
C MET D 195 -28.54 30.45 -8.91
N THR D 196 -27.23 30.75 -8.83
CA THR D 196 -26.81 32.12 -8.55
C THR D 196 -27.13 32.97 -9.78
N ASN D 197 -26.86 32.44 -10.99
CA ASN D 197 -27.12 33.09 -12.27
C ASN D 197 -28.63 33.31 -12.48
N ILE D 198 -29.46 32.34 -12.06
CA ILE D 198 -30.91 32.43 -12.17
C ILE D 198 -31.43 33.57 -11.29
N LEU D 199 -31.03 33.59 -10.02
CA LEU D 199 -31.43 34.64 -9.06
C LEU D 199 -30.85 36.01 -9.42
N GLN D 200 -29.70 36.04 -10.12
CA GLN D 200 -29.05 37.26 -10.60
C GLN D 200 -29.90 37.88 -11.71
N GLN D 201 -30.42 37.05 -12.62
CA GLN D 201 -31.22 37.52 -13.73
C GLN D 201 -32.66 37.84 -13.36
N SER D 202 -33.20 37.18 -12.34
CA SER D 202 -34.56 37.44 -11.89
C SER D 202 -34.58 38.74 -11.09
N GLU D 203 -33.57 38.97 -10.24
CA GLU D 203 -33.43 40.20 -9.44
C GLU D 203 -33.17 41.39 -10.35
N LEU D 204 -32.36 41.18 -11.40
CA LEU D 204 -32.00 42.21 -12.37
C LEU D 204 -33.21 42.67 -13.17
N LEU D 205 -34.09 41.73 -13.59
CA LEU D 205 -35.32 42.01 -14.33
C LEU D 205 -36.33 42.74 -13.44
N LEU D 206 -36.39 42.35 -12.16
CA LEU D 206 -37.26 42.91 -11.13
C LEU D 206 -36.97 44.41 -10.96
N THR D 207 -35.69 44.80 -11.00
CA THR D 207 -35.30 46.21 -10.89
C THR D 207 -35.77 47.00 -12.11
N ASN D 208 -35.61 46.43 -13.32
CA ASN D 208 -36.03 47.04 -14.60
C ASN D 208 -37.54 47.25 -14.70
N LEU D 209 -38.33 46.50 -13.92
CA LEU D 209 -39.78 46.57 -13.93
C LEU D 209 -40.26 47.78 -13.11
N ASN D 210 -40.03 48.99 -13.65
CA ASN D 210 -40.43 50.24 -13.03
C ASN D 210 -41.55 50.90 -13.81
N TYR D 216 -48.83 47.66 -10.42
CA TYR D 216 -48.58 46.37 -11.08
C TYR D 216 -48.66 45.24 -10.05
N ILE D 217 -49.72 44.43 -10.08
CA ILE D 217 -49.88 43.33 -9.11
C ILE D 217 -48.97 42.11 -9.47
N TYR D 218 -48.48 42.03 -10.71
CA TYR D 218 -47.59 40.95 -11.16
C TYR D 218 -46.27 40.97 -10.40
N ILE D 219 -45.71 42.19 -10.18
CA ILE D 219 -44.48 42.46 -9.46
C ILE D 219 -44.50 41.88 -8.04
N ASP D 220 -45.66 41.90 -7.37
CA ASP D 220 -45.80 41.38 -6.01
C ASP D 220 -45.65 39.87 -5.97
N THR D 221 -46.38 39.14 -6.84
CA THR D 221 -46.28 37.67 -6.87
C THR D 221 -44.86 37.22 -7.31
N ILE D 222 -44.20 38.00 -8.17
CA ILE D 222 -42.84 37.73 -8.64
C ILE D 222 -41.84 38.00 -7.52
N LYS D 223 -42.06 39.04 -6.72
CA LYS D 223 -41.20 39.33 -5.57
C LYS D 223 -41.35 38.28 -4.47
N PHE D 224 -42.50 37.57 -4.40
CA PHE D 224 -42.77 36.51 -3.43
C PHE D 224 -42.08 35.21 -3.86
N ILE D 225 -42.21 34.82 -5.15
CA ILE D 225 -41.56 33.60 -5.65
C ILE D 225 -40.05 33.76 -5.58
N HIS D 226 -39.53 34.93 -6.01
CA HIS D 226 -38.10 35.19 -5.95
C HIS D 226 -37.59 35.15 -4.52
N LYS D 227 -38.34 35.75 -3.57
CA LYS D 227 -37.98 35.76 -2.15
C LYS D 227 -37.93 34.35 -1.57
N GLU D 228 -38.90 33.49 -1.92
CA GLU D 228 -38.97 32.09 -1.47
C GLU D 228 -37.83 31.27 -2.06
N MET D 229 -37.43 31.55 -3.30
CA MET D 229 -36.34 30.84 -3.95
C MET D 229 -34.97 31.32 -3.47
N LYS D 230 -34.85 32.62 -3.17
CA LYS D 230 -33.62 33.24 -2.65
C LYS D 230 -33.29 32.62 -1.29
N HIS D 231 -34.32 32.36 -0.46
CA HIS D 231 -34.17 31.75 0.87
C HIS D 231 -34.34 30.19 0.85
N ILE D 232 -34.28 29.60 -0.37
CA ILE D 232 -34.24 28.17 -0.72
C ILE D 232 -32.80 27.88 -1.16
N PHE D 233 -32.20 28.79 -1.96
CA PHE D 233 -30.81 28.70 -2.38
C PHE D 233 -29.88 28.69 -1.16
N ASN D 234 -30.26 29.40 -0.08
CA ASN D 234 -29.47 29.42 1.15
C ASN D 234 -29.47 28.03 1.78
N ARG D 235 -30.62 27.35 1.77
CA ARG D 235 -30.78 26.00 2.31
C ARG D 235 -30.04 24.97 1.44
N ILE D 236 -30.02 25.17 0.11
CA ILE D 236 -29.31 24.27 -0.78
C ILE D 236 -27.81 24.44 -0.58
N GLU D 237 -27.33 25.68 -0.50
CA GLU D 237 -25.90 25.96 -0.30
C GLU D 237 -25.44 25.51 1.11
N TYR D 238 -26.33 25.60 2.12
CA TYR D 238 -26.02 25.17 3.48
C TYR D 238 -25.84 23.66 3.48
N HIS D 239 -26.84 22.90 2.99
CA HIS D 239 -26.77 21.44 2.92
C HIS D 239 -25.60 20.98 2.04
N THR D 240 -25.30 21.72 0.96
CA THR D 240 -24.20 21.41 0.06
C THR D 240 -22.86 21.46 0.79
N LYS D 241 -22.61 22.46 1.69
CA LYS D 241 -21.34 22.50 2.43
C LYS D 241 -21.19 21.25 3.30
N ILE D 242 -22.29 20.86 3.97
CA ILE D 242 -22.33 19.67 4.81
C ILE D 242 -22.00 18.43 4.00
N ILE D 243 -22.59 18.29 2.80
CA ILE D 243 -22.31 17.16 1.92
C ILE D 243 -20.84 17.10 1.52
N ASN D 244 -20.27 18.23 1.08
CA ASN D 244 -18.89 18.30 0.62
C ASN D 244 -17.89 17.98 1.72
N ASP D 245 -18.14 18.47 2.93
CA ASP D 245 -17.24 18.24 4.05
C ASP D 245 -17.42 16.86 4.65
N LYS D 246 -18.66 16.35 4.71
CA LYS D 246 -18.91 15.01 5.23
C LYS D 246 -18.39 13.96 4.26
N THR D 247 -18.45 14.21 2.94
CA THR D 247 -17.95 13.28 1.93
C THR D 247 -16.46 12.99 2.17
N LYS D 248 -15.66 14.05 2.34
CA LYS D 248 -14.23 13.96 2.57
C LYS D 248 -13.94 13.38 3.95
N ILE D 249 -14.68 13.82 4.99
CA ILE D 249 -14.45 13.34 6.34
C ILE D 249 -14.86 11.86 6.51
N ILE D 250 -15.79 11.35 5.68
CA ILE D 250 -16.16 9.94 5.73
C ILE D 250 -15.07 9.13 5.00
N GLN D 251 -14.66 9.58 3.81
CA GLN D 251 -13.61 8.91 3.06
C GLN D 251 -12.29 8.86 3.83
N ASP D 252 -12.05 9.81 4.75
CA ASP D 252 -10.84 9.83 5.55
C ASP D 252 -10.95 8.86 6.71
N LYS D 253 -12.09 8.86 7.39
CA LYS D 253 -12.33 8.01 8.56
C LYS D 253 -12.50 6.55 8.19
N ILE D 254 -13.01 6.26 7.00
CA ILE D 254 -13.21 4.87 6.58
C ILE D 254 -11.86 4.16 6.31
N LYS D 255 -10.81 4.91 5.94
CA LYS D 255 -9.49 4.33 5.77
C LYS D 255 -8.85 3.96 7.14
N LEU D 256 -9.33 4.56 8.23
CA LEU D 256 -8.79 4.33 9.57
C LEU D 256 -9.53 3.23 10.33
N ASN D 257 -10.78 2.95 9.95
CA ASN D 257 -11.60 1.98 10.64
C ASN D 257 -11.69 0.59 9.96
N ILE D 258 -11.00 0.37 8.82
CA ILE D 258 -11.08 -0.92 8.13
C ILE D 258 -9.72 -1.60 8.03
N TRP D 259 -9.73 -2.94 7.82
CA TRP D 259 -8.54 -3.79 7.73
C TRP D 259 -7.71 -3.64 8.99
N ARG D 260 -8.36 -3.68 10.15
CA ARG D 260 -7.72 -3.50 11.45
C ARG D 260 -8.23 -4.50 12.50
N THR D 261 -7.49 -4.65 13.61
CA THR D 261 -7.94 -5.49 14.73
C THR D 261 -8.11 -4.52 15.89
N PHE D 262 -9.37 -4.15 16.19
CA PHE D 262 -9.64 -3.16 17.23
C PHE D 262 -9.87 -3.72 18.63
N GLN D 263 -9.59 -2.91 19.65
CA GLN D 263 -9.90 -3.26 21.03
C GLN D 263 -11.44 -3.12 21.12
N LYS D 264 -12.16 -4.09 21.70
CA LYS D 264 -13.63 -4.06 21.78
C LYS D 264 -14.25 -2.69 22.14
N ASP D 265 -13.61 -1.92 23.03
CA ASP D 265 -14.08 -0.60 23.42
C ASP D 265 -13.92 0.39 22.25
N GLU D 266 -12.73 0.44 21.65
CA GLU D 266 -12.44 1.30 20.52
C GLU D 266 -13.25 0.94 19.27
N LEU D 267 -13.64 -0.33 19.14
CA LEU D 267 -14.44 -0.80 18.02
C LEU D 267 -15.82 -0.14 18.10
N LEU D 268 -16.47 -0.23 19.27
CA LEU D 268 -17.79 0.32 19.50
C LEU D 268 -17.79 1.82 19.32
N LYS D 269 -16.76 2.50 19.85
CA LYS D 269 -16.61 3.95 19.74
C LYS D 269 -16.49 4.40 18.30
N ARG D 270 -15.77 3.62 17.48
CA ARG D 270 -15.59 3.95 16.08
C ARG D 270 -16.84 3.64 15.24
N ILE D 271 -17.70 2.71 15.68
CA ILE D 271 -18.97 2.42 15.01
C ILE D 271 -19.88 3.61 15.25
N LEU D 272 -19.97 4.08 16.51
CA LEU D 272 -20.78 5.22 16.89
C LEU D 272 -20.28 6.52 16.22
N ASP D 273 -18.98 6.62 15.96
CA ASP D 273 -18.36 7.72 15.26
C ASP D 273 -18.82 7.69 13.80
N MET D 274 -18.67 6.51 13.14
CA MET D 274 -19.07 6.33 11.74
C MET D 274 -20.53 6.57 11.52
N SER D 275 -21.39 5.92 12.31
CA SER D 275 -22.83 6.10 12.20
C SER D 275 -23.25 7.57 12.32
N ASN D 276 -22.46 8.40 13.00
CA ASN D 276 -22.74 9.81 13.14
C ASN D 276 -22.43 10.57 11.84
N GLU D 277 -21.24 10.34 11.27
CA GLU D 277 -20.84 10.97 10.01
C GLU D 277 -21.74 10.52 8.86
N TYR D 278 -22.15 9.24 8.87
CA TYR D 278 -23.06 8.67 7.88
C TYR D 278 -24.44 9.37 8.00
N SER D 279 -25.00 9.48 9.23
CA SER D 279 -26.29 10.11 9.46
C SER D 279 -26.30 11.58 9.02
N LEU D 280 -25.23 12.32 9.35
CA LEU D 280 -25.08 13.73 9.00
C LEU D 280 -24.97 13.94 7.50
N PHE D 281 -24.31 13.02 6.81
CA PHE D 281 -24.13 13.11 5.37
C PHE D 281 -25.45 12.80 4.63
N ILE D 282 -26.08 11.65 4.94
CA ILE D 282 -27.31 11.21 4.27
C ILE D 282 -28.44 12.22 4.40
N THR D 283 -28.63 12.77 5.61
CA THR D 283 -29.67 13.77 5.86
C THR D 283 -29.53 15.00 4.97
N SER D 284 -28.30 15.51 4.85
CA SER D 284 -28.01 16.69 4.04
C SER D 284 -28.06 16.40 2.55
N ASP D 285 -27.80 15.16 2.10
CA ASP D 285 -27.94 14.84 0.66
C ASP D 285 -29.41 14.70 0.34
N HIS D 286 -30.16 13.93 1.14
CA HIS D 286 -31.59 13.70 0.97
C HIS D 286 -32.35 15.00 0.88
N LEU D 287 -31.98 15.96 1.72
CA LEU D 287 -32.63 17.26 1.72
C LEU D 287 -32.19 18.11 0.55
N ARG D 288 -30.89 18.19 0.28
CA ARG D 288 -30.34 18.96 -0.83
C ARG D 288 -30.96 18.54 -2.18
N GLN D 289 -31.23 17.24 -2.36
CA GLN D 289 -31.84 16.75 -3.59
C GLN D 289 -33.28 17.19 -3.71
N MET D 290 -34.05 17.08 -2.64
CA MET D 290 -35.44 17.55 -2.65
C MET D 290 -35.48 19.06 -2.91
N LEU D 291 -34.57 19.81 -2.24
CA LEU D 291 -34.42 21.26 -2.38
C LEU D 291 -34.06 21.67 -3.80
N TYR D 292 -33.34 20.82 -4.54
CA TYR D 292 -32.98 21.09 -5.93
C TYR D 292 -34.26 21.11 -6.76
N ASN D 293 -35.03 20.00 -6.72
CA ASN D 293 -36.29 19.85 -7.44
C ASN D 293 -37.26 20.97 -7.06
N THR D 294 -37.27 21.36 -5.77
CA THR D 294 -38.10 22.40 -5.19
C THR D 294 -37.75 23.76 -5.78
N PHE D 295 -36.45 24.02 -5.99
CA PHE D 295 -36.04 25.30 -6.55
C PHE D 295 -36.46 25.38 -7.99
N TYR D 296 -36.24 24.32 -8.77
CA TYR D 296 -36.56 24.36 -10.20
C TYR D 296 -38.06 24.24 -10.52
N SER D 297 -38.87 23.64 -9.63
CA SER D 297 -40.33 23.56 -9.85
C SER D 297 -40.94 24.97 -9.71
N LYS D 298 -40.47 25.74 -8.72
CA LYS D 298 -40.94 27.09 -8.50
C LYS D 298 -40.27 28.08 -9.45
N GLU D 299 -39.04 27.79 -9.91
CA GLU D 299 -38.40 28.61 -10.94
C GLU D 299 -39.14 28.44 -12.27
N LYS D 300 -39.71 27.24 -12.53
CA LYS D 300 -40.52 26.96 -13.70
C LYS D 300 -41.75 27.87 -13.70
N HIS D 301 -42.38 28.07 -12.53
CA HIS D 301 -43.53 28.95 -12.44
C HIS D 301 -43.15 30.44 -12.40
N LEU D 302 -41.90 30.79 -12.06
CA LEU D 302 -41.46 32.18 -12.08
C LEU D 302 -41.33 32.64 -13.53
N ASN D 303 -40.73 31.80 -14.38
CA ASN D 303 -40.59 32.11 -15.79
C ASN D 303 -41.93 32.08 -16.56
N ASN D 304 -42.99 31.48 -15.97
CA ASN D 304 -44.32 31.45 -16.55
C ASN D 304 -44.96 32.82 -16.42
N ILE D 305 -44.79 33.48 -15.25
CA ILE D 305 -45.33 34.82 -15.01
C ILE D 305 -44.64 35.85 -15.89
N PHE D 306 -43.35 35.64 -16.20
CA PHE D 306 -42.61 36.54 -17.08
C PHE D 306 -43.22 36.53 -18.47
N HIS D 307 -43.43 35.33 -19.05
CA HIS D 307 -44.06 35.18 -20.36
C HIS D 307 -45.41 35.89 -20.41
N HIS D 308 -46.19 35.75 -19.34
CA HIS D 308 -47.51 36.37 -19.26
C HIS D 308 -47.40 37.88 -19.12
N LEU D 309 -46.47 38.37 -18.27
CA LEU D 309 -46.18 39.79 -18.07
C LEU D 309 -45.97 40.50 -19.44
N ILE D 310 -45.36 39.79 -20.40
CA ILE D 310 -45.16 40.33 -21.72
C ILE D 310 -46.08 39.64 -22.74
N VAL E 2 -20.98 -10.08 -7.57
CA VAL E 2 -19.62 -9.65 -7.92
C VAL E 2 -18.82 -10.84 -8.46
N GLN E 3 -17.99 -10.62 -9.48
CA GLN E 3 -17.14 -11.69 -10.01
C GLN E 3 -15.85 -11.14 -10.62
N LEU E 4 -14.74 -11.86 -10.42
CA LEU E 4 -13.45 -11.41 -10.92
C LEU E 4 -13.08 -12.11 -12.22
N VAL E 5 -12.79 -11.32 -13.29
CA VAL E 5 -12.43 -11.85 -14.61
C VAL E 5 -10.98 -11.49 -15.01
N GLN E 6 -10.14 -12.52 -15.11
CA GLN E 6 -8.73 -12.38 -15.43
C GLN E 6 -8.44 -12.52 -16.93
N SER E 7 -7.19 -12.18 -17.35
CA SER E 7 -6.67 -12.28 -18.71
C SER E 7 -6.45 -13.75 -19.12
N GLY E 8 -6.43 -14.03 -20.42
CA GLY E 8 -6.24 -15.38 -20.95
C GLY E 8 -4.85 -15.94 -20.75
N ALA E 9 -4.66 -17.26 -20.99
CA ALA E 9 -3.34 -17.86 -20.81
C ALA E 9 -2.36 -17.26 -21.80
N GLU E 10 -1.17 -16.87 -21.30
CA GLU E 10 -0.11 -16.23 -22.07
C GLU E 10 1.21 -17.03 -22.02
N VAL E 11 2.14 -16.79 -22.96
CA VAL E 11 3.46 -17.43 -22.96
C VAL E 11 4.55 -16.37 -23.06
N LYS E 12 5.50 -16.37 -22.13
CA LYS E 12 6.60 -15.43 -22.18
C LYS E 12 7.93 -16.16 -22.22
N LYS E 13 8.94 -15.50 -22.75
CA LYS E 13 10.30 -16.05 -22.80
C LYS E 13 11.04 -15.59 -21.55
N PRO E 14 11.86 -16.44 -20.93
CA PRO E 14 12.55 -16.04 -19.69
C PRO E 14 13.23 -14.65 -19.72
N GLY E 15 13.23 -13.97 -18.56
CA GLY E 15 13.79 -12.63 -18.45
C GLY E 15 12.79 -11.51 -18.69
N SER E 16 11.69 -11.83 -19.40
CA SER E 16 10.62 -10.89 -19.71
C SER E 16 9.56 -10.82 -18.59
N SER E 17 8.62 -9.86 -18.66
CA SER E 17 7.58 -9.62 -17.65
C SER E 17 6.20 -10.07 -18.13
N VAL E 18 5.25 -10.29 -17.18
CA VAL E 18 3.86 -10.67 -17.48
C VAL E 18 2.84 -9.80 -16.69
N LYS E 19 1.79 -9.27 -17.37
CA LYS E 19 0.77 -8.39 -16.76
C LYS E 19 -0.60 -9.08 -16.79
N VAL E 20 -0.98 -9.75 -15.70
CA VAL E 20 -2.27 -10.45 -15.64
C VAL E 20 -3.38 -9.51 -15.19
N SER E 21 -4.46 -9.36 -15.98
CA SER E 21 -5.55 -8.46 -15.61
C SER E 21 -6.55 -9.10 -14.61
N CYS E 22 -7.51 -8.32 -14.10
CA CYS E 22 -8.56 -8.77 -13.17
C CYS E 22 -9.67 -7.74 -13.06
N LYS E 23 -10.71 -7.82 -13.91
CA LYS E 23 -11.80 -6.85 -13.85
C LYS E 23 -12.84 -7.22 -12.82
N VAL E 24 -13.14 -6.27 -11.93
CA VAL E 24 -14.12 -6.38 -10.86
C VAL E 24 -15.51 -6.04 -11.42
N SER E 25 -16.55 -6.86 -11.10
CA SER E 25 -17.90 -6.64 -11.64
C SER E 25 -18.80 -5.76 -10.78
N GLY E 26 -18.21 -4.80 -10.09
CA GLY E 26 -18.97 -3.89 -9.24
C GLY E 26 -19.07 -2.47 -9.75
N GLY E 27 -18.07 -2.05 -10.51
CA GLY E 27 -18.00 -0.69 -11.04
C GLY E 27 -16.78 -0.01 -10.45
N THR E 28 -16.64 -0.12 -9.11
CA THR E 28 -15.51 0.37 -8.32
C THR E 28 -15.14 -0.69 -7.27
N PHE E 29 -13.88 -0.72 -6.85
CA PHE E 29 -13.46 -1.61 -5.77
C PHE E 29 -13.75 -0.75 -4.57
N ARG E 30 -14.96 -0.87 -3.99
CA ARG E 30 -15.43 -0.03 -2.88
C ARG E 30 -14.33 0.20 -1.79
N SER E 31 -14.04 -0.85 -1.04
CA SER E 31 -12.94 -0.93 -0.08
C SER E 31 -12.34 -2.35 -0.17
N TYR E 32 -12.50 -3.02 -1.31
CA TYR E 32 -12.11 -4.40 -1.50
C TYR E 32 -10.60 -4.55 -1.48
N ALA E 33 -10.14 -5.78 -1.21
CA ALA E 33 -8.72 -6.09 -1.27
C ALA E 33 -8.59 -7.21 -2.31
N ILE E 34 -8.01 -6.88 -3.47
CA ILE E 34 -7.81 -7.87 -4.52
C ILE E 34 -6.47 -8.52 -4.27
N ASN E 35 -6.45 -9.84 -4.05
CA ASN E 35 -5.23 -10.58 -3.77
C ASN E 35 -4.83 -11.46 -4.95
N TRP E 36 -3.52 -11.71 -5.04
CA TRP E 36 -2.99 -12.56 -6.09
C TRP E 36 -2.35 -13.76 -5.43
N VAL E 37 -2.79 -14.94 -5.79
CA VAL E 37 -2.27 -16.18 -5.23
C VAL E 37 -1.93 -17.10 -6.40
N ARG E 38 -0.71 -17.68 -6.40
CA ARG E 38 -0.31 -18.57 -7.49
C ARG E 38 -0.27 -20.02 -7.07
N GLN E 39 -0.51 -20.91 -8.03
CA GLN E 39 -0.43 -22.35 -7.81
C GLN E 39 0.64 -22.83 -8.79
N ALA E 40 1.79 -23.30 -8.28
CA ALA E 40 2.86 -23.82 -9.13
C ALA E 40 2.47 -25.22 -9.76
N PRO E 41 3.32 -25.88 -10.59
CA PRO E 41 2.89 -27.16 -11.19
C PRO E 41 2.34 -28.17 -10.20
N GLY E 42 3.10 -28.48 -9.16
CA GLY E 42 2.65 -29.42 -8.13
C GLY E 42 2.31 -28.70 -6.85
N GLN E 43 3.19 -27.76 -6.46
CA GLN E 43 3.15 -26.93 -5.26
C GLN E 43 1.78 -26.36 -4.97
N GLY E 44 1.41 -26.33 -3.70
CA GLY E 44 0.12 -25.81 -3.27
C GLY E 44 -0.05 -24.34 -3.54
N LEU E 45 -1.13 -23.75 -3.03
CA LEU E 45 -1.39 -22.34 -3.20
C LEU E 45 -0.32 -21.52 -2.48
N GLU E 46 0.06 -20.40 -3.08
CA GLU E 46 1.13 -19.56 -2.58
C GLU E 46 0.69 -18.12 -2.69
N TRP E 47 0.46 -17.44 -1.55
CA TRP E 47 0.04 -16.04 -1.61
C TRP E 47 1.17 -15.20 -2.11
N MET E 48 0.85 -14.30 -3.04
CA MET E 48 1.86 -13.42 -3.62
C MET E 48 1.74 -11.98 -3.15
N GLY E 49 0.56 -11.39 -3.28
CA GLY E 49 0.35 -10.00 -2.90
C GLY E 49 -1.09 -9.59 -2.74
N ARG E 50 -1.31 -8.35 -2.32
CA ARG E 50 -2.65 -7.80 -2.11
C ARG E 50 -2.64 -6.31 -2.49
N ILE E 51 -3.74 -5.83 -3.06
CA ILE E 51 -3.86 -4.41 -3.36
C ILE E 51 -5.17 -3.93 -2.75
N ILE E 52 -5.13 -2.84 -1.97
CA ILE E 52 -6.35 -2.28 -1.39
C ILE E 52 -6.51 -0.93 -2.07
N PRO E 53 -7.30 -0.89 -3.17
CA PRO E 53 -7.41 0.36 -3.94
C PRO E 53 -7.85 1.60 -3.19
N ILE E 54 -8.73 1.46 -2.18
CA ILE E 54 -9.14 2.60 -1.37
C ILE E 54 -7.95 3.14 -0.56
N PHE E 55 -7.05 2.26 -0.12
CA PHE E 55 -5.86 2.64 0.62
C PHE E 55 -4.79 3.20 -0.31
N GLY E 56 -4.64 2.60 -1.46
CA GLY E 56 -3.63 3.01 -2.43
C GLY E 56 -2.30 2.30 -2.23
N THR E 57 -2.24 1.28 -1.35
CA THR E 57 -0.98 0.57 -1.10
C THR E 57 -1.07 -0.91 -1.40
N ALA E 58 0.03 -1.46 -1.88
CA ALA E 58 0.11 -2.88 -2.15
C ALA E 58 1.06 -3.53 -1.16
N ASN E 59 0.78 -4.78 -0.83
CA ASN E 59 1.58 -5.52 0.13
C ASN E 59 1.98 -6.84 -0.52
N TYR E 60 3.27 -7.15 -0.56
CA TYR E 60 3.73 -8.39 -1.19
C TYR E 60 4.38 -9.34 -0.20
N ALA E 61 4.45 -10.63 -0.58
CA ALA E 61 5.14 -11.61 0.23
C ALA E 61 6.64 -11.36 0.03
N GLN E 62 7.48 -11.71 1.03
CA GLN E 62 8.92 -11.46 0.96
C GLN E 62 9.57 -12.03 -0.29
N LYS E 63 9.09 -13.21 -0.73
CA LYS E 63 9.55 -13.91 -1.92
C LYS E 63 9.34 -13.07 -3.17
N PHE E 64 8.21 -12.37 -3.26
CA PHE E 64 7.85 -11.64 -4.48
C PHE E 64 8.05 -10.13 -4.42
N GLN E 65 8.68 -9.61 -3.36
CA GLN E 65 8.98 -8.18 -3.29
C GLN E 65 10.16 -7.94 -4.19
N GLY E 66 9.99 -7.07 -5.18
CA GLY E 66 11.07 -6.79 -6.13
C GLY E 66 10.74 -7.21 -7.54
N ARG E 67 10.04 -8.34 -7.71
CA ARG E 67 9.65 -8.79 -9.03
C ARG E 67 8.21 -8.42 -9.29
N VAL E 68 7.32 -8.75 -8.35
CA VAL E 68 5.90 -8.46 -8.49
C VAL E 68 5.57 -7.03 -8.13
N THR E 69 4.67 -6.43 -8.92
CA THR E 69 4.14 -5.09 -8.71
C THR E 69 2.65 -5.14 -9.03
N ILE E 70 1.80 -4.80 -8.05
CA ILE E 70 0.36 -4.81 -8.27
C ILE E 70 -0.16 -3.40 -8.46
N THR E 71 -0.88 -3.18 -9.56
CA THR E 71 -1.48 -1.90 -9.88
C THR E 71 -3.02 -2.05 -9.98
N ALA E 72 -3.77 -0.95 -9.89
CA ALA E 72 -5.23 -1.00 -9.98
C ALA E 72 -5.81 0.24 -10.64
N ASP E 73 -6.51 0.06 -11.75
CA ASP E 73 -7.11 1.17 -12.47
C ASP E 73 -8.55 1.35 -12.04
N GLU E 74 -8.85 2.42 -11.31
CA GLU E 74 -10.24 2.66 -10.87
C GLU E 74 -11.20 3.06 -12.02
N SER E 75 -10.62 3.51 -13.15
CA SER E 75 -11.33 3.90 -14.36
C SER E 75 -12.07 2.69 -14.93
N THR E 76 -11.40 1.54 -14.95
CA THR E 76 -12.00 0.31 -15.46
C THR E 76 -12.29 -0.74 -14.36
N SER E 77 -11.98 -0.44 -13.09
CA SER E 77 -12.13 -1.35 -11.94
C SER E 77 -11.36 -2.64 -12.19
N THR E 78 -10.11 -2.53 -12.70
CA THR E 78 -9.29 -3.71 -13.02
C THR E 78 -8.00 -3.68 -12.22
N ALA E 79 -7.57 -4.81 -11.67
CA ALA E 79 -6.31 -4.87 -10.93
C ALA E 79 -5.34 -5.74 -11.70
N TYR E 80 -4.10 -5.26 -11.92
CA TYR E 80 -3.09 -6.00 -12.68
C TYR E 80 -1.91 -6.45 -11.82
N MET E 81 -1.37 -7.62 -12.12
CA MET E 81 -0.20 -8.14 -11.43
C MET E 81 0.94 -8.22 -12.41
N GLU E 82 2.07 -7.56 -12.10
CA GLU E 82 3.23 -7.55 -12.98
C GLU E 82 4.39 -8.38 -12.46
N LEU E 83 4.56 -9.60 -12.99
CA LEU E 83 5.68 -10.44 -12.58
C LEU E 83 6.81 -10.27 -13.57
N SER E 84 7.83 -9.51 -13.17
CA SER E 84 8.98 -9.16 -14.02
C SER E 84 10.16 -10.12 -13.88
N SER E 85 11.01 -10.23 -14.92
CA SER E 85 12.16 -11.17 -15.01
C SER E 85 11.73 -12.60 -14.68
N LEU E 86 10.97 -13.19 -15.60
CA LEU E 86 10.45 -14.54 -15.43
C LEU E 86 11.52 -15.61 -15.52
N ARG E 87 11.28 -16.73 -14.83
CA ARG E 87 12.13 -17.92 -14.82
C ARG E 87 11.23 -19.16 -14.97
N SER E 88 11.81 -20.29 -15.39
CA SER E 88 11.12 -21.57 -15.58
C SER E 88 10.17 -21.93 -14.46
N GLU E 89 10.56 -21.64 -13.21
CA GLU E 89 9.79 -21.93 -12.00
C GLU E 89 8.44 -21.25 -12.00
N ASP E 90 8.38 -20.00 -12.47
CA ASP E 90 7.16 -19.21 -12.52
C ASP E 90 6.09 -19.74 -13.50
N THR E 91 6.38 -20.82 -14.24
CA THR E 91 5.39 -21.45 -15.13
C THR E 91 4.34 -22.06 -14.23
N ALA E 92 3.20 -21.36 -14.04
CA ALA E 92 2.16 -21.75 -13.09
C ALA E 92 0.79 -21.04 -13.39
N VAL E 93 -0.30 -21.33 -12.61
CA VAL E 93 -1.60 -20.67 -12.73
C VAL E 93 -1.64 -19.51 -11.73
N TYR E 94 -2.03 -18.31 -12.19
CA TYR E 94 -2.09 -17.12 -11.34
C TYR E 94 -3.54 -16.73 -11.07
N TYR E 95 -3.93 -16.64 -9.80
CA TYR E 95 -5.31 -16.41 -9.42
C TYR E 95 -5.60 -15.06 -8.77
N CYS E 96 -6.88 -14.65 -8.81
CA CYS E 96 -7.41 -13.43 -8.22
C CYS E 96 -8.22 -13.76 -6.98
N ALA E 97 -8.32 -12.83 -6.05
CA ALA E 97 -9.08 -13.06 -4.83
C ALA E 97 -9.66 -11.79 -4.25
N ARG E 98 -10.79 -11.89 -3.61
CA ARG E 98 -11.39 -10.76 -2.92
C ARG E 98 -11.40 -11.21 -1.49
N HIS E 99 -10.75 -10.47 -0.57
CA HIS E 99 -10.69 -10.91 0.84
C HIS E 99 -12.10 -11.14 1.48
N GLY E 100 -13.16 -10.80 0.77
CA GLY E 100 -14.52 -10.99 1.20
C GLY E 100 -14.81 -10.27 2.48
N TYR E 101 -15.55 -10.91 3.38
CA TYR E 101 -15.86 -10.26 4.64
C TYR E 101 -15.46 -11.13 5.79
N SER E 102 -15.73 -12.44 5.72
CA SER E 102 -15.40 -13.35 6.81
C SER E 102 -13.91 -13.72 6.83
N SER E 103 -13.05 -12.73 6.59
CA SER E 103 -11.60 -12.81 6.59
C SER E 103 -11.06 -14.11 5.96
N GLY E 104 -11.57 -14.38 4.77
CA GLY E 104 -11.21 -15.48 3.88
C GLY E 104 -11.05 -14.98 2.46
N LEU E 105 -11.09 -15.86 1.45
CA LEU E 105 -10.99 -15.41 0.06
C LEU E 105 -12.31 -15.66 -0.67
N ASP E 106 -13.20 -14.68 -0.59
CA ASP E 106 -14.55 -14.71 -1.16
C ASP E 106 -14.63 -15.03 -2.65
N ILE E 107 -14.16 -14.13 -3.50
CA ILE E 107 -14.33 -14.28 -4.94
C ILE E 107 -13.02 -14.57 -5.62
N TRP E 108 -12.98 -15.57 -6.50
CA TRP E 108 -11.76 -15.91 -7.22
C TRP E 108 -11.91 -15.73 -8.73
N GLY E 109 -10.81 -15.45 -9.41
CA GLY E 109 -10.80 -15.38 -10.85
C GLY E 109 -10.72 -16.77 -11.46
N GLN E 110 -10.78 -16.87 -12.80
CA GLN E 110 -10.72 -18.19 -13.46
C GLN E 110 -9.32 -18.81 -13.52
N GLY E 111 -8.29 -17.97 -13.44
CA GLY E 111 -6.91 -18.39 -13.53
C GLY E 111 -6.28 -17.96 -14.83
N THR E 112 -4.95 -17.96 -14.86
CA THR E 112 -4.22 -17.57 -16.04
C THR E 112 -3.06 -18.54 -16.15
N MET E 113 -2.98 -19.31 -17.24
CA MET E 113 -1.90 -20.27 -17.41
C MET E 113 -0.66 -19.71 -18.10
N VAL E 114 0.10 -18.86 -17.39
CA VAL E 114 1.33 -18.27 -17.92
C VAL E 114 2.47 -19.27 -17.87
N THR E 115 3.08 -19.55 -19.01
CA THR E 115 4.18 -20.49 -19.09
C THR E 115 5.47 -19.75 -19.43
N VAL E 116 6.53 -19.92 -18.63
CA VAL E 116 7.81 -19.24 -18.89
C VAL E 116 8.74 -20.13 -19.70
N SER E 117 8.64 -20.08 -21.04
CA SER E 117 9.45 -20.89 -21.96
C SER E 117 9.97 -20.06 -23.15
N SER E 118 11.12 -20.45 -23.73
CA SER E 118 11.72 -19.74 -24.85
C SER E 118 11.18 -20.20 -26.22
N ALA E 119 10.48 -21.35 -26.29
CA ALA E 119 9.89 -21.85 -27.53
C ALA E 119 8.66 -21.04 -27.97
N SER E 120 8.31 -21.08 -29.27
CA SER E 120 7.20 -20.26 -29.77
C SER E 120 5.90 -21.01 -30.02
N THR E 121 4.79 -20.25 -30.08
CA THR E 121 3.43 -20.77 -30.29
C THR E 121 3.22 -21.44 -31.63
N LYS E 122 3.07 -22.78 -31.62
CA LYS E 122 2.78 -23.56 -32.82
C LYS E 122 1.36 -24.09 -32.65
N GLY E 123 0.50 -23.81 -33.62
CA GLY E 123 -0.87 -24.28 -33.60
C GLY E 123 -0.99 -25.80 -33.56
N PRO E 124 -2.21 -26.29 -33.34
CA PRO E 124 -2.40 -27.74 -33.23
C PRO E 124 -2.78 -28.48 -34.52
N SER E 125 -2.34 -29.73 -34.60
CA SER E 125 -2.67 -30.60 -35.71
C SER E 125 -3.83 -31.47 -35.22
N VAL E 126 -4.96 -31.51 -35.94
CA VAL E 126 -6.11 -32.30 -35.50
C VAL E 126 -6.42 -33.49 -36.41
N PHE E 127 -6.22 -34.70 -35.89
CA PHE E 127 -6.50 -35.94 -36.61
C PHE E 127 -7.65 -36.65 -35.92
N PRO E 128 -8.54 -37.34 -36.66
CA PRO E 128 -9.65 -38.04 -35.99
C PRO E 128 -9.30 -39.42 -35.42
N LEU E 129 -10.14 -39.93 -34.53
CA LEU E 129 -9.96 -41.26 -33.96
C LEU E 129 -11.19 -42.07 -34.30
N ALA E 130 -11.24 -42.53 -35.56
CA ALA E 130 -12.32 -43.30 -36.16
C ALA E 130 -12.54 -44.63 -35.42
N PRO E 131 -13.80 -44.90 -35.01
CA PRO E 131 -14.06 -46.12 -34.22
C PRO E 131 -13.83 -47.46 -34.92
N SER E 132 -13.45 -48.48 -34.12
CA SER E 132 -13.17 -49.85 -34.55
C SER E 132 -14.14 -50.84 -33.90
N SER E 133 -14.92 -51.57 -34.70
CA SER E 133 -15.86 -52.55 -34.18
C SER E 133 -15.17 -53.86 -33.80
N GLY E 139 -21.80 -53.37 -27.38
CA GLY E 139 -23.00 -52.54 -27.28
C GLY E 139 -22.73 -51.06 -27.44
N THR E 140 -21.50 -50.64 -27.13
CA THR E 140 -21.11 -49.25 -27.25
C THR E 140 -19.84 -49.10 -28.12
N ALA E 141 -19.52 -47.86 -28.51
CA ALA E 141 -18.36 -47.55 -29.33
C ALA E 141 -17.83 -46.15 -29.01
N ALA E 142 -16.52 -46.05 -28.79
CA ALA E 142 -15.90 -44.76 -28.48
C ALA E 142 -15.28 -44.14 -29.73
N LEU E 143 -15.19 -42.81 -29.74
CA LEU E 143 -14.59 -42.02 -30.81
C LEU E 143 -13.96 -40.76 -30.21
N GLY E 144 -12.98 -40.18 -30.89
CA GLY E 144 -12.31 -39.00 -30.37
C GLY E 144 -11.55 -38.16 -31.36
N CYS E 145 -10.87 -37.15 -30.83
CA CYS E 145 -10.06 -36.23 -31.62
C CYS E 145 -8.66 -36.26 -31.05
N LEU E 146 -7.67 -36.29 -31.93
CA LEU E 146 -6.28 -36.27 -31.53
C LEU E 146 -5.73 -34.89 -31.85
N VAL E 147 -5.24 -34.19 -30.83
CA VAL E 147 -4.65 -32.86 -31.00
C VAL E 147 -3.19 -33.02 -30.64
N LYS E 148 -2.34 -33.16 -31.65
CA LYS E 148 -0.93 -33.40 -31.49
C LYS E 148 -0.10 -32.20 -31.95
N ASP E 149 1.15 -32.12 -31.46
CA ASP E 149 2.12 -31.11 -31.82
C ASP E 149 1.60 -29.69 -31.72
N TYR E 150 1.48 -29.19 -30.49
CA TYR E 150 1.04 -27.83 -30.23
C TYR E 150 1.79 -27.26 -29.01
N PHE E 151 1.96 -25.95 -28.98
CA PHE E 151 2.60 -25.27 -27.86
C PHE E 151 2.15 -23.81 -27.86
N PRO E 152 1.91 -23.17 -26.70
CA PRO E 152 1.95 -23.71 -25.33
C PRO E 152 0.58 -24.24 -24.84
N GLU E 153 0.47 -24.60 -23.56
CA GLU E 153 -0.80 -25.02 -22.96
C GLU E 153 -1.63 -23.76 -22.63
N PRO E 154 -2.98 -23.77 -22.76
CA PRO E 154 -3.86 -24.94 -23.00
C PRO E 154 -4.68 -24.95 -24.30
N VAL E 155 -5.34 -26.08 -24.56
CA VAL E 155 -6.25 -26.21 -25.69
C VAL E 155 -7.62 -26.57 -25.14
N THR E 156 -8.70 -25.99 -25.71
CA THR E 156 -10.05 -26.27 -25.23
C THR E 156 -10.85 -27.05 -26.28
N VAL E 157 -11.13 -28.33 -26.00
CA VAL E 157 -11.87 -29.19 -26.94
C VAL E 157 -13.29 -29.51 -26.47
N SER E 158 -14.30 -29.09 -27.25
CA SER E 158 -15.69 -29.41 -26.92
C SER E 158 -16.26 -30.41 -27.95
N TRP E 159 -17.41 -31.03 -27.66
CA TRP E 159 -18.02 -31.98 -28.59
C TRP E 159 -19.43 -31.55 -28.96
N ASN E 160 -19.71 -31.53 -30.27
CA ASN E 160 -20.96 -31.09 -30.87
C ASN E 160 -21.27 -29.64 -30.48
N SER E 161 -20.22 -28.78 -30.47
CA SER E 161 -20.26 -27.37 -30.10
C SER E 161 -20.81 -27.13 -28.68
N GLY E 162 -20.53 -28.06 -27.78
CA GLY E 162 -20.97 -27.97 -26.40
C GLY E 162 -22.04 -28.95 -25.99
N ALA E 163 -23.00 -29.22 -26.89
CA ALA E 163 -24.15 -30.11 -26.66
C ALA E 163 -23.80 -31.49 -26.10
N LEU E 164 -22.76 -32.13 -26.65
CA LEU E 164 -22.33 -33.44 -26.18
C LEU E 164 -21.35 -33.27 -25.01
N THR E 165 -21.76 -33.74 -23.82
CA THR E 165 -20.97 -33.64 -22.59
C THR E 165 -20.89 -34.96 -21.85
N SER E 166 -21.95 -35.77 -21.91
CA SER E 166 -21.97 -37.05 -21.22
C SER E 166 -21.11 -38.10 -21.93
N GLY E 167 -20.12 -38.62 -21.21
CA GLY E 167 -19.20 -39.61 -21.74
C GLY E 167 -17.88 -39.05 -22.26
N VAL E 168 -17.71 -37.71 -22.23
CA VAL E 168 -16.49 -37.07 -22.73
C VAL E 168 -15.35 -37.09 -21.70
N HIS E 169 -14.21 -37.64 -22.11
CA HIS E 169 -13.00 -37.70 -21.32
C HIS E 169 -11.93 -36.92 -22.08
N THR E 170 -11.74 -35.64 -21.75
CA THR E 170 -10.67 -34.86 -22.39
C THR E 170 -9.43 -35.11 -21.55
N PHE E 171 -8.40 -35.69 -22.16
CA PHE E 171 -7.17 -36.06 -21.48
C PHE E 171 -6.19 -34.90 -21.31
N PRO E 172 -5.41 -34.88 -20.22
CA PRO E 172 -4.41 -33.81 -20.07
C PRO E 172 -3.28 -33.98 -21.09
N ALA E 173 -2.75 -32.87 -21.58
CA ALA E 173 -1.69 -32.92 -22.57
C ALA E 173 -0.42 -33.53 -22.01
N VAL E 174 0.18 -34.47 -22.75
CA VAL E 174 1.43 -35.09 -22.35
C VAL E 174 2.54 -34.48 -23.22
N LEU E 175 3.57 -33.93 -22.58
CA LEU E 175 4.64 -33.27 -23.32
C LEU E 175 5.62 -34.26 -23.96
N GLN E 176 5.69 -34.24 -25.31
CA GLN E 176 6.51 -35.11 -26.13
C GLN E 176 8.02 -34.87 -26.00
N SER E 177 8.81 -35.81 -26.55
CA SER E 177 10.26 -35.71 -26.64
C SER E 177 10.67 -34.53 -27.58
N SER E 178 9.80 -34.19 -28.56
CA SER E 178 9.99 -33.09 -29.50
C SER E 178 9.93 -31.73 -28.81
N GLY E 179 9.03 -31.60 -27.84
CA GLY E 179 8.82 -30.38 -27.09
C GLY E 179 7.44 -29.79 -27.28
N LEU E 180 6.52 -30.54 -27.90
CA LEU E 180 5.16 -30.06 -28.14
C LEU E 180 4.14 -30.99 -27.46
N TYR E 181 3.10 -30.42 -26.84
CA TYR E 181 2.07 -31.19 -26.17
C TYR E 181 1.17 -31.96 -27.14
N SER E 182 0.50 -33.01 -26.64
CA SER E 182 -0.35 -33.85 -27.48
C SER E 182 -1.48 -34.47 -26.67
N LEU E 183 -2.67 -33.89 -26.71
CA LEU E 183 -3.80 -34.44 -25.97
C LEU E 183 -4.78 -35.24 -26.86
N SER E 184 -5.73 -35.95 -26.23
CA SER E 184 -6.76 -36.73 -26.90
C SER E 184 -8.10 -36.46 -26.18
N SER E 185 -9.20 -36.27 -26.92
CA SER E 185 -10.50 -36.01 -26.29
C SER E 185 -11.52 -37.03 -26.72
N VAL E 186 -11.55 -38.17 -26.05
CA VAL E 186 -12.45 -39.25 -26.38
C VAL E 186 -13.85 -39.05 -25.77
N VAL E 187 -14.88 -39.67 -26.36
CA VAL E 187 -16.27 -39.64 -25.92
C VAL E 187 -16.95 -40.95 -26.32
N THR E 188 -17.76 -41.54 -25.42
CA THR E 188 -18.41 -42.82 -25.71
C THR E 188 -19.88 -42.68 -26.09
N VAL E 189 -20.23 -43.18 -27.28
CA VAL E 189 -21.61 -43.17 -27.80
C VAL E 189 -22.06 -44.63 -28.13
N PRO E 190 -23.36 -44.99 -28.06
CA PRO E 190 -23.75 -46.38 -28.38
C PRO E 190 -23.64 -46.68 -29.87
N SER E 191 -23.53 -47.97 -30.22
CA SER E 191 -23.42 -48.38 -31.61
C SER E 191 -24.67 -48.06 -32.48
N SER E 192 -25.75 -47.56 -31.85
CA SER E 192 -27.00 -47.20 -32.51
C SER E 192 -26.92 -45.81 -33.14
N SER E 193 -26.54 -44.79 -32.36
CA SER E 193 -26.40 -43.42 -32.87
C SER E 193 -25.03 -43.17 -33.53
N LEU E 194 -24.37 -44.24 -34.00
CA LEU E 194 -23.08 -44.21 -34.65
C LEU E 194 -23.23 -43.61 -36.07
N GLY E 195 -24.24 -44.08 -36.79
CA GLY E 195 -24.55 -43.62 -38.14
C GLY E 195 -25.73 -42.67 -38.23
N THR E 196 -26.47 -42.50 -37.12
CA THR E 196 -27.63 -41.59 -37.11
C THR E 196 -27.24 -40.19 -36.63
N GLN E 197 -26.24 -40.09 -35.75
CA GLN E 197 -25.83 -38.79 -35.22
C GLN E 197 -24.50 -38.26 -35.74
N THR E 198 -24.43 -36.94 -35.88
CA THR E 198 -23.27 -36.20 -36.37
C THR E 198 -22.34 -35.88 -35.19
N TYR E 199 -21.01 -36.03 -35.38
CA TYR E 199 -20.05 -35.76 -34.29
C TYR E 199 -18.89 -34.87 -34.71
N ILE E 200 -18.81 -33.66 -34.10
CA ILE E 200 -17.74 -32.72 -34.42
C ILE E 200 -17.02 -32.27 -33.15
N CYS E 201 -15.68 -32.27 -33.15
CA CYS E 201 -14.93 -31.75 -32.02
C CYS E 201 -14.50 -30.30 -32.32
N ASN E 202 -14.60 -29.43 -31.33
CA ASN E 202 -14.27 -28.02 -31.50
C ASN E 202 -13.01 -27.66 -30.73
N VAL E 203 -11.87 -27.84 -31.37
CA VAL E 203 -10.57 -27.53 -30.78
C VAL E 203 -10.36 -26.01 -30.74
N ASN E 204 -9.62 -25.51 -29.73
CA ASN E 204 -9.38 -24.07 -29.61
C ASN E 204 -8.05 -23.73 -28.92
N HIS E 205 -6.99 -23.57 -29.72
CA HIS E 205 -5.68 -23.18 -29.19
C HIS E 205 -5.66 -21.67 -29.26
N LYS E 206 -5.93 -21.03 -28.12
CA LYS E 206 -6.03 -19.57 -28.02
C LYS E 206 -4.67 -18.84 -28.21
N PRO E 207 -3.50 -19.32 -27.71
CA PRO E 207 -2.25 -18.59 -28.00
C PRO E 207 -1.85 -18.54 -29.49
N SER E 208 -2.44 -19.41 -30.32
CA SER E 208 -2.17 -19.37 -31.76
C SER E 208 -3.43 -19.06 -32.60
N ASN E 209 -4.54 -18.64 -31.94
CA ASN E 209 -5.83 -18.28 -32.53
C ASN E 209 -6.46 -19.36 -33.41
N THR E 210 -6.09 -20.63 -33.19
CA THR E 210 -6.64 -21.75 -33.99
C THR E 210 -8.02 -22.15 -33.48
N LYS E 211 -8.93 -22.58 -34.37
CA LYS E 211 -10.28 -23.00 -33.99
C LYS E 211 -10.76 -24.10 -34.96
N VAL E 212 -10.28 -25.33 -34.75
CA VAL E 212 -10.62 -26.49 -35.59
C VAL E 212 -12.00 -27.08 -35.29
N ASP E 213 -12.73 -27.51 -36.34
CA ASP E 213 -14.05 -28.14 -36.23
C ASP E 213 -14.04 -29.46 -37.01
N LYS E 214 -13.24 -30.42 -36.55
CA LYS E 214 -13.08 -31.73 -37.18
C LYS E 214 -14.33 -32.62 -37.15
N LYS E 215 -14.64 -33.24 -38.28
CA LYS E 215 -15.76 -34.17 -38.38
C LYS E 215 -15.22 -35.59 -38.30
N VAL E 216 -15.35 -36.25 -37.14
CA VAL E 216 -14.86 -37.62 -36.98
C VAL E 216 -15.85 -38.60 -37.56
N GLU E 217 -15.40 -39.44 -38.49
CA GLU E 217 -16.25 -40.42 -39.17
C GLU E 217 -15.78 -41.85 -38.89
N PRO E 218 -16.72 -42.81 -38.77
CA PRO E 218 -16.31 -44.21 -38.51
C PRO E 218 -15.58 -44.90 -39.69
N LYS E 219 -15.11 -46.14 -39.48
CA LYS E 219 -14.40 -46.89 -40.52
C LYS E 219 -15.16 -48.16 -40.90
N ASP F 1 7.27 -16.20 10.06
CA ASP F 1 5.82 -16.30 9.91
C ASP F 1 5.23 -17.46 10.78
N ILE F 2 3.96 -17.83 10.55
CA ILE F 2 3.35 -18.92 11.28
C ILE F 2 3.30 -20.15 10.37
N GLN F 3 3.89 -21.27 10.80
CA GLN F 3 3.88 -22.49 10.00
C GLN F 3 2.57 -23.23 10.11
N MET F 4 2.01 -23.62 8.96
CA MET F 4 0.75 -24.33 8.94
C MET F 4 0.94 -25.80 8.59
N THR F 5 1.06 -26.67 9.61
CA THR F 5 1.24 -28.09 9.38
C THR F 5 -0.10 -28.76 9.22
N GLN F 6 -0.51 -28.96 7.98
CA GLN F 6 -1.80 -29.60 7.69
C GLN F 6 -1.60 -31.07 7.35
N SER F 7 -2.31 -31.97 8.04
CA SER F 7 -2.18 -33.43 7.85
C SER F 7 -3.52 -34.16 7.78
N PRO F 8 -3.61 -35.32 7.08
CA PRO F 8 -2.59 -36.04 6.32
C PRO F 8 -2.26 -35.42 4.95
N SER F 9 -1.34 -36.02 4.19
CA SER F 9 -1.03 -35.54 2.86
C SER F 9 -2.01 -36.20 1.88
N SER F 10 -2.25 -37.50 2.02
CA SER F 10 -3.21 -38.21 1.19
C SER F 10 -4.28 -38.85 2.05
N LEU F 11 -5.43 -39.17 1.46
CA LEU F 11 -6.55 -39.70 2.22
C LEU F 11 -7.46 -40.51 1.32
N SER F 12 -7.39 -41.86 1.37
CA SER F 12 -8.21 -42.66 0.48
C SER F 12 -9.58 -43.08 1.07
N ALA F 13 -10.29 -42.16 1.74
CA ALA F 13 -11.61 -42.48 2.32
C ALA F 13 -12.68 -42.92 1.27
N SER F 14 -13.67 -43.72 1.71
CA SER F 14 -14.73 -44.24 0.82
C SER F 14 -15.91 -43.28 0.68
N VAL F 15 -16.92 -43.63 -0.15
CA VAL F 15 -18.07 -42.75 -0.36
C VAL F 15 -19.06 -42.93 0.78
N GLY F 16 -19.49 -41.83 1.38
CA GLY F 16 -20.41 -41.85 2.52
C GLY F 16 -19.72 -41.82 3.88
N ASP F 17 -18.38 -41.91 3.88
CA ASP F 17 -17.52 -41.93 5.06
C ASP F 17 -17.26 -40.56 5.65
N ARG F 18 -16.98 -40.50 6.96
CA ARG F 18 -16.66 -39.24 7.61
C ARG F 18 -15.17 -38.96 7.46
N VAL F 19 -14.83 -37.74 7.07
CA VAL F 19 -13.45 -37.34 6.92
C VAL F 19 -13.05 -36.33 7.99
N THR F 20 -11.77 -36.34 8.35
CA THR F 20 -11.26 -35.39 9.33
C THR F 20 -9.83 -34.90 8.97
N ILE F 21 -9.75 -33.71 8.36
CA ILE F 21 -8.48 -33.08 8.04
C ILE F 21 -8.08 -32.16 9.21
N THR F 22 -6.79 -32.04 9.52
CA THR F 22 -6.34 -31.20 10.64
C THR F 22 -5.29 -30.16 10.23
N CYS F 23 -5.35 -28.95 10.81
CA CYS F 23 -4.41 -27.87 10.50
C CYS F 23 -3.78 -27.39 11.81
N GLN F 24 -2.45 -27.30 11.85
CA GLN F 24 -1.74 -26.86 13.06
C GLN F 24 -1.04 -25.50 12.87
N ALA F 25 -0.62 -24.86 13.97
CA ALA F 25 0.00 -23.54 13.88
C ALA F 25 1.17 -23.34 14.83
N SER F 26 2.30 -22.80 14.33
CA SER F 26 3.48 -22.53 15.14
C SER F 26 3.24 -21.47 16.26
N GLN F 27 2.21 -20.65 16.09
CA GLN F 27 1.84 -19.62 17.03
C GLN F 27 0.32 -19.62 17.30
N ASP F 28 -0.18 -18.65 18.09
CA ASP F 28 -1.60 -18.60 18.38
C ASP F 28 -2.38 -17.85 17.33
N ILE F 29 -3.29 -18.56 16.67
CA ILE F 29 -4.21 -18.02 15.68
C ILE F 29 -5.57 -18.09 16.38
N ARG F 30 -6.23 -16.95 16.66
CA ARG F 30 -7.50 -16.97 17.39
C ARG F 30 -8.59 -17.78 16.65
N ASP F 31 -9.08 -17.30 15.54
CA ASP F 31 -10.04 -18.01 14.71
C ASP F 31 -9.84 -17.63 13.25
N SER F 32 -8.63 -17.14 12.86
CA SER F 32 -8.30 -16.69 11.53
C SER F 32 -7.90 -17.86 10.66
N LEU F 33 -8.69 -18.93 10.66
CA LEU F 33 -8.39 -20.10 9.86
C LEU F 33 -9.44 -20.33 8.82
N ASN F 34 -9.02 -20.40 7.55
CA ASN F 34 -9.97 -20.69 6.48
C ASN F 34 -9.65 -22.04 5.84
N TRP F 35 -10.65 -22.70 5.26
CA TRP F 35 -10.46 -24.01 4.63
C TRP F 35 -11.01 -23.95 3.19
N TYR F 36 -10.20 -24.34 2.19
CA TYR F 36 -10.60 -24.25 0.79
C TYR F 36 -10.62 -25.60 0.09
N GLN F 37 -11.42 -25.71 -0.97
CA GLN F 37 -11.45 -26.92 -1.79
C GLN F 37 -10.96 -26.51 -3.16
N HIS F 38 -9.70 -26.83 -3.48
CA HIS F 38 -9.17 -26.50 -4.79
C HIS F 38 -9.37 -27.67 -5.70
N LYS F 39 -10.29 -27.53 -6.62
CA LYS F 39 -10.56 -28.56 -7.61
C LYS F 39 -9.62 -28.34 -8.80
N PRO F 40 -9.29 -29.42 -9.54
CA PRO F 40 -8.39 -29.24 -10.70
C PRO F 40 -9.03 -28.37 -11.79
N GLY F 41 -8.25 -27.42 -12.30
CA GLY F 41 -8.70 -26.47 -13.31
C GLY F 41 -9.44 -25.32 -12.68
N LYS F 42 -10.45 -25.65 -11.87
CA LYS F 42 -11.28 -24.70 -11.14
C LYS F 42 -10.48 -23.93 -10.11
N ALA F 43 -10.81 -22.66 -9.90
CA ALA F 43 -10.16 -21.83 -8.90
C ALA F 43 -10.57 -22.30 -7.50
N PRO F 44 -9.74 -22.10 -6.47
CA PRO F 44 -10.10 -22.55 -5.12
C PRO F 44 -11.38 -21.93 -4.57
N ASN F 45 -12.25 -22.77 -4.03
CA ASN F 45 -13.52 -22.34 -3.46
C ASN F 45 -13.40 -22.30 -1.94
N LEU F 46 -13.85 -21.21 -1.30
CA LEU F 46 -13.77 -21.10 0.16
C LEU F 46 -14.93 -21.83 0.81
N LEU F 47 -14.63 -22.87 1.64
CA LEU F 47 -15.66 -23.65 2.32
C LEU F 47 -15.95 -23.16 3.75
N ILE F 48 -14.92 -23.01 4.58
CA ILE F 48 -15.11 -22.55 5.95
C ILE F 48 -14.25 -21.29 6.23
N SER F 49 -14.89 -20.30 6.83
CA SER F 49 -14.23 -19.02 7.12
C SER F 49 -14.24 -18.73 8.61
N ASP F 50 -13.21 -18.06 9.10
CA ASP F 50 -13.02 -17.69 10.50
C ASP F 50 -13.20 -18.87 11.48
N ALA F 51 -12.64 -20.03 11.07
CA ALA F 51 -12.50 -21.35 11.72
C ALA F 51 -13.72 -22.24 11.67
N SER F 52 -14.94 -21.69 11.80
CA SER F 52 -16.13 -22.53 11.88
C SER F 52 -17.32 -22.12 11.02
N ASN F 53 -17.30 -20.90 10.47
CA ASN F 53 -18.45 -20.42 9.70
C ASN F 53 -18.55 -20.99 8.29
N LEU F 54 -19.64 -21.71 8.01
CA LEU F 54 -19.90 -22.28 6.71
C LEU F 54 -20.15 -21.17 5.74
N GLU F 55 -19.49 -21.21 4.59
CA GLU F 55 -19.69 -20.20 3.56
C GLU F 55 -21.05 -20.42 2.91
N THR F 56 -21.75 -19.31 2.60
CA THR F 56 -23.09 -19.33 2.00
C THR F 56 -23.08 -20.14 0.71
N GLY F 57 -23.80 -21.26 0.72
CA GLY F 57 -23.85 -22.13 -0.45
C GLY F 57 -22.89 -23.31 -0.41
N VAL F 58 -22.30 -23.59 0.75
CA VAL F 58 -21.40 -24.73 0.94
C VAL F 58 -22.15 -25.76 1.76
N PRO F 59 -22.38 -26.97 1.21
CA PRO F 59 -23.18 -27.99 1.92
C PRO F 59 -22.89 -28.17 3.40
N SER F 60 -23.91 -28.58 4.17
CA SER F 60 -23.80 -28.78 5.62
C SER F 60 -22.81 -29.87 6.04
N ARG F 61 -22.38 -30.73 5.08
CA ARG F 61 -21.41 -31.81 5.29
C ARG F 61 -20.10 -31.20 5.80
N PHE F 62 -19.67 -30.12 5.15
CA PHE F 62 -18.45 -29.41 5.50
C PHE F 62 -18.64 -28.71 6.80
N SER F 63 -17.65 -28.78 7.69
CA SER F 63 -17.74 -28.14 9.00
C SER F 63 -16.38 -27.89 9.60
N GLY F 64 -16.09 -26.63 9.84
CA GLY F 64 -14.84 -26.20 10.43
C GLY F 64 -14.97 -26.19 11.93
N SER F 65 -13.93 -26.64 12.65
CA SER F 65 -13.98 -26.72 14.10
C SER F 65 -12.62 -26.43 14.75
N GLY F 66 -12.63 -26.18 16.06
CA GLY F 66 -11.40 -25.90 16.79
C GLY F 66 -10.91 -24.46 16.70
N SER F 67 -9.94 -24.11 17.57
CA SER F 67 -9.32 -22.79 17.62
C SER F 67 -8.02 -22.79 18.46
N GLY F 68 -7.16 -21.81 18.22
CA GLY F 68 -5.87 -21.71 18.92
C GLY F 68 -4.74 -22.14 18.02
N THR F 69 -4.17 -23.33 18.29
CA THR F 69 -3.11 -23.87 17.44
C THR F 69 -3.57 -25.07 16.64
N HIS F 70 -4.63 -25.77 17.07
CA HIS F 70 -5.13 -26.95 16.39
C HIS F 70 -6.58 -26.76 15.93
N PHE F 71 -6.80 -26.84 14.61
CA PHE F 71 -8.12 -26.69 13.98
C PHE F 71 -8.45 -27.95 13.16
N THR F 72 -9.74 -28.29 13.04
CA THR F 72 -10.15 -29.48 12.30
C THR F 72 -11.18 -29.14 11.21
N PHE F 73 -11.25 -29.96 10.18
CA PHE F 73 -12.20 -29.81 9.09
C PHE F 73 -12.86 -31.16 8.93
N THR F 74 -14.20 -31.20 8.98
CA THR F 74 -14.92 -32.46 8.91
C THR F 74 -15.95 -32.55 7.77
N ILE F 75 -15.88 -33.63 6.96
CA ILE F 75 -16.85 -33.90 5.90
C ILE F 75 -17.74 -35.05 6.35
N SER F 76 -18.93 -34.71 6.87
CA SER F 76 -19.93 -35.62 7.41
C SER F 76 -20.19 -36.88 6.56
N SER F 77 -20.33 -36.72 5.24
CA SER F 77 -20.55 -37.82 4.31
C SER F 77 -19.78 -37.53 3.02
N LEU F 78 -18.89 -38.44 2.61
CA LEU F 78 -18.13 -38.20 1.40
C LEU F 78 -18.96 -38.37 0.17
N GLN F 79 -18.82 -37.41 -0.74
CA GLN F 79 -19.55 -37.44 -1.98
C GLN F 79 -18.57 -37.41 -3.16
N PRO F 80 -18.91 -38.06 -4.29
CA PRO F 80 -17.98 -38.07 -5.44
C PRO F 80 -17.64 -36.69 -6.03
N GLU F 81 -18.35 -35.65 -5.62
CA GLU F 81 -18.04 -34.29 -6.05
C GLU F 81 -17.12 -33.57 -5.03
N ASP F 82 -16.55 -34.30 -4.06
CA ASP F 82 -15.64 -33.75 -3.07
C ASP F 82 -14.18 -34.14 -3.38
N ILE F 83 -13.90 -34.84 -4.51
CA ILE F 83 -12.58 -35.31 -4.92
C ILE F 83 -11.70 -34.15 -5.39
N ALA F 84 -11.01 -33.51 -4.44
CA ALA F 84 -10.14 -32.36 -4.71
C ALA F 84 -9.03 -32.30 -3.63
N THR F 85 -8.10 -31.32 -3.66
CA THR F 85 -7.11 -31.19 -2.59
C THR F 85 -7.55 -30.01 -1.75
N TYR F 86 -7.71 -30.24 -0.45
CA TYR F 86 -8.17 -29.21 0.47
C TYR F 86 -7.02 -28.55 1.15
N TYR F 87 -7.10 -27.25 1.32
CA TYR F 87 -6.07 -26.49 2.01
C TYR F 87 -6.65 -25.76 3.21
N CYS F 88 -5.79 -25.38 4.14
CA CYS F 88 -6.14 -24.51 5.25
C CYS F 88 -5.29 -23.24 5.06
N GLN F 89 -5.60 -22.17 5.79
CA GLN F 89 -4.84 -20.92 5.64
C GLN F 89 -4.97 -20.03 6.87
N HIS F 90 -4.15 -18.97 6.96
CA HIS F 90 -4.25 -18.03 8.06
C HIS F 90 -4.16 -16.60 7.53
N TYR F 91 -4.94 -15.66 8.10
CA TYR F 91 -4.84 -14.24 7.73
C TYR F 91 -4.52 -13.43 9.01
N ASP F 92 -3.50 -12.54 8.95
CA ASP F 92 -3.13 -11.80 10.15
C ASP F 92 -3.33 -10.32 10.07
N ASN F 93 -3.90 -9.80 8.99
CA ASN F 93 -4.14 -8.37 8.88
C ASN F 93 -2.88 -7.51 8.98
N LEU F 94 -1.73 -8.12 8.66
CA LEU F 94 -0.44 -7.43 8.62
C LEU F 94 -0.12 -6.84 7.26
N PRO F 95 -0.33 -7.54 6.11
CA PRO F 95 -1.04 -8.83 5.91
C PRO F 95 -0.19 -10.07 6.08
N SER F 96 -0.85 -11.22 6.20
CA SER F 96 -0.13 -12.46 6.36
C SER F 96 -1.03 -13.58 5.93
N TYR F 97 -0.87 -14.06 4.69
CA TYR F 97 -1.69 -15.16 4.20
C TYR F 97 -0.87 -16.44 4.10
N THR F 98 -0.56 -17.05 5.24
CA THR F 98 0.19 -18.31 5.26
C THR F 98 -0.76 -19.43 4.76
N PHE F 99 -0.21 -20.52 4.23
CA PHE F 99 -1.05 -21.58 3.68
C PHE F 99 -0.74 -22.98 4.24
N GLY F 100 -1.65 -23.91 4.00
CA GLY F 100 -1.53 -25.31 4.41
C GLY F 100 -0.90 -26.15 3.32
N GLN F 101 -0.38 -27.32 3.69
CA GLN F 101 0.30 -28.21 2.77
C GLN F 101 -0.61 -28.81 1.71
N GLY F 102 -1.84 -29.08 2.09
CA GLY F 102 -2.83 -29.62 1.16
C GLY F 102 -3.05 -31.09 1.38
N THR F 103 -4.30 -31.52 1.38
CA THR F 103 -4.62 -32.92 1.56
C THR F 103 -5.35 -33.42 0.35
N LYS F 104 -4.72 -34.34 -0.37
CA LYS F 104 -5.32 -34.89 -1.57
C LYS F 104 -6.37 -35.89 -1.17
N LEU F 105 -7.65 -35.53 -1.35
CA LEU F 105 -8.73 -36.44 -1.05
C LEU F 105 -8.97 -37.26 -2.29
N GLU F 106 -8.53 -38.51 -2.25
CA GLU F 106 -8.74 -39.48 -3.31
C GLU F 106 -9.88 -40.38 -2.80
N ILE F 107 -10.92 -40.63 -3.60
CA ILE F 107 -12.05 -41.45 -3.16
C ILE F 107 -11.78 -42.95 -3.40
N LYS F 108 -12.48 -43.83 -2.64
CA LYS F 108 -12.38 -45.29 -2.80
C LYS F 108 -13.67 -45.84 -3.42
N ARG F 109 -13.54 -46.77 -4.38
CA ARG F 109 -14.71 -47.32 -5.05
C ARG F 109 -14.63 -48.82 -5.33
N THR F 110 -15.75 -49.44 -5.76
CA THR F 110 -15.77 -50.86 -6.13
C THR F 110 -14.81 -51.10 -7.30
N VAL F 111 -14.10 -52.24 -7.30
CA VAL F 111 -13.14 -52.58 -8.34
C VAL F 111 -13.82 -52.80 -9.69
N ALA F 112 -13.47 -51.96 -10.68
CA ALA F 112 -14.06 -52.03 -12.01
C ALA F 112 -13.03 -52.41 -13.08
N ALA F 113 -13.51 -53.01 -14.18
CA ALA F 113 -12.65 -53.44 -15.26
C ALA F 113 -12.47 -52.35 -16.31
N PRO F 114 -11.28 -52.27 -16.93
CA PRO F 114 -11.07 -51.25 -17.97
C PRO F 114 -11.81 -51.56 -19.27
N SER F 115 -12.11 -50.52 -20.06
CA SER F 115 -12.79 -50.69 -21.34
C SER F 115 -11.78 -50.51 -22.46
N VAL F 116 -10.87 -51.48 -22.63
CA VAL F 116 -9.78 -51.44 -23.62
C VAL F 116 -10.27 -51.29 -25.05
N PHE F 117 -9.82 -50.22 -25.71
CA PHE F 117 -10.16 -49.92 -27.09
C PHE F 117 -8.88 -49.55 -27.84
N ILE F 118 -8.76 -49.98 -29.10
CA ILE F 118 -7.57 -49.66 -29.90
C ILE F 118 -7.93 -48.73 -31.05
N PHE F 119 -7.12 -47.67 -31.25
CA PHE F 119 -7.34 -46.69 -32.29
C PHE F 119 -6.18 -46.59 -33.28
N PRO F 120 -6.44 -46.92 -34.55
CA PRO F 120 -5.35 -46.86 -35.54
C PRO F 120 -5.04 -45.46 -36.04
N PRO F 121 -3.83 -45.23 -36.57
CA PRO F 121 -3.52 -43.89 -37.12
C PRO F 121 -4.41 -43.58 -38.32
N SER F 122 -5.04 -42.41 -38.31
CA SER F 122 -5.95 -42.00 -39.39
C SER F 122 -5.22 -41.79 -40.69
N ASP F 123 -5.92 -42.03 -41.81
CA ASP F 123 -5.32 -41.84 -43.14
C ASP F 123 -4.94 -40.38 -43.42
N GLU F 124 -5.60 -39.42 -42.74
CA GLU F 124 -5.30 -38.00 -42.87
C GLU F 124 -3.90 -37.73 -42.30
N GLN F 125 -3.56 -38.35 -41.15
CA GLN F 125 -2.25 -38.17 -40.55
C GLN F 125 -1.17 -39.00 -41.23
N LEU F 126 -1.54 -40.17 -41.75
CA LEU F 126 -0.58 -41.01 -42.47
C LEU F 126 -0.06 -40.31 -43.73
N LYS F 127 -0.88 -39.43 -44.34
CA LYS F 127 -0.56 -38.61 -45.50
C LYS F 127 0.60 -37.65 -45.18
N SER F 128 0.75 -37.22 -43.91
CA SER F 128 1.81 -36.32 -43.45
C SER F 128 3.06 -37.02 -42.90
N GLY F 129 3.22 -38.31 -43.18
CA GLY F 129 4.37 -39.10 -42.76
C GLY F 129 4.38 -39.54 -41.31
N THR F 130 3.31 -39.25 -40.56
CA THR F 130 3.23 -39.63 -39.16
C THR F 130 2.26 -40.80 -38.96
N ALA F 131 2.46 -41.57 -37.88
CA ALA F 131 1.60 -42.71 -37.58
C ALA F 131 1.54 -42.94 -36.08
N SER F 132 0.66 -42.23 -35.39
CA SER F 132 0.51 -42.37 -33.94
C SER F 132 -0.68 -43.25 -33.59
N VAL F 133 -0.40 -44.39 -32.95
CA VAL F 133 -1.42 -45.36 -32.53
C VAL F 133 -1.91 -45.00 -31.10
N VAL F 134 -3.19 -45.30 -30.77
CA VAL F 134 -3.72 -44.96 -29.44
C VAL F 134 -4.39 -46.17 -28.78
N CYS F 135 -4.12 -46.39 -27.49
CA CYS F 135 -4.80 -47.45 -26.73
C CYS F 135 -5.53 -46.74 -25.59
N LEU F 136 -6.84 -46.90 -25.51
CA LEU F 136 -7.65 -46.23 -24.50
C LEU F 136 -8.26 -47.20 -23.50
N LEU F 137 -8.14 -46.89 -22.21
CA LEU F 137 -8.80 -47.65 -21.14
C LEU F 137 -9.85 -46.65 -20.68
N ASN F 138 -11.14 -46.87 -20.98
CA ASN F 138 -12.16 -45.86 -20.70
C ASN F 138 -12.51 -45.67 -19.22
N ASN F 139 -13.15 -46.66 -18.58
CA ASN F 139 -13.52 -46.52 -17.18
C ASN F 139 -13.10 -47.75 -16.41
N PHE F 140 -12.49 -47.53 -15.25
CA PHE F 140 -11.97 -48.60 -14.41
C PHE F 140 -11.58 -48.08 -13.02
N TYR F 141 -11.15 -48.98 -12.15
CA TYR F 141 -10.70 -48.72 -10.79
C TYR F 141 -9.93 -49.94 -10.27
N PRO F 142 -8.78 -49.77 -9.58
CA PRO F 142 -8.11 -48.51 -9.16
C PRO F 142 -7.27 -47.80 -10.24
N ARG F 143 -6.52 -46.74 -9.87
CA ARG F 143 -5.70 -45.99 -10.82
C ARG F 143 -4.35 -46.66 -11.11
N GLU F 144 -4.27 -47.98 -10.99
CA GLU F 144 -3.04 -48.71 -11.23
C GLU F 144 -3.18 -49.60 -12.46
N ALA F 145 -2.62 -49.17 -13.60
CA ALA F 145 -2.73 -49.95 -14.83
C ALA F 145 -1.42 -50.01 -15.61
N LYS F 146 -1.16 -51.14 -16.28
CA LYS F 146 0.03 -51.35 -17.10
C LYS F 146 -0.36 -51.74 -18.52
N VAL F 147 0.10 -50.99 -19.51
CA VAL F 147 -0.21 -51.23 -20.92
C VAL F 147 1.08 -51.38 -21.73
N GLN F 148 1.26 -52.52 -22.40
CA GLN F 148 2.46 -52.78 -23.21
C GLN F 148 2.13 -52.87 -24.69
N TRP F 149 2.98 -52.28 -25.55
CA TRP F 149 2.74 -52.31 -26.99
C TRP F 149 3.56 -53.37 -27.72
N LYS F 150 2.87 -54.38 -28.25
CA LYS F 150 3.52 -55.45 -29.00
C LYS F 150 3.38 -55.28 -30.52
N VAL F 151 4.42 -54.72 -31.15
CA VAL F 151 4.44 -54.52 -32.60
C VAL F 151 4.88 -55.84 -33.23
N ASP F 152 3.93 -56.60 -33.80
CA ASP F 152 4.15 -57.93 -34.39
C ASP F 152 4.72 -58.86 -33.33
N ASN F 153 3.96 -59.01 -32.22
CA ASN F 153 4.25 -59.75 -30.98
C ASN F 153 5.74 -59.68 -30.58
N ALA F 154 6.28 -58.46 -30.57
CA ALA F 154 7.62 -58.08 -30.16
C ALA F 154 7.39 -56.85 -29.28
N LEU F 155 7.60 -56.98 -27.97
CA LEU F 155 7.29 -55.93 -27.00
C LEU F 155 8.15 -54.67 -27.12
N GLN F 156 7.69 -53.72 -27.94
CA GLN F 156 8.39 -52.45 -28.11
C GLN F 156 8.16 -51.64 -26.84
N SER F 157 9.25 -51.13 -26.21
CA SER F 157 9.17 -50.43 -24.92
C SER F 157 9.54 -48.93 -24.92
N GLY F 158 10.75 -48.58 -25.37
CA GLY F 158 11.20 -47.19 -25.34
C GLY F 158 10.81 -46.38 -26.57
N ASN F 159 9.57 -46.56 -27.02
CA ASN F 159 9.04 -45.90 -28.22
C ASN F 159 8.03 -44.82 -27.84
N SER F 160 8.43 -43.96 -26.89
CA SER F 160 7.66 -42.85 -26.31
C SER F 160 6.18 -43.18 -26.14
N GLN F 161 5.89 -44.29 -25.42
CA GLN F 161 4.53 -44.76 -25.11
C GLN F 161 4.00 -43.83 -24.03
N GLU F 162 3.58 -42.64 -24.45
CA GLU F 162 3.15 -41.57 -23.57
C GLU F 162 1.79 -41.81 -22.99
N SER F 163 1.73 -42.54 -21.88
CA SER F 163 0.49 -42.83 -21.19
C SER F 163 -0.06 -41.55 -20.56
N VAL F 164 -1.15 -41.02 -21.12
CA VAL F 164 -1.76 -39.79 -20.64
C VAL F 164 -2.39 -40.00 -19.28
N THR F 165 -2.31 -38.96 -18.40
CA THR F 165 -2.83 -38.92 -17.02
C THR F 165 -4.31 -39.36 -16.93
N GLU F 166 -4.70 -39.80 -15.74
CA GLU F 166 -6.03 -40.31 -15.48
C GLU F 166 -6.98 -39.26 -14.91
N GLN F 167 -7.99 -38.88 -15.68
CA GLN F 167 -9.00 -37.93 -15.25
C GLN F 167 -9.93 -38.61 -14.23
N ASP F 168 -10.10 -38.06 -13.00
CA ASP F 168 -11.08 -38.64 -12.05
C ASP F 168 -12.44 -37.93 -12.23
N SER F 169 -13.59 -38.61 -12.00
CA SER F 169 -14.89 -37.95 -12.21
C SER F 169 -15.92 -38.14 -11.04
N LYS F 170 -17.18 -37.68 -11.22
CA LYS F 170 -18.26 -37.77 -10.24
C LYS F 170 -18.94 -39.14 -10.18
N ASP F 171 -18.15 -40.18 -10.33
CA ASP F 171 -18.47 -41.62 -10.21
C ASP F 171 -17.25 -42.46 -9.73
N SER F 172 -16.06 -41.79 -9.61
CA SER F 172 -14.78 -42.26 -9.11
C SER F 172 -14.04 -43.24 -10.00
N THR F 173 -14.21 -43.15 -11.32
CA THR F 173 -13.50 -44.03 -12.26
C THR F 173 -12.38 -43.31 -13.01
N TYR F 174 -11.31 -44.04 -13.39
CA TYR F 174 -10.15 -43.46 -14.09
C TYR F 174 -10.11 -43.77 -15.61
N SER F 175 -9.16 -43.16 -16.34
CA SER F 175 -9.01 -43.31 -17.80
C SER F 175 -7.56 -43.11 -18.25
N LEU F 176 -7.05 -43.94 -19.19
CA LEU F 176 -5.67 -43.79 -19.66
C LEU F 176 -5.58 -43.71 -21.18
N SER F 177 -4.50 -43.09 -21.68
CA SER F 177 -4.31 -42.94 -23.11
C SER F 177 -2.87 -43.20 -23.55
N SER F 178 -2.46 -44.47 -23.65
CA SER F 178 -1.10 -44.79 -24.10
C SER F 178 -1.03 -44.55 -25.60
N THR F 179 -0.01 -43.81 -26.05
CA THR F 179 0.12 -43.50 -27.47
C THR F 179 1.47 -43.92 -28.05
N LEU F 180 1.45 -44.84 -29.02
CA LEU F 180 2.67 -45.27 -29.68
C LEU F 180 2.83 -44.52 -30.99
N THR F 181 3.56 -43.40 -30.93
CA THR F 181 3.82 -42.55 -32.09
C THR F 181 5.06 -43.05 -32.82
N LEU F 182 4.98 -43.16 -34.15
CA LEU F 182 6.10 -43.62 -34.98
C LEU F 182 5.99 -43.13 -36.44
N SER F 183 7.09 -43.23 -37.21
CA SER F 183 7.08 -42.83 -38.60
C SER F 183 6.28 -43.84 -39.44
N LYS F 184 5.62 -43.36 -40.51
CA LYS F 184 4.86 -44.25 -41.38
C LYS F 184 5.79 -45.28 -42.10
N ALA F 185 7.11 -45.01 -42.15
CA ALA F 185 8.11 -45.93 -42.71
C ALA F 185 8.18 -47.20 -41.86
N ASP F 186 8.18 -47.05 -40.52
CA ASP F 186 8.18 -48.18 -39.59
C ASP F 186 6.78 -48.75 -39.36
N TYR F 187 5.72 -47.96 -39.62
CA TYR F 187 4.34 -48.37 -39.45
C TYR F 187 3.88 -49.31 -40.57
N GLU F 188 4.24 -49.01 -41.84
CA GLU F 188 3.89 -49.89 -42.94
C GLU F 188 4.73 -51.18 -42.94
N LYS F 189 5.92 -51.15 -42.31
CA LYS F 189 6.88 -52.24 -42.14
C LYS F 189 6.22 -53.43 -41.40
N HIS F 190 5.33 -53.14 -40.46
CA HIS F 190 4.64 -54.18 -39.68
C HIS F 190 3.13 -54.17 -39.94
N LYS F 191 2.43 -55.26 -39.60
CA LYS F 191 0.98 -55.35 -39.87
C LYS F 191 0.11 -55.46 -38.63
N VAL F 192 0.55 -56.18 -37.60
CA VAL F 192 -0.25 -56.36 -36.38
C VAL F 192 0.30 -55.53 -35.20
N TYR F 193 -0.60 -54.81 -34.50
CA TYR F 193 -0.26 -53.97 -33.36
C TYR F 193 -1.28 -54.19 -32.25
N ALA F 194 -0.82 -54.32 -31.00
CA ALA F 194 -1.74 -54.57 -29.88
C ALA F 194 -1.28 -53.95 -28.56
N CYS F 195 -2.22 -53.77 -27.60
CA CYS F 195 -1.85 -53.26 -26.29
C CYS F 195 -2.25 -54.22 -25.15
N GLU F 196 -1.25 -54.86 -24.54
CA GLU F 196 -1.43 -55.81 -23.44
C GLU F 196 -1.73 -55.08 -22.16
N VAL F 197 -3.00 -55.09 -21.76
CA VAL F 197 -3.44 -54.39 -20.57
C VAL F 197 -3.51 -55.33 -19.38
N THR F 198 -2.89 -54.95 -18.27
CA THR F 198 -2.89 -55.73 -17.04
C THR F 198 -3.52 -54.88 -15.95
N HIS F 199 -4.55 -55.40 -15.25
CA HIS F 199 -5.25 -54.65 -14.20
C HIS F 199 -5.82 -55.55 -13.10
N GLN F 200 -6.05 -55.00 -11.90
CA GLN F 200 -6.62 -55.75 -10.77
C GLN F 200 -8.04 -56.26 -11.04
N GLY F 201 -8.77 -55.59 -11.93
CA GLY F 201 -10.10 -56.00 -12.33
C GLY F 201 -10.05 -57.07 -13.40
N LEU F 202 -9.05 -57.00 -14.29
CA LEU F 202 -8.85 -57.97 -15.35
C LEU F 202 -8.23 -59.25 -14.80
N SER F 203 -9.05 -60.31 -14.66
CA SER F 203 -8.61 -61.64 -14.18
C SER F 203 -7.65 -62.28 -15.20
N SER F 204 -7.93 -62.08 -16.49
CA SER F 204 -7.10 -62.58 -17.57
C SER F 204 -6.70 -61.35 -18.37
N PRO F 205 -5.41 -60.91 -18.28
CA PRO F 205 -4.99 -59.69 -19.01
C PRO F 205 -5.38 -59.66 -20.48
N VAL F 206 -6.33 -58.78 -20.83
CA VAL F 206 -6.85 -58.69 -22.19
C VAL F 206 -5.98 -57.84 -23.11
N THR F 207 -6.14 -58.03 -24.44
CA THR F 207 -5.38 -57.32 -25.46
C THR F 207 -6.26 -57.01 -26.68
N LYS F 208 -6.21 -55.77 -27.18
CA LYS F 208 -6.96 -55.38 -28.37
C LYS F 208 -5.95 -55.15 -29.50
N SER F 209 -6.17 -55.77 -30.66
CA SER F 209 -5.20 -55.69 -31.75
C SER F 209 -5.78 -55.30 -33.12
N PHE F 210 -4.90 -54.94 -34.07
CA PHE F 210 -5.32 -54.57 -35.43
C PHE F 210 -4.27 -54.99 -36.49
N ASN F 211 -4.73 -55.36 -37.69
CA ASN F 211 -3.84 -55.73 -38.79
C ASN F 211 -3.96 -54.74 -39.96
N ARG F 212 -3.10 -53.70 -39.99
CA ARG F 212 -3.04 -52.70 -41.06
C ARG F 212 -1.68 -52.01 -41.12
#